data_9UU2
# 
_entry.id   9UU2 
# 
_audit_conform.dict_name       mmcif_pdbx.dic 
_audit_conform.dict_version    5.406 
_audit_conform.dict_location   http://mmcif.pdb.org/dictionaries/ascii/mmcif_pdbx.dic 
# 
loop_
_database_2.database_id 
_database_2.database_code 
_database_2.pdbx_database_accession 
_database_2.pdbx_DOI 
PDB   9UU2         pdb_00009uu2 10.2210/pdb9uu2/pdb 
WWPDB D_1300059159 ?            ?                   
# 
loop_
_pdbx_audit_revision_history.ordinal 
_pdbx_audit_revision_history.data_content_type 
_pdbx_audit_revision_history.major_revision 
_pdbx_audit_revision_history.minor_revision 
_pdbx_audit_revision_history.revision_date 
_pdbx_audit_revision_history.part_number 
1 'Structure model' 1 0 2025-10-01 ? 
2 'Structure model' 1 1 2025-10-22 ? 
# 
_pdbx_audit_revision_details.ordinal             1 
_pdbx_audit_revision_details.revision_ordinal    1 
_pdbx_audit_revision_details.data_content_type   'Structure model' 
_pdbx_audit_revision_details.provider            repository 
_pdbx_audit_revision_details.type                'Initial release' 
_pdbx_audit_revision_details.description         ? 
_pdbx_audit_revision_details.details             ? 
# 
_pdbx_audit_revision_group.ordinal             1 
_pdbx_audit_revision_group.revision_ordinal    2 
_pdbx_audit_revision_group.data_content_type   'Structure model' 
_pdbx_audit_revision_group.group               'Database references' 
# 
loop_
_pdbx_audit_revision_category.ordinal 
_pdbx_audit_revision_category.revision_ordinal 
_pdbx_audit_revision_category.data_content_type 
_pdbx_audit_revision_category.category 
1 2 'Structure model' citation        
2 2 'Structure model' citation_author 
# 
loop_
_pdbx_audit_revision_item.ordinal 
_pdbx_audit_revision_item.revision_ordinal 
_pdbx_audit_revision_item.data_content_type 
_pdbx_audit_revision_item.item 
1 2 'Structure model' '_citation.journal_volume'          
2 2 'Structure model' '_citation.pdbx_database_id_PubMed' 
3 2 'Structure model' '_citation.title'                   
# 
_pdbx_database_status.status_code                     REL 
_pdbx_database_status.status_code_sf                  REL 
_pdbx_database_status.status_code_mr                  ? 
_pdbx_database_status.entry_id                        9UU2 
_pdbx_database_status.recvd_initial_deposition_date   2025-05-05 
_pdbx_database_status.SG_entry                        N 
_pdbx_database_status.deposit_site                    PDBJ 
_pdbx_database_status.process_site                    PDBC 
_pdbx_database_status.status_code_cs                  ? 
_pdbx_database_status.status_code_nmr_data            ? 
_pdbx_database_status.methods_development_category    ? 
_pdbx_database_status.pdb_format_compatible           Y 
# 
_pdbx_contact_author.id                 3 
_pdbx_contact_author.email              xgao@email.sdu.edu.cn 
_pdbx_contact_author.name_first         Gao 
_pdbx_contact_author.name_last          Xiang 
_pdbx_contact_author.name_mi            ? 
_pdbx_contact_author.role               'principal investigator/group leader' 
_pdbx_contact_author.identifier_ORCID   0000-0001-6397-5639 
# 
loop_
_audit_author.name 
_audit_author.pdbx_ordinal 
_audit_author.identifier_ORCID 
'He, J.'  1 ? 
'Gao, X.' 2 ? 
# 
_citation.abstract                  ? 
_citation.abstract_id_CAS           ? 
_citation.book_id_ISBN              ? 
_citation.book_publisher            ? 
_citation.book_publisher_city       ? 
_citation.book_title                ? 
_citation.coordinate_linkage        ? 
_citation.country                   US 
_citation.database_id_Medline       ? 
_citation.details                   ? 
_citation.id                        primary 
_citation.journal_abbrev            Proc.Natl.Acad.Sci.USA 
_citation.journal_id_ASTM           PNASA6 
_citation.journal_id_CSD            0040 
_citation.journal_id_ISSN           1091-6490 
_citation.journal_full              ? 
_citation.journal_issue             ? 
_citation.journal_volume            122 
_citation.language                  ? 
_citation.page_first                ? 
_citation.page_last                 ? 
_citation.title                     
'A nonenzymatic effector disrupts Bacteroides cell wall homeostasis via OmpA targeting to mediate interbacterial competition.' 
_citation.year                      2025 
_citation.database_id_CSD           ? 
_citation.pdbx_database_id_DOI      10.1073/pnas.2513207122 
_citation.pdbx_database_id_PubMed   41055976 
_citation.pdbx_database_id_patent   ? 
_citation.unpublished_flag          ? 
# 
loop_
_citation_author.citation_id 
_citation_author.name 
_citation_author.ordinal 
_citation_author.identifier_ORCID 
primary 'He, J.'    1  ? 
primary 'Chen, Z.'  2  ? 
primary 'Jiang, K.' 3  ? 
primary 'Yang, Y.'  4  ? 
primary 'Li, W.'    5  ? 
primary 'Wang, X.'  6  ? 
primary 'Xu, X.'    7  ? 
primary 'Zheng, S.' 8  ? 
primary 'Jiao, X.'  9  ? 
primary 'Chen, X.'  10 ? 
primary 'Huo, L.'   11 ? 
primary 'Lim, B.'   12 ? 
primary 'Liu, S.J.' 13 ? 
primary 'Gao, X.'   14 ? 
# 
loop_
_entity.id 
_entity.type 
_entity.src_method 
_entity.pdbx_description 
_entity.formula_weight 
_entity.pdbx_number_of_molecules 
_entity.pdbx_ec 
_entity.pdbx_mutation 
_entity.pdbx_fragment 
_entity.details 
1 polymer man 'Major outer membrane protein' 11926.585 1  ? ? ? 
;During the experiment, author express the OmpA (BF9343_3708) protein using the truncation 286-395 fused to a C-terminal His-tag expression vector, however, during the structure analysis, the his-tag and D286 is not visible in the density map.
;
2 water   nat water                          18.015    41 ? ? ? ? 
# 
_entity_poly.entity_id                      1 
_entity_poly.type                           'polypeptide(L)' 
_entity_poly.nstd_linkage                   no 
_entity_poly.nstd_monomer                   no 
_entity_poly.pdbx_seq_one_letter_code       
;ANIAPRTVFFTIGSSELSPREEMNLSYLAAKMKEFPDTQYTVYGYADSATGTPAFNKELSQKRAQAVVNALVKKYGVDSS
RLKVDAGGGVDKFGKPIYLNRVVLVESVK
;
_entity_poly.pdbx_seq_one_letter_code_can   
;ANIAPRTVFFTIGSSELSPREEMNLSYLAAKMKEFPDTQYTVYGYADSATGTPAFNKELSQKRAQAVVNALVKKYGVDSS
RLKVDAGGGVDKFGKPIYLNRVVLVESVK
;
_entity_poly.pdbx_strand_id                 A 
_entity_poly.pdbx_target_identifier         ? 
# 
_pdbx_entity_nonpoly.entity_id   2 
_pdbx_entity_nonpoly.name        water 
_pdbx_entity_nonpoly.comp_id     HOH 
# 
loop_
_entity_poly_seq.entity_id 
_entity_poly_seq.num 
_entity_poly_seq.mon_id 
_entity_poly_seq.hetero 
1 1   ALA n 
1 2   ASN n 
1 3   ILE n 
1 4   ALA n 
1 5   PRO n 
1 6   ARG n 
1 7   THR n 
1 8   VAL n 
1 9   PHE n 
1 10  PHE n 
1 11  THR n 
1 12  ILE n 
1 13  GLY n 
1 14  SER n 
1 15  SER n 
1 16  GLU n 
1 17  LEU n 
1 18  SER n 
1 19  PRO n 
1 20  ARG n 
1 21  GLU n 
1 22  GLU n 
1 23  MET n 
1 24  ASN n 
1 25  LEU n 
1 26  SER n 
1 27  TYR n 
1 28  LEU n 
1 29  ALA n 
1 30  ALA n 
1 31  LYS n 
1 32  MET n 
1 33  LYS n 
1 34  GLU n 
1 35  PHE n 
1 36  PRO n 
1 37  ASP n 
1 38  THR n 
1 39  GLN n 
1 40  TYR n 
1 41  THR n 
1 42  VAL n 
1 43  TYR n 
1 44  GLY n 
1 45  TYR n 
1 46  ALA n 
1 47  ASP n 
1 48  SER n 
1 49  ALA n 
1 50  THR n 
1 51  GLY n 
1 52  THR n 
1 53  PRO n 
1 54  ALA n 
1 55  PHE n 
1 56  ASN n 
1 57  LYS n 
1 58  GLU n 
1 59  LEU n 
1 60  SER n 
1 61  GLN n 
1 62  LYS n 
1 63  ARG n 
1 64  ALA n 
1 65  GLN n 
1 66  ALA n 
1 67  VAL n 
1 68  VAL n 
1 69  ASN n 
1 70  ALA n 
1 71  LEU n 
1 72  VAL n 
1 73  LYS n 
1 74  LYS n 
1 75  TYR n 
1 76  GLY n 
1 77  VAL n 
1 78  ASP n 
1 79  SER n 
1 80  SER n 
1 81  ARG n 
1 82  LEU n 
1 83  LYS n 
1 84  VAL n 
1 85  ASP n 
1 86  ALA n 
1 87  GLY n 
1 88  GLY n 
1 89  GLY n 
1 90  VAL n 
1 91  ASP n 
1 92  LYS n 
1 93  PHE n 
1 94  GLY n 
1 95  LYS n 
1 96  PRO n 
1 97  ILE n 
1 98  TYR n 
1 99  LEU n 
1 100 ASN n 
1 101 ARG n 
1 102 VAL n 
1 103 VAL n 
1 104 LEU n 
1 105 VAL n 
1 106 GLU n 
1 107 SER n 
1 108 VAL n 
1 109 LYS n 
# 
_entity_src_gen.entity_id                          1 
_entity_src_gen.pdbx_src_id                        1 
_entity_src_gen.pdbx_alt_source_flag               sample 
_entity_src_gen.pdbx_seq_type                      'Biological sequence' 
_entity_src_gen.pdbx_beg_seq_num                   1 
_entity_src_gen.pdbx_end_seq_num                   109 
_entity_src_gen.gene_src_common_name               ? 
_entity_src_gen.gene_src_genus                     ? 
_entity_src_gen.pdbx_gene_src_gene                 'ompA, BF9343_3708' 
_entity_src_gen.gene_src_species                   ? 
_entity_src_gen.gene_src_strain                    ? 
_entity_src_gen.gene_src_tissue                    ? 
_entity_src_gen.gene_src_tissue_fraction           ? 
_entity_src_gen.gene_src_details                   ? 
_entity_src_gen.pdbx_gene_src_fragment             ? 
_entity_src_gen.pdbx_gene_src_scientific_name      'Bacteroides fragilis NCTC 9343' 
_entity_src_gen.pdbx_gene_src_ncbi_taxonomy_id     272559 
_entity_src_gen.pdbx_gene_src_variant              ? 
_entity_src_gen.pdbx_gene_src_cell_line            ? 
_entity_src_gen.pdbx_gene_src_atcc                 ? 
_entity_src_gen.pdbx_gene_src_organ                ? 
_entity_src_gen.pdbx_gene_src_organelle            ? 
_entity_src_gen.pdbx_gene_src_cell                 ? 
_entity_src_gen.pdbx_gene_src_cellular_location    ? 
_entity_src_gen.host_org_common_name               ? 
_entity_src_gen.pdbx_host_org_scientific_name      'Escherichia coli BL21(DE3)' 
_entity_src_gen.pdbx_host_org_ncbi_taxonomy_id     469008 
_entity_src_gen.host_org_genus                     ? 
_entity_src_gen.pdbx_host_org_gene                 ? 
_entity_src_gen.pdbx_host_org_organ                ? 
_entity_src_gen.host_org_species                   ? 
_entity_src_gen.pdbx_host_org_tissue               ? 
_entity_src_gen.pdbx_host_org_tissue_fraction      ? 
_entity_src_gen.pdbx_host_org_strain               ? 
_entity_src_gen.pdbx_host_org_variant              ? 
_entity_src_gen.pdbx_host_org_cell_line            ? 
_entity_src_gen.pdbx_host_org_atcc                 ? 
_entity_src_gen.pdbx_host_org_culture_collection   ? 
_entity_src_gen.pdbx_host_org_cell                 ? 
_entity_src_gen.pdbx_host_org_organelle            ? 
_entity_src_gen.pdbx_host_org_cellular_location    ? 
_entity_src_gen.pdbx_host_org_vector_type          ? 
_entity_src_gen.pdbx_host_org_vector               ? 
_entity_src_gen.host_org_details                   ? 
_entity_src_gen.expression_system_id               ? 
_entity_src_gen.plasmid_name                       ? 
_entity_src_gen.plasmid_details                    ? 
_entity_src_gen.pdbx_description                   ? 
# 
loop_
_chem_comp.id 
_chem_comp.type 
_chem_comp.mon_nstd_flag 
_chem_comp.name 
_chem_comp.pdbx_synonyms 
_chem_comp.formula 
_chem_comp.formula_weight 
ALA 'L-peptide linking' y ALANINE         ? 'C3 H7 N O2'     89.093  
ARG 'L-peptide linking' y ARGININE        ? 'C6 H15 N4 O2 1' 175.209 
ASN 'L-peptide linking' y ASPARAGINE      ? 'C4 H8 N2 O3'    132.118 
ASP 'L-peptide linking' y 'ASPARTIC ACID' ? 'C4 H7 N O4'     133.103 
GLN 'L-peptide linking' y GLUTAMINE       ? 'C5 H10 N2 O3'   146.144 
GLU 'L-peptide linking' y 'GLUTAMIC ACID' ? 'C5 H9 N O4'     147.129 
GLY 'peptide linking'   y GLYCINE         ? 'C2 H5 N O2'     75.067  
HOH non-polymer         . WATER           ? 'H2 O'           18.015  
ILE 'L-peptide linking' y ISOLEUCINE      ? 'C6 H13 N O2'    131.173 
LEU 'L-peptide linking' y LEUCINE         ? 'C6 H13 N O2'    131.173 
LYS 'L-peptide linking' y LYSINE          ? 'C6 H15 N2 O2 1' 147.195 
MET 'L-peptide linking' y METHIONINE      ? 'C5 H11 N O2 S'  149.211 
PHE 'L-peptide linking' y PHENYLALANINE   ? 'C9 H11 N O2'    165.189 
PRO 'L-peptide linking' y PROLINE         ? 'C5 H9 N O2'     115.130 
SER 'L-peptide linking' y SERINE          ? 'C3 H7 N O3'     105.093 
THR 'L-peptide linking' y THREONINE       ? 'C4 H9 N O3'     119.119 
TYR 'L-peptide linking' y TYROSINE        ? 'C9 H11 N O3'    181.189 
VAL 'L-peptide linking' y VALINE          ? 'C5 H11 N O2'    117.146 
# 
loop_
_pdbx_poly_seq_scheme.asym_id 
_pdbx_poly_seq_scheme.entity_id 
_pdbx_poly_seq_scheme.seq_id 
_pdbx_poly_seq_scheme.mon_id 
_pdbx_poly_seq_scheme.ndb_seq_num 
_pdbx_poly_seq_scheme.pdb_seq_num 
_pdbx_poly_seq_scheme.auth_seq_num 
_pdbx_poly_seq_scheme.pdb_mon_id 
_pdbx_poly_seq_scheme.auth_mon_id 
_pdbx_poly_seq_scheme.pdb_strand_id 
_pdbx_poly_seq_scheme.pdb_ins_code 
_pdbx_poly_seq_scheme.hetero 
A 1 1   ALA 1   287 287 ALA ALA A . n 
A 1 2   ASN 2   288 288 ASN ASN A . n 
A 1 3   ILE 3   289 289 ILE ILE A . n 
A 1 4   ALA 4   290 290 ALA ALA A . n 
A 1 5   PRO 5   291 291 PRO PRO A . n 
A 1 6   ARG 6   292 292 ARG ARG A . n 
A 1 7   THR 7   293 293 THR THR A . n 
A 1 8   VAL 8   294 294 VAL VAL A . n 
A 1 9   PHE 9   295 295 PHE PHE A . n 
A 1 10  PHE 10  296 296 PHE PHE A . n 
A 1 11  THR 11  297 297 THR THR A . n 
A 1 12  ILE 12  298 298 ILE ILE A . n 
A 1 13  GLY 13  299 299 GLY GLY A . n 
A 1 14  SER 14  300 300 SER SER A . n 
A 1 15  SER 15  301 301 SER SER A . n 
A 1 16  GLU 16  302 302 GLU GLU A . n 
A 1 17  LEU 17  303 303 LEU LEU A . n 
A 1 18  SER 18  304 304 SER SER A . n 
A 1 19  PRO 19  305 305 PRO PRO A . n 
A 1 20  ARG 20  306 306 ARG ARG A . n 
A 1 21  GLU 21  307 307 GLU GLU A . n 
A 1 22  GLU 22  308 308 GLU GLU A . n 
A 1 23  MET 23  309 309 MET MET A . n 
A 1 24  ASN 24  310 310 ASN ASN A . n 
A 1 25  LEU 25  311 311 LEU LEU A . n 
A 1 26  SER 26  312 312 SER SER A . n 
A 1 27  TYR 27  313 313 TYR TYR A . n 
A 1 28  LEU 28  314 314 LEU LEU A . n 
A 1 29  ALA 29  315 315 ALA ALA A . n 
A 1 30  ALA 30  316 316 ALA ALA A . n 
A 1 31  LYS 31  317 317 LYS LYS A . n 
A 1 32  MET 32  318 318 MET MET A . n 
A 1 33  LYS 33  319 319 LYS LYS A . n 
A 1 34  GLU 34  320 320 GLU GLU A . n 
A 1 35  PHE 35  321 321 PHE PHE A . n 
A 1 36  PRO 36  322 322 PRO PRO A . n 
A 1 37  ASP 37  323 323 ASP ASP A . n 
A 1 38  THR 38  324 324 THR THR A . n 
A 1 39  GLN 39  325 325 GLN GLN A . n 
A 1 40  TYR 40  326 326 TYR TYR A . n 
A 1 41  THR 41  327 327 THR THR A . n 
A 1 42  VAL 42  328 328 VAL VAL A . n 
A 1 43  TYR 43  329 329 TYR TYR A . n 
A 1 44  GLY 44  330 330 GLY GLY A . n 
A 1 45  TYR 45  331 331 TYR TYR A . n 
A 1 46  ALA 46  332 332 ALA ALA A . n 
A 1 47  ASP 47  333 333 ASP ASP A . n 
A 1 48  SER 48  334 334 SER SER A . n 
A 1 49  ALA 49  335 335 ALA ALA A . n 
A 1 50  THR 50  336 336 THR THR A . n 
A 1 51  GLY 51  337 337 GLY GLY A . n 
A 1 52  THR 52  338 338 THR THR A . n 
A 1 53  PRO 53  339 339 PRO PRO A . n 
A 1 54  ALA 54  340 340 ALA ALA A . n 
A 1 55  PHE 55  341 341 PHE PHE A . n 
A 1 56  ASN 56  342 342 ASN ASN A . n 
A 1 57  LYS 57  343 343 LYS LYS A . n 
A 1 58  GLU 58  344 344 GLU GLU A . n 
A 1 59  LEU 59  345 345 LEU LEU A . n 
A 1 60  SER 60  346 346 SER SER A . n 
A 1 61  GLN 61  347 347 GLN GLN A . n 
A 1 62  LYS 62  348 348 LYS LYS A . n 
A 1 63  ARG 63  349 349 ARG ARG A . n 
A 1 64  ALA 64  350 350 ALA ALA A . n 
A 1 65  GLN 65  351 351 GLN GLN A . n 
A 1 66  ALA 66  352 352 ALA ALA A . n 
A 1 67  VAL 67  353 353 VAL VAL A . n 
A 1 68  VAL 68  354 354 VAL VAL A . n 
A 1 69  ASN 69  355 355 ASN ASN A . n 
A 1 70  ALA 70  356 356 ALA ALA A . n 
A 1 71  LEU 71  357 357 LEU LEU A . n 
A 1 72  VAL 72  358 358 VAL VAL A . n 
A 1 73  LYS 73  359 359 LYS LYS A . n 
A 1 74  LYS 74  360 360 LYS LYS A . n 
A 1 75  TYR 75  361 361 TYR TYR A . n 
A 1 76  GLY 76  362 362 GLY GLY A . n 
A 1 77  VAL 77  363 363 VAL VAL A . n 
A 1 78  ASP 78  364 364 ASP ASP A . n 
A 1 79  SER 79  365 365 SER SER A . n 
A 1 80  SER 80  366 366 SER SER A . n 
A 1 81  ARG 81  367 367 ARG ARG A . n 
A 1 82  LEU 82  368 368 LEU LEU A . n 
A 1 83  LYS 83  369 369 LYS LYS A . n 
A 1 84  VAL 84  370 370 VAL VAL A . n 
A 1 85  ASP 85  371 371 ASP ASP A . n 
A 1 86  ALA 86  372 372 ALA ALA A . n 
A 1 87  GLY 87  373 373 GLY GLY A . n 
A 1 88  GLY 88  374 374 GLY GLY A . n 
A 1 89  GLY 89  375 375 GLY GLY A . n 
A 1 90  VAL 90  376 376 VAL VAL A . n 
A 1 91  ASP 91  377 377 ASP ASP A . n 
A 1 92  LYS 92  378 378 LYS LYS A . n 
A 1 93  PHE 93  379 379 PHE PHE A . n 
A 1 94  GLY 94  380 380 GLY GLY A . n 
A 1 95  LYS 95  381 381 LYS LYS A . n 
A 1 96  PRO 96  382 382 PRO PRO A . n 
A 1 97  ILE 97  383 383 ILE ILE A . n 
A 1 98  TYR 98  384 384 TYR TYR A . n 
A 1 99  LEU 99  385 385 LEU LEU A . n 
A 1 100 ASN 100 386 386 ASN ASN A . n 
A 1 101 ARG 101 387 387 ARG ARG A . n 
A 1 102 VAL 102 388 388 VAL VAL A . n 
A 1 103 VAL 103 389 389 VAL VAL A . n 
A 1 104 LEU 104 390 390 LEU LEU A . n 
A 1 105 VAL 105 391 391 VAL VAL A . n 
A 1 106 GLU 106 392 392 GLU GLU A . n 
A 1 107 SER 107 393 393 SER SER A . n 
A 1 108 VAL 108 394 394 VAL VAL A . n 
A 1 109 LYS 109 395 395 LYS LYS A . n 
# 
loop_
_pdbx_nonpoly_scheme.asym_id 
_pdbx_nonpoly_scheme.entity_id 
_pdbx_nonpoly_scheme.mon_id 
_pdbx_nonpoly_scheme.ndb_seq_num 
_pdbx_nonpoly_scheme.pdb_seq_num 
_pdbx_nonpoly_scheme.auth_seq_num 
_pdbx_nonpoly_scheme.pdb_mon_id 
_pdbx_nonpoly_scheme.auth_mon_id 
_pdbx_nonpoly_scheme.pdb_strand_id 
_pdbx_nonpoly_scheme.pdb_ins_code 
B 2 HOH 1  401 29 HOH HOH A . 
B 2 HOH 2  402 34 HOH HOH A . 
B 2 HOH 3  403 73 HOH HOH A . 
B 2 HOH 4  404 1  HOH HOH A . 
B 2 HOH 5  405 52 HOH HOH A . 
B 2 HOH 6  406 51 HOH HOH A . 
B 2 HOH 7  407 28 HOH HOH A . 
B 2 HOH 8  408 31 HOH HOH A . 
B 2 HOH 9  409 3  HOH HOH A . 
B 2 HOH 10 410 17 HOH HOH A . 
B 2 HOH 11 411 14 HOH HOH A . 
B 2 HOH 12 412 11 HOH HOH A . 
B 2 HOH 13 413 15 HOH HOH A . 
B 2 HOH 14 414 10 HOH HOH A . 
B 2 HOH 15 415 54 HOH HOH A . 
B 2 HOH 16 416 40 HOH HOH A . 
B 2 HOH 17 417 38 HOH HOH A . 
B 2 HOH 18 418 32 HOH HOH A . 
B 2 HOH 19 419 27 HOH HOH A . 
B 2 HOH 20 420 48 HOH HOH A . 
B 2 HOH 21 421 5  HOH HOH A . 
B 2 HOH 22 422 6  HOH HOH A . 
B 2 HOH 23 423 57 HOH HOH A . 
B 2 HOH 24 424 64 HOH HOH A . 
B 2 HOH 25 425 12 HOH HOH A . 
B 2 HOH 26 426 9  HOH HOH A . 
B 2 HOH 27 427 7  HOH HOH A . 
B 2 HOH 28 428 24 HOH HOH A . 
B 2 HOH 29 429 42 HOH HOH A . 
B 2 HOH 30 430 44 HOH HOH A . 
B 2 HOH 31 431 8  HOH HOH A . 
B 2 HOH 32 432 59 HOH HOH A . 
B 2 HOH 33 433 23 HOH HOH A . 
B 2 HOH 34 434 70 HOH HOH A . 
B 2 HOH 35 435 55 HOH HOH A . 
B 2 HOH 36 436 62 HOH HOH A . 
B 2 HOH 37 437 50 HOH HOH A . 
B 2 HOH 38 438 61 HOH HOH A . 
B 2 HOH 39 439 22 HOH HOH A . 
B 2 HOH 40 440 36 HOH HOH A . 
B 2 HOH 41 441 47 HOH HOH A . 
# 
loop_
_software.citation_id 
_software.classification 
_software.compiler_name 
_software.compiler_version 
_software.contact_author 
_software.contact_author_email 
_software.date 
_software.description 
_software.dependencies 
_software.hardware 
_software.language 
_software.location 
_software.mods 
_software.name 
_software.os 
_software.os_version 
_software.type 
_software.version 
_software.pdbx_reference_DOI 
_software.pdbx_ordinal 
? 'data scaling'   ? ? ? ? ? ? ? ? ? ? ? HKL-3000 ? ? ? 7.21        ? 1 
? refinement       ? ? ? ? ? ? ? ? ? ? ? PHENIX   ? ? ? 1.17.1_3660 ? 2 
? phasing          ? ? ? ? ? ? ? ? ? ? ? PHENIX   ? ? ? .           ? 3 
? 'data reduction' ? ? ? ? ? ? ? ? ? ? ? HKL-3000 ? ? ? .           ? 4 
# 
_cell.angle_alpha                  90.000 
_cell.angle_alpha_esd              ? 
_cell.angle_beta                   90.000 
_cell.angle_beta_esd               ? 
_cell.angle_gamma                  120.000 
_cell.angle_gamma_esd              ? 
_cell.entry_id                     9UU2 
_cell.details                      ? 
_cell.formula_units_Z              ? 
_cell.length_a                     44.369 
_cell.length_a_esd                 ? 
_cell.length_b                     44.369 
_cell.length_b_esd                 ? 
_cell.length_c                     102.746 
_cell.length_c_esd                 ? 
_cell.volume                       175168.026 
_cell.volume_esd                   ? 
_cell.Z_PDB                        6 
_cell.reciprocal_angle_alpha       ? 
_cell.reciprocal_angle_beta        ? 
_cell.reciprocal_angle_gamma       ? 
_cell.reciprocal_angle_alpha_esd   ? 
_cell.reciprocal_angle_beta_esd    ? 
_cell.reciprocal_angle_gamma_esd   ? 
_cell.reciprocal_length_a          ? 
_cell.reciprocal_length_b          ? 
_cell.reciprocal_length_c          ? 
_cell.reciprocal_length_a_esd      ? 
_cell.reciprocal_length_b_esd      ? 
_cell.reciprocal_length_c_esd      ? 
_cell.pdbx_unique_axis             ? 
_cell.pdbx_esd_method              ? 
# 
_symmetry.entry_id                         9UU2 
_symmetry.cell_setting                     ? 
_symmetry.Int_Tables_number                152 
_symmetry.space_group_name_Hall            
;P 31 2"
;
_symmetry.space_group_name_H-M             'P 31 2 1' 
_symmetry.pdbx_full_space_group_name_H-M   ? 
# 
_exptl.absorpt_coefficient_mu     ? 
_exptl.absorpt_correction_T_max   ? 
_exptl.absorpt_correction_T_min   ? 
_exptl.absorpt_correction_type    ? 
_exptl.absorpt_process_details    ? 
_exptl.entry_id                   9UU2 
_exptl.crystals_number            1 
_exptl.details                    ? 
_exptl.method                     'X-RAY DIFFRACTION' 
_exptl.method_details             ? 
# 
_exptl_crystal.colour                       ? 
_exptl_crystal.density_diffrn               ? 
_exptl_crystal.density_Matthews             2.45 
_exptl_crystal.density_method               ? 
_exptl_crystal.density_percent_sol          49.75 
_exptl_crystal.description                  ? 
_exptl_crystal.F_000                        ? 
_exptl_crystal.id                           1 
_exptl_crystal.preparation                  ? 
_exptl_crystal.size_max                     ? 
_exptl_crystal.size_mid                     ? 
_exptl_crystal.size_min                     ? 
_exptl_crystal.size_rad                     ? 
_exptl_crystal.colour_lustre                ? 
_exptl_crystal.colour_modifier              ? 
_exptl_crystal.colour_primary               ? 
_exptl_crystal.density_meas                 ? 
_exptl_crystal.density_meas_esd             ? 
_exptl_crystal.density_meas_gt              ? 
_exptl_crystal.density_meas_lt              ? 
_exptl_crystal.density_meas_temp            ? 
_exptl_crystal.density_meas_temp_esd        ? 
_exptl_crystal.density_meas_temp_gt         ? 
_exptl_crystal.density_meas_temp_lt         ? 
_exptl_crystal.pdbx_crystal_image_url       ? 
_exptl_crystal.pdbx_crystal_image_format    ? 
_exptl_crystal.pdbx_mosaicity               ? 
_exptl_crystal.pdbx_mosaicity_esd           ? 
_exptl_crystal.pdbx_mosaic_method           ? 
_exptl_crystal.pdbx_mosaic_block_size       ? 
_exptl_crystal.pdbx_mosaic_block_size_esd   ? 
# 
_exptl_crystal_grow.apparatus       ? 
_exptl_crystal_grow.atmosphere      ? 
_exptl_crystal_grow.crystal_id      1 
_exptl_crystal_grow.details         ? 
_exptl_crystal_grow.method          'VAPOR DIFFUSION, HANGING DROP' 
_exptl_crystal_grow.method_ref      ? 
_exptl_crystal_grow.pH              ? 
_exptl_crystal_grow.pressure        ? 
_exptl_crystal_grow.pressure_esd    ? 
_exptl_crystal_grow.seeding         ? 
_exptl_crystal_grow.seeding_ref     ? 
_exptl_crystal_grow.temp_details    ? 
_exptl_crystal_grow.temp_esd        ? 
_exptl_crystal_grow.time            ? 
_exptl_crystal_grow.pdbx_details    '1% Tryptone, 0.001M sodium azide, 0.05M HEPES sodium pH 7.0, 20% w/v PEG3350.' 
_exptl_crystal_grow.pdbx_pH_range   ? 
_exptl_crystal_grow.temp            300 
# 
_diffrn.ambient_environment              ? 
_diffrn.ambient_temp                     100 
_diffrn.ambient_temp_details             ? 
_diffrn.ambient_temp_esd                 ? 
_diffrn.crystal_id                       1 
_diffrn.crystal_support                  ? 
_diffrn.crystal_treatment                ? 
_diffrn.details                          ? 
_diffrn.id                               1 
_diffrn.ambient_pressure                 ? 
_diffrn.ambient_pressure_esd             ? 
_diffrn.ambient_pressure_gt              ? 
_diffrn.ambient_pressure_lt              ? 
_diffrn.ambient_temp_gt                  ? 
_diffrn.ambient_temp_lt                  ? 
_diffrn.pdbx_serial_crystal_experiment   N 
# 
_diffrn_detector.details                      ? 
_diffrn_detector.detector                     PIXEL 
_diffrn_detector.diffrn_id                    1 
_diffrn_detector.type                         'DECTRIS PILATUS3 6M' 
_diffrn_detector.area_resol_mean              ? 
_diffrn_detector.dtime                        ? 
_diffrn_detector.pdbx_frames_total            ? 
_diffrn_detector.pdbx_collection_time_total   ? 
_diffrn_detector.pdbx_collection_date         2024-01-27 
_diffrn_detector.pdbx_frequency               ? 
_diffrn_detector.id                           ? 
_diffrn_detector.number_of_axes               ? 
# 
_diffrn_radiation.collimation                      ? 
_diffrn_radiation.diffrn_id                        1 
_diffrn_radiation.filter_edge                      ? 
_diffrn_radiation.inhomogeneity                    ? 
_diffrn_radiation.monochromator                    ? 
_diffrn_radiation.polarisn_norm                    ? 
_diffrn_radiation.polarisn_ratio                   ? 
_diffrn_radiation.probe                            ? 
_diffrn_radiation.type                             ? 
_diffrn_radiation.xray_symbol                      ? 
_diffrn_radiation.wavelength_id                    1 
_diffrn_radiation.pdbx_monochromatic_or_laue_m_l   M 
_diffrn_radiation.pdbx_wavelength_list             ? 
_diffrn_radiation.pdbx_wavelength                  ? 
_diffrn_radiation.pdbx_diffrn_protocol             'SINGLE WAVELENGTH' 
_diffrn_radiation.pdbx_analyzer                    ? 
_diffrn_radiation.pdbx_scattering_type             x-ray 
# 
_diffrn_radiation_wavelength.id           1 
_diffrn_radiation_wavelength.wavelength   0.987 
_diffrn_radiation_wavelength.wt           1.0 
# 
_diffrn_source.current                     ? 
_diffrn_source.details                     ? 
_diffrn_source.diffrn_id                   1 
_diffrn_source.power                       ? 
_diffrn_source.size                        ? 
_diffrn_source.source                      SYNCHROTRON 
_diffrn_source.target                      ? 
_diffrn_source.type                        'SSRF BEAMLINE BL18U1' 
_diffrn_source.voltage                     ? 
_diffrn_source.take-off_angle              ? 
_diffrn_source.pdbx_wavelength_list        0.987 
_diffrn_source.pdbx_wavelength             ? 
_diffrn_source.pdbx_synchrotron_beamline   BL18U1 
_diffrn_source.pdbx_synchrotron_site       SSRF 
# 
_reflns.B_iso_Wilson_estimate                          35.81 
_reflns.entry_id                                       9UU2 
_reflns.data_reduction_details                         ? 
_reflns.data_reduction_method                          ? 
_reflns.d_resolution_high                              1.9 
_reflns.d_resolution_low                               22.81 
_reflns.details                                        ? 
_reflns.limit_h_max                                    ? 
_reflns.limit_h_min                                    ? 
_reflns.limit_k_max                                    ? 
_reflns.limit_k_min                                    ? 
_reflns.limit_l_max                                    ? 
_reflns.limit_l_min                                    ? 
_reflns.number_all                                     ? 
_reflns.number_obs                                     9756 
_reflns.observed_criterion                             ? 
_reflns.observed_criterion_F_max                       ? 
_reflns.observed_criterion_F_min                       ? 
_reflns.observed_criterion_I_max                       ? 
_reflns.observed_criterion_I_min                       ? 
_reflns.observed_criterion_sigma_F                     ? 
_reflns.observed_criterion_sigma_I                     ? 
_reflns.percent_possible_obs                           99.64 
_reflns.R_free_details                                 ? 
_reflns.Rmerge_F_all                                   ? 
_reflns.Rmerge_F_obs                                   ? 
_reflns.Friedel_coverage                               ? 
_reflns.number_gt                                      ? 
_reflns.threshold_expression                           ? 
_reflns.pdbx_redundancy                                16.6 
_reflns.pdbx_netI_over_av_sigmaI                       37.769 
_reflns.pdbx_netI_over_sigmaI                          1.16 
_reflns.pdbx_res_netI_over_av_sigmaI_2                 ? 
_reflns.pdbx_res_netI_over_sigmaI_2                    ? 
_reflns.pdbx_chi_squared                               ? 
_reflns.pdbx_scaling_rejects                           ? 
_reflns.pdbx_d_res_high_opt                            ? 
_reflns.pdbx_d_res_low_opt                             ? 
_reflns.pdbx_d_res_opt_method                          ? 
_reflns.phase_calculation_details                      ? 
_reflns.pdbx_Rrim_I_all                                0.127 
_reflns.pdbx_Rpim_I_all                                ? 
_reflns.pdbx_d_opt                                     ? 
_reflns.pdbx_number_measured_all                       ? 
_reflns.pdbx_diffrn_id                                 1 
_reflns.pdbx_ordinal                                   1 
_reflns.pdbx_CC_half                                   ? 
_reflns.pdbx_CC_star                                   ? 
_reflns.pdbx_R_split                                   ? 
_reflns.pdbx_Rmerge_I_obs                              ? 
_reflns.pdbx_Rmerge_I_all                              ? 
_reflns.pdbx_Rsym_value                                ? 
_reflns.pdbx_CC_split_method                           ? 
_reflns.pdbx_aniso_diffraction_limit_axis_1_ortho[1]   ? 
_reflns.pdbx_aniso_diffraction_limit_axis_1_ortho[2]   ? 
_reflns.pdbx_aniso_diffraction_limit_axis_1_ortho[3]   ? 
_reflns.pdbx_aniso_diffraction_limit_axis_2_ortho[1]   ? 
_reflns.pdbx_aniso_diffraction_limit_axis_2_ortho[2]   ? 
_reflns.pdbx_aniso_diffraction_limit_axis_2_ortho[3]   ? 
_reflns.pdbx_aniso_diffraction_limit_axis_3_ortho[1]   ? 
_reflns.pdbx_aniso_diffraction_limit_axis_3_ortho[2]   ? 
_reflns.pdbx_aniso_diffraction_limit_axis_3_ortho[3]   ? 
_reflns.pdbx_aniso_diffraction_limit_1                 ? 
_reflns.pdbx_aniso_diffraction_limit_2                 ? 
_reflns.pdbx_aniso_diffraction_limit_3                 ? 
_reflns.pdbx_aniso_B_tensor_eigenvector_1_ortho[1]     ? 
_reflns.pdbx_aniso_B_tensor_eigenvector_1_ortho[2]     ? 
_reflns.pdbx_aniso_B_tensor_eigenvector_1_ortho[3]     ? 
_reflns.pdbx_aniso_B_tensor_eigenvector_2_ortho[1]     ? 
_reflns.pdbx_aniso_B_tensor_eigenvector_2_ortho[2]     ? 
_reflns.pdbx_aniso_B_tensor_eigenvector_2_ortho[3]     ? 
_reflns.pdbx_aniso_B_tensor_eigenvector_3_ortho[1]     ? 
_reflns.pdbx_aniso_B_tensor_eigenvector_3_ortho[2]     ? 
_reflns.pdbx_aniso_B_tensor_eigenvector_3_ortho[3]     ? 
_reflns.pdbx_aniso_B_tensor_eigenvalue_1               ? 
_reflns.pdbx_aniso_B_tensor_eigenvalue_2               ? 
_reflns.pdbx_aniso_B_tensor_eigenvalue_3               ? 
_reflns.pdbx_orthogonalization_convention              ? 
_reflns.pdbx_percent_possible_ellipsoidal              ? 
_reflns.pdbx_percent_possible_spherical                ? 
_reflns.pdbx_percent_possible_ellipsoidal_anomalous    ? 
_reflns.pdbx_percent_possible_spherical_anomalous      ? 
_reflns.pdbx_redundancy_anomalous                      ? 
_reflns.pdbx_CC_half_anomalous                         ? 
_reflns.pdbx_absDiff_over_sigma_anomalous              ? 
_reflns.pdbx_percent_possible_anomalous                ? 
_reflns.pdbx_observed_signal_threshold                 ? 
_reflns.pdbx_signal_type                               ? 
_reflns.pdbx_signal_details                            ? 
_reflns.pdbx_signal_software_id                        ? 
# 
_reflns_shell.d_res_high                                    1.9 
_reflns_shell.d_res_low                                     1.968 
_reflns_shell.meanI_over_sigI_all                           ? 
_reflns_shell.meanI_over_sigI_obs                           1.16 
_reflns_shell.number_measured_all                           ? 
_reflns_shell.number_measured_obs                           ? 
_reflns_shell.number_possible                               ? 
_reflns_shell.number_unique_all                             ? 
_reflns_shell.number_unique_obs                             9756 
_reflns_shell.percent_possible_obs                          ? 
_reflns_shell.Rmerge_F_all                                  ? 
_reflns_shell.Rmerge_F_obs                                  ? 
_reflns_shell.meanI_over_sigI_gt                            ? 
_reflns_shell.meanI_over_uI_all                             ? 
_reflns_shell.meanI_over_uI_gt                              ? 
_reflns_shell.number_measured_gt                            ? 
_reflns_shell.number_unique_gt                              ? 
_reflns_shell.percent_possible_gt                           ? 
_reflns_shell.Rmerge_F_gt                                   ? 
_reflns_shell.Rmerge_I_gt                                   ? 
_reflns_shell.pdbx_redundancy                               ? 
_reflns_shell.pdbx_chi_squared                              ? 
_reflns_shell.pdbx_netI_over_sigmaI_all                     ? 
_reflns_shell.pdbx_netI_over_sigmaI_obs                     ? 
_reflns_shell.pdbx_Rrim_I_all                               1.248 
_reflns_shell.pdbx_Rpim_I_all                               ? 
_reflns_shell.pdbx_rejects                                  ? 
_reflns_shell.pdbx_ordinal                                  1 
_reflns_shell.pdbx_diffrn_id                                1 
_reflns_shell.pdbx_CC_half                                  0.762 
_reflns_shell.pdbx_CC_star                                  ? 
_reflns_shell.pdbx_R_split                                  ? 
_reflns_shell.percent_possible_all                          ? 
_reflns_shell.Rmerge_I_all                                  ? 
_reflns_shell.Rmerge_I_obs                                  ? 
_reflns_shell.pdbx_Rsym_value                               ? 
_reflns_shell.pdbx_percent_possible_ellipsoidal             ? 
_reflns_shell.pdbx_percent_possible_spherical               ? 
_reflns_shell.pdbx_percent_possible_ellipsoidal_anomalous   ? 
_reflns_shell.pdbx_percent_possible_spherical_anomalous     ? 
_reflns_shell.pdbx_redundancy_anomalous                     ? 
_reflns_shell.pdbx_CC_half_anomalous                        ? 
_reflns_shell.pdbx_absDiff_over_sigma_anomalous             ? 
_reflns_shell.pdbx_percent_possible_anomalous               ? 
# 
_refine.aniso_B[1][1]                            ? 
_refine.aniso_B[1][2]                            ? 
_refine.aniso_B[1][3]                            ? 
_refine.aniso_B[2][2]                            ? 
_refine.aniso_B[2][3]                            ? 
_refine.aniso_B[3][3]                            ? 
_refine.B_iso_max                                ? 
_refine.B_iso_mean                               40.42 
_refine.B_iso_min                                ? 
_refine.correlation_coeff_Fo_to_Fc               ? 
_refine.correlation_coeff_Fo_to_Fc_free          ? 
_refine.details                                  ? 
_refine.diff_density_max                         ? 
_refine.diff_density_max_esd                     ? 
_refine.diff_density_min                         ? 
_refine.diff_density_min_esd                     ? 
_refine.diff_density_rms                         ? 
_refine.diff_density_rms_esd                     ? 
_refine.entry_id                                 9UU2 
_refine.pdbx_refine_id                           'X-RAY DIFFRACTION' 
_refine.ls_abs_structure_details                 ? 
_refine.ls_abs_structure_Flack                   ? 
_refine.ls_abs_structure_Flack_esd               ? 
_refine.ls_abs_structure_Rogers                  ? 
_refine.ls_abs_structure_Rogers_esd              ? 
_refine.ls_d_res_high                            1.90 
_refine.ls_d_res_low                             22.18 
_refine.ls_extinction_coef                       ? 
_refine.ls_extinction_coef_esd                   ? 
_refine.ls_extinction_expression                 ? 
_refine.ls_extinction_method                     ? 
_refine.ls_goodness_of_fit_all                   ? 
_refine.ls_goodness_of_fit_all_esd               ? 
_refine.ls_goodness_of_fit_obs                   ? 
_refine.ls_goodness_of_fit_obs_esd               ? 
_refine.ls_hydrogen_treatment                    ? 
_refine.ls_matrix_type                           ? 
_refine.ls_number_constraints                    ? 
_refine.ls_number_parameters                     ? 
_refine.ls_number_reflns_all                     ? 
_refine.ls_number_reflns_obs                     9736 
_refine.ls_number_reflns_R_free                  975 
_refine.ls_number_reflns_R_work                  8761 
_refine.ls_number_restraints                     ? 
_refine.ls_percent_reflns_obs                    99.66 
_refine.ls_percent_reflns_R_free                 10.01 
_refine.ls_R_factor_all                          ? 
_refine.ls_R_factor_obs                          0.2167 
_refine.ls_R_factor_R_free                       0.2483 
_refine.ls_R_factor_R_free_error                 ? 
_refine.ls_R_factor_R_free_error_details         ? 
_refine.ls_R_factor_R_work                       0.2130 
_refine.ls_R_Fsqd_factor_obs                     ? 
_refine.ls_R_I_factor_obs                        ? 
_refine.ls_redundancy_reflns_all                 ? 
_refine.ls_redundancy_reflns_obs                 ? 
_refine.ls_restrained_S_all                      ? 
_refine.ls_restrained_S_obs                      ? 
_refine.ls_shift_over_esd_max                    ? 
_refine.ls_shift_over_esd_mean                   ? 
_refine.ls_structure_factor_coef                 ? 
_refine.ls_weighting_details                     ? 
_refine.ls_weighting_scheme                      ? 
_refine.ls_wR_factor_all                         ? 
_refine.ls_wR_factor_obs                         ? 
_refine.ls_wR_factor_R_free                      ? 
_refine.ls_wR_factor_R_work                      ? 
_refine.occupancy_max                            ? 
_refine.occupancy_min                            ? 
_refine.solvent_model_details                    'FLAT BULK SOLVENT MODEL' 
_refine.solvent_model_param_bsol                 ? 
_refine.solvent_model_param_ksol                 ? 
_refine.correlation_coeff_I_to_Fcsqd_work        ? 
_refine.correlation_coeff_I_to_Fcsqd_free        ? 
_refine.pdbx_R_complete                          ? 
_refine.ls_R_factor_gt                           ? 
_refine.ls_goodness_of_fit_gt                    ? 
_refine.ls_goodness_of_fit_ref                   ? 
_refine.ls_shift_over_su_max                     ? 
_refine.ls_shift_over_su_max_lt                  ? 
_refine.ls_shift_over_su_mean                    ? 
_refine.ls_shift_over_su_mean_lt                 ? 
_refine.pdbx_ls_sigma_I                          ? 
_refine.pdbx_ls_sigma_F                          1.35 
_refine.pdbx_ls_sigma_Fsqd                       ? 
_refine.pdbx_data_cutoff_high_absF               ? 
_refine.pdbx_data_cutoff_high_rms_absF           ? 
_refine.pdbx_data_cutoff_low_absF                ? 
_refine.pdbx_isotropic_thermal_model             ? 
_refine.pdbx_ls_cross_valid_method               'FREE R-VALUE' 
_refine.pdbx_method_to_determine_struct          'MOLECULAR REPLACEMENT' 
_refine.pdbx_starting_model                      ? 
_refine.pdbx_stereochemistry_target_values       'GeoStd + Monomer Library + CDL v1.2' 
_refine.pdbx_R_Free_selection_details            ? 
_refine.pdbx_stereochem_target_val_spec_case     ? 
_refine.pdbx_overall_ESU_R                       ? 
_refine.pdbx_overall_ESU_R_Free                  ? 
_refine.pdbx_solvent_vdw_probe_radii             1.1100 
_refine.pdbx_solvent_ion_probe_radii             ? 
_refine.pdbx_solvent_shrinkage_radii             0.9000 
_refine.pdbx_real_space_R                        ? 
_refine.pdbx_density_correlation                 ? 
_refine.pdbx_pd_number_of_powder_patterns        ? 
_refine.pdbx_pd_number_of_points                 ? 
_refine.pdbx_pd_meas_number_of_points            ? 
_refine.pdbx_pd_proc_ls_prof_R_factor            ? 
_refine.pdbx_pd_proc_ls_prof_wR_factor           ? 
_refine.pdbx_pd_Marquardt_correlation_coeff      ? 
_refine.pdbx_pd_Fsqrd_R_factor                   ? 
_refine.pdbx_pd_ls_matrix_band_width             ? 
_refine.pdbx_overall_phase_error                 30.5813 
_refine.pdbx_overall_SU_R_free_Cruickshank_DPI   ? 
_refine.pdbx_overall_SU_R_free_Blow_DPI          ? 
_refine.pdbx_overall_SU_R_Blow_DPI               ? 
_refine.pdbx_TLS_residual_ADP_flag               ? 
_refine.pdbx_diffrn_id                           1 
_refine.overall_SU_B                             ? 
_refine.overall_SU_ML                            0.2674 
_refine.overall_SU_R_Cruickshank_DPI             ? 
_refine.overall_SU_R_free                        ? 
_refine.overall_FOM_free_R_set                   ? 
_refine.overall_FOM_work_R_set                   ? 
_refine.pdbx_average_fsc_overall                 ? 
_refine.pdbx_average_fsc_work                    ? 
_refine.pdbx_average_fsc_free                    ? 
# 
_refine_hist.pdbx_refine_id                   'X-RAY DIFFRACTION' 
_refine_hist.cycle_id                         LAST 
_refine_hist.details                          ? 
_refine_hist.d_res_high                       1.90 
_refine_hist.d_res_low                        22.18 
_refine_hist.number_atoms_solvent             41 
_refine_hist.number_atoms_total               881 
_refine_hist.number_reflns_all                ? 
_refine_hist.number_reflns_obs                ? 
_refine_hist.number_reflns_R_free             ? 
_refine_hist.number_reflns_R_work             ? 
_refine_hist.R_factor_all                     ? 
_refine_hist.R_factor_obs                     ? 
_refine_hist.R_factor_R_free                  ? 
_refine_hist.R_factor_R_work                  ? 
_refine_hist.pdbx_number_residues_total       ? 
_refine_hist.pdbx_B_iso_mean_ligand           ? 
_refine_hist.pdbx_B_iso_mean_solvent          ? 
_refine_hist.pdbx_number_atoms_protein        840 
_refine_hist.pdbx_number_atoms_nucleic_acid   0 
_refine_hist.pdbx_number_atoms_ligand         0 
_refine_hist.pdbx_number_atoms_lipid          ? 
_refine_hist.pdbx_number_atoms_carb           ? 
_refine_hist.pdbx_pseudo_atom_details         ? 
# 
loop_
_refine_ls_restr.pdbx_refine_id 
_refine_ls_restr.criterion 
_refine_ls_restr.dev_ideal 
_refine_ls_restr.dev_ideal_target 
_refine_ls_restr.number 
_refine_ls_restr.rejects 
_refine_ls_restr.type 
_refine_ls_restr.weight 
_refine_ls_restr.pdbx_Zscore 
_refine_ls_restr.pdbx_restraint_function 
'X-RAY DIFFRACTION' ? 0.0054 ? 855  ? f_bond_d           ? ? ? 
'X-RAY DIFFRACTION' ? 0.7338 ? 1155 ? f_angle_d          ? ? ? 
'X-RAY DIFFRACTION' ? 0.0525 ? 130  ? f_chiral_restr     ? ? ? 
'X-RAY DIFFRACTION' ? 0.0058 ? 149  ? f_plane_restr      ? ? ? 
'X-RAY DIFFRACTION' ? 5.6476 ? 120  ? f_dihedral_angle_d ? ? ? 
# 
loop_
_refine_ls_shell.pdbx_refine_id 
_refine_ls_shell.d_res_high 
_refine_ls_shell.d_res_low 
_refine_ls_shell.number_reflns_all 
_refine_ls_shell.number_reflns_obs 
_refine_ls_shell.number_reflns_R_free 
_refine_ls_shell.number_reflns_R_work 
_refine_ls_shell.percent_reflns_obs 
_refine_ls_shell.percent_reflns_R_free 
_refine_ls_shell.R_factor_all 
_refine_ls_shell.R_factor_obs 
_refine_ls_shell.R_factor_R_free_error 
_refine_ls_shell.R_factor_R_work 
_refine_ls_shell.redundancy_reflns_all 
_refine_ls_shell.redundancy_reflns_obs 
_refine_ls_shell.wR_factor_all 
_refine_ls_shell.wR_factor_obs 
_refine_ls_shell.wR_factor_R_free 
_refine_ls_shell.wR_factor_R_work 
_refine_ls_shell.pdbx_R_complete 
_refine_ls_shell.correlation_coeff_Fo_to_Fc 
_refine_ls_shell.correlation_coeff_Fo_to_Fc_free 
_refine_ls_shell.correlation_coeff_I_to_Fcsqd_work 
_refine_ls_shell.correlation_coeff_I_to_Fcsqd_free 
_refine_ls_shell.pdbx_total_number_of_bins_used 
_refine_ls_shell.pdbx_phase_error 
_refine_ls_shell.pdbx_fsc_work 
_refine_ls_shell.pdbx_fsc_free 
_refine_ls_shell.R_factor_R_free 
'X-RAY DIFFRACTION' 1.90 2.00  . . 138 1209 98.46  . . . . 0.3118 . . . . . . . . . . . . . . . 0.3661 
'X-RAY DIFFRACTION' 2.00 2.12  . . 133 1225 99.85  . . . . 0.2721 . . . . . . . . . . . . . . . 0.3322 
'X-RAY DIFFRACTION' 2.12 2.29  . . 136 1237 99.85  . . . . 0.2380 . . . . . . . . . . . . . . . 0.2946 
'X-RAY DIFFRACTION' 2.29 2.52  . . 136 1224 99.93  . . . . 0.2273 . . . . . . . . . . . . . . . 0.2602 
'X-RAY DIFFRACTION' 2.52 2.88  . . 139 1251 99.86  . . . . 0.2410 . . . . . . . . . . . . . . . 0.3056 
'X-RAY DIFFRACTION' 2.88 3.63  . . 140 1267 99.79  . . . . 0.2269 . . . . . . . . . . . . . . . 0.2680 
'X-RAY DIFFRACTION' 3.63 22.18 . . 153 1348 100.00 . . . . 0.1763 . . . . . . . . . . . . . . . 0.1928 
# 
_struct.entry_id                     9UU2 
_struct.title                        'Outer membrane protein OmpA-c-like domain' 
_struct.pdbx_model_details           ? 
_struct.pdbx_formula_weight          ? 
_struct.pdbx_formula_weight_method   ? 
_struct.pdbx_model_type_details      ? 
_struct.pdbx_CASP_flag               N 
# 
_struct_keywords.entry_id        9UU2 
_struct_keywords.text            'Outer membrane protein OmpA-c-like domain, STRUCTURAL PROTEIN' 
_struct_keywords.pdbx_keywords   'STRUCTURAL PROTEIN' 
# 
loop_
_struct_asym.id 
_struct_asym.pdbx_blank_PDB_chainid_flag 
_struct_asym.pdbx_modified 
_struct_asym.entity_id 
_struct_asym.details 
A N N 1 ? 
B N N 2 ? 
# 
_struct_ref.id                         1 
_struct_ref.db_name                    UNP 
_struct_ref.db_code                    Q5L8U3_BACFN 
_struct_ref.pdbx_db_accession          Q5L8U3 
_struct_ref.pdbx_db_isoform            ? 
_struct_ref.entity_id                  1 
_struct_ref.pdbx_seq_one_letter_code   
;ANIAPRTVFFTIGSSELSPREEMNLSYLAAKMKEFPDTQYTVYGYADSATGTPAFNKELSQKRAQAVVNALVKKYGVDSS
RLKVDAGGGVDKFGKPIYLNRVVLVESVK
;
_struct_ref.pdbx_align_begin           287 
# 
_struct_ref_seq.align_id                      1 
_struct_ref_seq.ref_id                        1 
_struct_ref_seq.pdbx_PDB_id_code              9UU2 
_struct_ref_seq.pdbx_strand_id                A 
_struct_ref_seq.seq_align_beg                 1 
_struct_ref_seq.pdbx_seq_align_beg_ins_code   ? 
_struct_ref_seq.seq_align_end                 109 
_struct_ref_seq.pdbx_seq_align_end_ins_code   ? 
_struct_ref_seq.pdbx_db_accession             Q5L8U3 
_struct_ref_seq.db_align_beg                  287 
_struct_ref_seq.pdbx_db_align_beg_ins_code    ? 
_struct_ref_seq.db_align_end                  395 
_struct_ref_seq.pdbx_db_align_end_ins_code    ? 
_struct_ref_seq.pdbx_auth_seq_align_beg       287 
_struct_ref_seq.pdbx_auth_seq_align_end       395 
# 
_pdbx_struct_assembly.id                   1 
_pdbx_struct_assembly.details              author_and_software_defined_assembly 
_pdbx_struct_assembly.method_details       PISA 
_pdbx_struct_assembly.oligomeric_details   dimeric 
_pdbx_struct_assembly.oligomeric_count     2 
# 
loop_
_pdbx_struct_assembly_prop.biol_id 
_pdbx_struct_assembly_prop.type 
_pdbx_struct_assembly_prop.value 
_pdbx_struct_assembly_prop.details 
1 'ABSA (A^2)' 2080  ? 
1 MORE         -15   ? 
1 'SSA (A^2)'  10290 ? 
# 
_pdbx_struct_assembly_gen.assembly_id       1 
_pdbx_struct_assembly_gen.oper_expression   1,2 
_pdbx_struct_assembly_gen.asym_id_list      A,B 
# 
_pdbx_struct_assembly_auth_evidence.id                     1 
_pdbx_struct_assembly_auth_evidence.assembly_id            1 
_pdbx_struct_assembly_auth_evidence.experimental_support   'gel filtration' 
_pdbx_struct_assembly_auth_evidence.details                ? 
# 
loop_
_pdbx_struct_oper_list.id 
_pdbx_struct_oper_list.type 
_pdbx_struct_oper_list.name 
_pdbx_struct_oper_list.symmetry_operation 
_pdbx_struct_oper_list.matrix[1][1] 
_pdbx_struct_oper_list.matrix[1][2] 
_pdbx_struct_oper_list.matrix[1][3] 
_pdbx_struct_oper_list.vector[1] 
_pdbx_struct_oper_list.matrix[2][1] 
_pdbx_struct_oper_list.matrix[2][2] 
_pdbx_struct_oper_list.matrix[2][3] 
_pdbx_struct_oper_list.vector[2] 
_pdbx_struct_oper_list.matrix[3][1] 
_pdbx_struct_oper_list.matrix[3][2] 
_pdbx_struct_oper_list.matrix[3][3] 
_pdbx_struct_oper_list.vector[3] 
1 'identity operation'         1_555 x,y,z         1.0000000000  0.0000000000  0.0000000000 0.0000000000  0.0000000000  1.0000000000  0.0000000000  0.0000000000  0.0000000000 0.0000000000  1.0000000000 0.0000000000 
2 'crystal symmetry operation' 5_554 x-y,-y,-z-1/3 -0.8995195708 -0.1130679998 0.4219954612 11.1101957841 -0.1130679998 -0.8727675362 -0.4748604587 18.4233015804 0.4219954612 -0.4748604587 0.7722871069 2.2908507490 
# 
loop_
_struct_conf.conf_type_id 
_struct_conf.id 
_struct_conf.pdbx_PDB_helix_id 
_struct_conf.beg_label_comp_id 
_struct_conf.beg_label_asym_id 
_struct_conf.beg_label_seq_id 
_struct_conf.pdbx_beg_PDB_ins_code 
_struct_conf.end_label_comp_id 
_struct_conf.end_label_asym_id 
_struct_conf.end_label_seq_id 
_struct_conf.pdbx_end_PDB_ins_code 
_struct_conf.beg_auth_comp_id 
_struct_conf.beg_auth_asym_id 
_struct_conf.beg_auth_seq_id 
_struct_conf.end_auth_comp_id 
_struct_conf.end_auth_asym_id 
_struct_conf.end_auth_seq_id 
_struct_conf.pdbx_PDB_helix_class 
_struct_conf.details 
_struct_conf.pdbx_PDB_helix_length 
HELX_P HELX_P1 AA1 SER A 18 ? PHE A 35  ? SER A 304 PHE A 321 1 ? 18 
HELX_P HELX_P2 AA2 THR A 52 ? LYS A 74  ? THR A 338 LYS A 360 1 ? 23 
HELX_P HELX_P3 AA3 ASP A 78 ? SER A 80  ? ASP A 364 SER A 366 5 ? 3  
HELX_P HELX_P4 AA4 PRO A 96 ? ASN A 100 ? PRO A 382 ASN A 386 5 ? 5  
# 
_struct_conf_type.id          HELX_P 
_struct_conf_type.criteria    ? 
_struct_conf_type.reference   ? 
# 
_struct_mon_prot_cis.pdbx_id                1 
_struct_mon_prot_cis.label_comp_id          LYS 
_struct_mon_prot_cis.label_seq_id           95 
_struct_mon_prot_cis.label_asym_id          A 
_struct_mon_prot_cis.label_alt_id           . 
_struct_mon_prot_cis.pdbx_PDB_ins_code      ? 
_struct_mon_prot_cis.auth_comp_id           LYS 
_struct_mon_prot_cis.auth_seq_id            381 
_struct_mon_prot_cis.auth_asym_id           A 
_struct_mon_prot_cis.pdbx_label_comp_id_2   PRO 
_struct_mon_prot_cis.pdbx_label_seq_id_2    96 
_struct_mon_prot_cis.pdbx_label_asym_id_2   A 
_struct_mon_prot_cis.pdbx_PDB_ins_code_2    ? 
_struct_mon_prot_cis.pdbx_auth_comp_id_2    PRO 
_struct_mon_prot_cis.pdbx_auth_seq_id_2     382 
_struct_mon_prot_cis.pdbx_auth_asym_id_2    A 
_struct_mon_prot_cis.pdbx_PDB_model_num     1 
_struct_mon_prot_cis.pdbx_omega_angle       -3.87 
# 
_struct_sheet.id               AA1 
_struct_sheet.type             ? 
_struct_sheet.number_strands   4 
_struct_sheet.details          ? 
# 
loop_
_struct_sheet_order.sheet_id 
_struct_sheet_order.range_id_1 
_struct_sheet_order.range_id_2 
_struct_sheet_order.offset 
_struct_sheet_order.sense 
AA1 1 2 ? anti-parallel 
AA1 2 3 ? anti-parallel 
AA1 3 4 ? parallel      
# 
loop_
_struct_sheet_range.sheet_id 
_struct_sheet_range.id 
_struct_sheet_range.beg_label_comp_id 
_struct_sheet_range.beg_label_asym_id 
_struct_sheet_range.beg_label_seq_id 
_struct_sheet_range.pdbx_beg_PDB_ins_code 
_struct_sheet_range.end_label_comp_id 
_struct_sheet_range.end_label_asym_id 
_struct_sheet_range.end_label_seq_id 
_struct_sheet_range.pdbx_end_PDB_ins_code 
_struct_sheet_range.beg_auth_comp_id 
_struct_sheet_range.beg_auth_asym_id 
_struct_sheet_range.beg_auth_seq_id 
_struct_sheet_range.end_auth_comp_id 
_struct_sheet_range.end_auth_asym_id 
_struct_sheet_range.end_auth_seq_id 
AA1 1 ARG A 6   ? PHE A 9   ? ARG A 292 PHE A 295 
AA1 2 VAL A 102 ? SER A 107 ? VAL A 388 SER A 393 
AA1 3 TYR A 40  ? ASP A 47  ? TYR A 326 ASP A 333 
AA1 4 LEU A 82  ? VAL A 90  ? LEU A 368 VAL A 376 
# 
loop_
_pdbx_struct_sheet_hbond.sheet_id 
_pdbx_struct_sheet_hbond.range_id_1 
_pdbx_struct_sheet_hbond.range_id_2 
_pdbx_struct_sheet_hbond.range_1_label_atom_id 
_pdbx_struct_sheet_hbond.range_1_label_comp_id 
_pdbx_struct_sheet_hbond.range_1_label_asym_id 
_pdbx_struct_sheet_hbond.range_1_label_seq_id 
_pdbx_struct_sheet_hbond.range_1_PDB_ins_code 
_pdbx_struct_sheet_hbond.range_1_auth_atom_id 
_pdbx_struct_sheet_hbond.range_1_auth_comp_id 
_pdbx_struct_sheet_hbond.range_1_auth_asym_id 
_pdbx_struct_sheet_hbond.range_1_auth_seq_id 
_pdbx_struct_sheet_hbond.range_2_label_atom_id 
_pdbx_struct_sheet_hbond.range_2_label_comp_id 
_pdbx_struct_sheet_hbond.range_2_label_asym_id 
_pdbx_struct_sheet_hbond.range_2_label_seq_id 
_pdbx_struct_sheet_hbond.range_2_PDB_ins_code 
_pdbx_struct_sheet_hbond.range_2_auth_atom_id 
_pdbx_struct_sheet_hbond.range_2_auth_comp_id 
_pdbx_struct_sheet_hbond.range_2_auth_asym_id 
_pdbx_struct_sheet_hbond.range_2_auth_seq_id 
AA1 1 2 N ARG A 6   ? N ARG A 292 O VAL A 105 ? O VAL A 391 
AA1 2 3 O LEU A 104 ? O LEU A 390 N TYR A 43  ? N TYR A 329 
AA1 3 4 N ALA A 46  ? N ALA A 332 O VAL A 90  ? O VAL A 376 
# 
_pdbx_entry_details.entry_id                   9UU2 
_pdbx_entry_details.compound_details           ? 
_pdbx_entry_details.source_details             ? 
_pdbx_entry_details.nonpolymer_details         ? 
_pdbx_entry_details.sequence_details           ? 
_pdbx_entry_details.has_ligand_of_interest     ? 
_pdbx_entry_details.has_protein_modification   N 
# 
loop_
_space_group_symop.id 
_space_group_symop.operation_xyz 
1 x,y,z          
2 -y,x-y,z+1/3   
3 -x+y,-x,z+2/3  
4 x-y,-y,-z+2/3  
5 -x,-x+y,-z+1/3 
6 y,x,-z         
# 
loop_
_chem_comp_atom.comp_id 
_chem_comp_atom.atom_id 
_chem_comp_atom.type_symbol 
_chem_comp_atom.pdbx_aromatic_flag 
_chem_comp_atom.pdbx_stereo_config 
_chem_comp_atom.pdbx_ordinal 
ALA N    N N N 1   
ALA CA   C N S 2   
ALA C    C N N 3   
ALA O    O N N 4   
ALA CB   C N N 5   
ALA OXT  O N N 6   
ALA H    H N N 7   
ALA H2   H N N 8   
ALA HA   H N N 9   
ALA HB1  H N N 10  
ALA HB2  H N N 11  
ALA HB3  H N N 12  
ALA HXT  H N N 13  
ARG N    N N N 14  
ARG CA   C N S 15  
ARG C    C N N 16  
ARG O    O N N 17  
ARG CB   C N N 18  
ARG CG   C N N 19  
ARG CD   C N N 20  
ARG NE   N N N 21  
ARG CZ   C N N 22  
ARG NH1  N N N 23  
ARG NH2  N N N 24  
ARG OXT  O N N 25  
ARG H    H N N 26  
ARG H2   H N N 27  
ARG HA   H N N 28  
ARG HB2  H N N 29  
ARG HB3  H N N 30  
ARG HG2  H N N 31  
ARG HG3  H N N 32  
ARG HD2  H N N 33  
ARG HD3  H N N 34  
ARG HE   H N N 35  
ARG HH11 H N N 36  
ARG HH12 H N N 37  
ARG HH21 H N N 38  
ARG HH22 H N N 39  
ARG HXT  H N N 40  
ASN N    N N N 41  
ASN CA   C N S 42  
ASN C    C N N 43  
ASN O    O N N 44  
ASN CB   C N N 45  
ASN CG   C N N 46  
ASN OD1  O N N 47  
ASN ND2  N N N 48  
ASN OXT  O N N 49  
ASN H    H N N 50  
ASN H2   H N N 51  
ASN HA   H N N 52  
ASN HB2  H N N 53  
ASN HB3  H N N 54  
ASN HD21 H N N 55  
ASN HD22 H N N 56  
ASN HXT  H N N 57  
ASP N    N N N 58  
ASP CA   C N S 59  
ASP C    C N N 60  
ASP O    O N N 61  
ASP CB   C N N 62  
ASP CG   C N N 63  
ASP OD1  O N N 64  
ASP OD2  O N N 65  
ASP OXT  O N N 66  
ASP H    H N N 67  
ASP H2   H N N 68  
ASP HA   H N N 69  
ASP HB2  H N N 70  
ASP HB3  H N N 71  
ASP HD2  H N N 72  
ASP HXT  H N N 73  
GLN N    N N N 74  
GLN CA   C N S 75  
GLN C    C N N 76  
GLN O    O N N 77  
GLN CB   C N N 78  
GLN CG   C N N 79  
GLN CD   C N N 80  
GLN OE1  O N N 81  
GLN NE2  N N N 82  
GLN OXT  O N N 83  
GLN H    H N N 84  
GLN H2   H N N 85  
GLN HA   H N N 86  
GLN HB2  H N N 87  
GLN HB3  H N N 88  
GLN HG2  H N N 89  
GLN HG3  H N N 90  
GLN HE21 H N N 91  
GLN HE22 H N N 92  
GLN HXT  H N N 93  
GLU N    N N N 94  
GLU CA   C N S 95  
GLU C    C N N 96  
GLU O    O N N 97  
GLU CB   C N N 98  
GLU CG   C N N 99  
GLU CD   C N N 100 
GLU OE1  O N N 101 
GLU OE2  O N N 102 
GLU OXT  O N N 103 
GLU H    H N N 104 
GLU H2   H N N 105 
GLU HA   H N N 106 
GLU HB2  H N N 107 
GLU HB3  H N N 108 
GLU HG2  H N N 109 
GLU HG3  H N N 110 
GLU HE2  H N N 111 
GLU HXT  H N N 112 
GLY N    N N N 113 
GLY CA   C N N 114 
GLY C    C N N 115 
GLY O    O N N 116 
GLY OXT  O N N 117 
GLY H    H N N 118 
GLY H2   H N N 119 
GLY HA2  H N N 120 
GLY HA3  H N N 121 
GLY HXT  H N N 122 
HOH O    O N N 123 
HOH H1   H N N 124 
HOH H2   H N N 125 
ILE N    N N N 126 
ILE CA   C N S 127 
ILE C    C N N 128 
ILE O    O N N 129 
ILE CB   C N S 130 
ILE CG1  C N N 131 
ILE CG2  C N N 132 
ILE CD1  C N N 133 
ILE OXT  O N N 134 
ILE H    H N N 135 
ILE H2   H N N 136 
ILE HA   H N N 137 
ILE HB   H N N 138 
ILE HG12 H N N 139 
ILE HG13 H N N 140 
ILE HG21 H N N 141 
ILE HG22 H N N 142 
ILE HG23 H N N 143 
ILE HD11 H N N 144 
ILE HD12 H N N 145 
ILE HD13 H N N 146 
ILE HXT  H N N 147 
LEU N    N N N 148 
LEU CA   C N S 149 
LEU C    C N N 150 
LEU O    O N N 151 
LEU CB   C N N 152 
LEU CG   C N N 153 
LEU CD1  C N N 154 
LEU CD2  C N N 155 
LEU OXT  O N N 156 
LEU H    H N N 157 
LEU H2   H N N 158 
LEU HA   H N N 159 
LEU HB2  H N N 160 
LEU HB3  H N N 161 
LEU HG   H N N 162 
LEU HD11 H N N 163 
LEU HD12 H N N 164 
LEU HD13 H N N 165 
LEU HD21 H N N 166 
LEU HD22 H N N 167 
LEU HD23 H N N 168 
LEU HXT  H N N 169 
LYS N    N N N 170 
LYS CA   C N S 171 
LYS C    C N N 172 
LYS O    O N N 173 
LYS CB   C N N 174 
LYS CG   C N N 175 
LYS CD   C N N 176 
LYS CE   C N N 177 
LYS NZ   N N N 178 
LYS OXT  O N N 179 
LYS H    H N N 180 
LYS H2   H N N 181 
LYS HA   H N N 182 
LYS HB2  H N N 183 
LYS HB3  H N N 184 
LYS HG2  H N N 185 
LYS HG3  H N N 186 
LYS HD2  H N N 187 
LYS HD3  H N N 188 
LYS HE2  H N N 189 
LYS HE3  H N N 190 
LYS HZ1  H N N 191 
LYS HZ2  H N N 192 
LYS HZ3  H N N 193 
LYS HXT  H N N 194 
MET N    N N N 195 
MET CA   C N S 196 
MET C    C N N 197 
MET O    O N N 198 
MET CB   C N N 199 
MET CG   C N N 200 
MET SD   S N N 201 
MET CE   C N N 202 
MET OXT  O N N 203 
MET H    H N N 204 
MET H2   H N N 205 
MET HA   H N N 206 
MET HB2  H N N 207 
MET HB3  H N N 208 
MET HG2  H N N 209 
MET HG3  H N N 210 
MET HE1  H N N 211 
MET HE2  H N N 212 
MET HE3  H N N 213 
MET HXT  H N N 214 
PHE N    N N N 215 
PHE CA   C N S 216 
PHE C    C N N 217 
PHE O    O N N 218 
PHE CB   C N N 219 
PHE CG   C Y N 220 
PHE CD1  C Y N 221 
PHE CD2  C Y N 222 
PHE CE1  C Y N 223 
PHE CE2  C Y N 224 
PHE CZ   C Y N 225 
PHE OXT  O N N 226 
PHE H    H N N 227 
PHE H2   H N N 228 
PHE HA   H N N 229 
PHE HB2  H N N 230 
PHE HB3  H N N 231 
PHE HD1  H N N 232 
PHE HD2  H N N 233 
PHE HE1  H N N 234 
PHE HE2  H N N 235 
PHE HZ   H N N 236 
PHE HXT  H N N 237 
PRO N    N N N 238 
PRO CA   C N S 239 
PRO C    C N N 240 
PRO O    O N N 241 
PRO CB   C N N 242 
PRO CG   C N N 243 
PRO CD   C N N 244 
PRO OXT  O N N 245 
PRO H    H N N 246 
PRO HA   H N N 247 
PRO HB2  H N N 248 
PRO HB3  H N N 249 
PRO HG2  H N N 250 
PRO HG3  H N N 251 
PRO HD2  H N N 252 
PRO HD3  H N N 253 
PRO HXT  H N N 254 
SER N    N N N 255 
SER CA   C N S 256 
SER C    C N N 257 
SER O    O N N 258 
SER CB   C N N 259 
SER OG   O N N 260 
SER OXT  O N N 261 
SER H    H N N 262 
SER H2   H N N 263 
SER HA   H N N 264 
SER HB2  H N N 265 
SER HB3  H N N 266 
SER HG   H N N 267 
SER HXT  H N N 268 
THR N    N N N 269 
THR CA   C N S 270 
THR C    C N N 271 
THR O    O N N 272 
THR CB   C N R 273 
THR OG1  O N N 274 
THR CG2  C N N 275 
THR OXT  O N N 276 
THR H    H N N 277 
THR H2   H N N 278 
THR HA   H N N 279 
THR HB   H N N 280 
THR HG1  H N N 281 
THR HG21 H N N 282 
THR HG22 H N N 283 
THR HG23 H N N 284 
THR HXT  H N N 285 
TYR N    N N N 286 
TYR CA   C N S 287 
TYR C    C N N 288 
TYR O    O N N 289 
TYR CB   C N N 290 
TYR CG   C Y N 291 
TYR CD1  C Y N 292 
TYR CD2  C Y N 293 
TYR CE1  C Y N 294 
TYR CE2  C Y N 295 
TYR CZ   C Y N 296 
TYR OH   O N N 297 
TYR OXT  O N N 298 
TYR H    H N N 299 
TYR H2   H N N 300 
TYR HA   H N N 301 
TYR HB2  H N N 302 
TYR HB3  H N N 303 
TYR HD1  H N N 304 
TYR HD2  H N N 305 
TYR HE1  H N N 306 
TYR HE2  H N N 307 
TYR HH   H N N 308 
TYR HXT  H N N 309 
VAL N    N N N 310 
VAL CA   C N S 311 
VAL C    C N N 312 
VAL O    O N N 313 
VAL CB   C N N 314 
VAL CG1  C N N 315 
VAL CG2  C N N 316 
VAL OXT  O N N 317 
VAL H    H N N 318 
VAL H2   H N N 319 
VAL HA   H N N 320 
VAL HB   H N N 321 
VAL HG11 H N N 322 
VAL HG12 H N N 323 
VAL HG13 H N N 324 
VAL HG21 H N N 325 
VAL HG22 H N N 326 
VAL HG23 H N N 327 
VAL HXT  H N N 328 
# 
loop_
_chem_comp_bond.comp_id 
_chem_comp_bond.atom_id_1 
_chem_comp_bond.atom_id_2 
_chem_comp_bond.value_order 
_chem_comp_bond.pdbx_aromatic_flag 
_chem_comp_bond.pdbx_stereo_config 
_chem_comp_bond.pdbx_ordinal 
ALA N   CA   sing N N 1   
ALA N   H    sing N N 2   
ALA N   H2   sing N N 3   
ALA CA  C    sing N N 4   
ALA CA  CB   sing N N 5   
ALA CA  HA   sing N N 6   
ALA C   O    doub N N 7   
ALA C   OXT  sing N N 8   
ALA CB  HB1  sing N N 9   
ALA CB  HB2  sing N N 10  
ALA CB  HB3  sing N N 11  
ALA OXT HXT  sing N N 12  
ARG N   CA   sing N N 13  
ARG N   H    sing N N 14  
ARG N   H2   sing N N 15  
ARG CA  C    sing N N 16  
ARG CA  CB   sing N N 17  
ARG CA  HA   sing N N 18  
ARG C   O    doub N N 19  
ARG C   OXT  sing N N 20  
ARG CB  CG   sing N N 21  
ARG CB  HB2  sing N N 22  
ARG CB  HB3  sing N N 23  
ARG CG  CD   sing N N 24  
ARG CG  HG2  sing N N 25  
ARG CG  HG3  sing N N 26  
ARG CD  NE   sing N N 27  
ARG CD  HD2  sing N N 28  
ARG CD  HD3  sing N N 29  
ARG NE  CZ   sing N N 30  
ARG NE  HE   sing N N 31  
ARG CZ  NH1  sing N N 32  
ARG CZ  NH2  doub N N 33  
ARG NH1 HH11 sing N N 34  
ARG NH1 HH12 sing N N 35  
ARG NH2 HH21 sing N N 36  
ARG NH2 HH22 sing N N 37  
ARG OXT HXT  sing N N 38  
ASN N   CA   sing N N 39  
ASN N   H    sing N N 40  
ASN N   H2   sing N N 41  
ASN CA  C    sing N N 42  
ASN CA  CB   sing N N 43  
ASN CA  HA   sing N N 44  
ASN C   O    doub N N 45  
ASN C   OXT  sing N N 46  
ASN CB  CG   sing N N 47  
ASN CB  HB2  sing N N 48  
ASN CB  HB3  sing N N 49  
ASN CG  OD1  doub N N 50  
ASN CG  ND2  sing N N 51  
ASN ND2 HD21 sing N N 52  
ASN ND2 HD22 sing N N 53  
ASN OXT HXT  sing N N 54  
ASP N   CA   sing N N 55  
ASP N   H    sing N N 56  
ASP N   H2   sing N N 57  
ASP CA  C    sing N N 58  
ASP CA  CB   sing N N 59  
ASP CA  HA   sing N N 60  
ASP C   O    doub N N 61  
ASP C   OXT  sing N N 62  
ASP CB  CG   sing N N 63  
ASP CB  HB2  sing N N 64  
ASP CB  HB3  sing N N 65  
ASP CG  OD1  doub N N 66  
ASP CG  OD2  sing N N 67  
ASP OD2 HD2  sing N N 68  
ASP OXT HXT  sing N N 69  
GLN N   CA   sing N N 70  
GLN N   H    sing N N 71  
GLN N   H2   sing N N 72  
GLN CA  C    sing N N 73  
GLN CA  CB   sing N N 74  
GLN CA  HA   sing N N 75  
GLN C   O    doub N N 76  
GLN C   OXT  sing N N 77  
GLN CB  CG   sing N N 78  
GLN CB  HB2  sing N N 79  
GLN CB  HB3  sing N N 80  
GLN CG  CD   sing N N 81  
GLN CG  HG2  sing N N 82  
GLN CG  HG3  sing N N 83  
GLN CD  OE1  doub N N 84  
GLN CD  NE2  sing N N 85  
GLN NE2 HE21 sing N N 86  
GLN NE2 HE22 sing N N 87  
GLN OXT HXT  sing N N 88  
GLU N   CA   sing N N 89  
GLU N   H    sing N N 90  
GLU N   H2   sing N N 91  
GLU CA  C    sing N N 92  
GLU CA  CB   sing N N 93  
GLU CA  HA   sing N N 94  
GLU C   O    doub N N 95  
GLU C   OXT  sing N N 96  
GLU CB  CG   sing N N 97  
GLU CB  HB2  sing N N 98  
GLU CB  HB3  sing N N 99  
GLU CG  CD   sing N N 100 
GLU CG  HG2  sing N N 101 
GLU CG  HG3  sing N N 102 
GLU CD  OE1  doub N N 103 
GLU CD  OE2  sing N N 104 
GLU OE2 HE2  sing N N 105 
GLU OXT HXT  sing N N 106 
GLY N   CA   sing N N 107 
GLY N   H    sing N N 108 
GLY N   H2   sing N N 109 
GLY CA  C    sing N N 110 
GLY CA  HA2  sing N N 111 
GLY CA  HA3  sing N N 112 
GLY C   O    doub N N 113 
GLY C   OXT  sing N N 114 
GLY OXT HXT  sing N N 115 
HOH O   H1   sing N N 116 
HOH O   H2   sing N N 117 
ILE N   CA   sing N N 118 
ILE N   H    sing N N 119 
ILE N   H2   sing N N 120 
ILE CA  C    sing N N 121 
ILE CA  CB   sing N N 122 
ILE CA  HA   sing N N 123 
ILE C   O    doub N N 124 
ILE C   OXT  sing N N 125 
ILE CB  CG1  sing N N 126 
ILE CB  CG2  sing N N 127 
ILE CB  HB   sing N N 128 
ILE CG1 CD1  sing N N 129 
ILE CG1 HG12 sing N N 130 
ILE CG1 HG13 sing N N 131 
ILE CG2 HG21 sing N N 132 
ILE CG2 HG22 sing N N 133 
ILE CG2 HG23 sing N N 134 
ILE CD1 HD11 sing N N 135 
ILE CD1 HD12 sing N N 136 
ILE CD1 HD13 sing N N 137 
ILE OXT HXT  sing N N 138 
LEU N   CA   sing N N 139 
LEU N   H    sing N N 140 
LEU N   H2   sing N N 141 
LEU CA  C    sing N N 142 
LEU CA  CB   sing N N 143 
LEU CA  HA   sing N N 144 
LEU C   O    doub N N 145 
LEU C   OXT  sing N N 146 
LEU CB  CG   sing N N 147 
LEU CB  HB2  sing N N 148 
LEU CB  HB3  sing N N 149 
LEU CG  CD1  sing N N 150 
LEU CG  CD2  sing N N 151 
LEU CG  HG   sing N N 152 
LEU CD1 HD11 sing N N 153 
LEU CD1 HD12 sing N N 154 
LEU CD1 HD13 sing N N 155 
LEU CD2 HD21 sing N N 156 
LEU CD2 HD22 sing N N 157 
LEU CD2 HD23 sing N N 158 
LEU OXT HXT  sing N N 159 
LYS N   CA   sing N N 160 
LYS N   H    sing N N 161 
LYS N   H2   sing N N 162 
LYS CA  C    sing N N 163 
LYS CA  CB   sing N N 164 
LYS CA  HA   sing N N 165 
LYS C   O    doub N N 166 
LYS C   OXT  sing N N 167 
LYS CB  CG   sing N N 168 
LYS CB  HB2  sing N N 169 
LYS CB  HB3  sing N N 170 
LYS CG  CD   sing N N 171 
LYS CG  HG2  sing N N 172 
LYS CG  HG3  sing N N 173 
LYS CD  CE   sing N N 174 
LYS CD  HD2  sing N N 175 
LYS CD  HD3  sing N N 176 
LYS CE  NZ   sing N N 177 
LYS CE  HE2  sing N N 178 
LYS CE  HE3  sing N N 179 
LYS NZ  HZ1  sing N N 180 
LYS NZ  HZ2  sing N N 181 
LYS NZ  HZ3  sing N N 182 
LYS OXT HXT  sing N N 183 
MET N   CA   sing N N 184 
MET N   H    sing N N 185 
MET N   H2   sing N N 186 
MET CA  C    sing N N 187 
MET CA  CB   sing N N 188 
MET CA  HA   sing N N 189 
MET C   O    doub N N 190 
MET C   OXT  sing N N 191 
MET CB  CG   sing N N 192 
MET CB  HB2  sing N N 193 
MET CB  HB3  sing N N 194 
MET CG  SD   sing N N 195 
MET CG  HG2  sing N N 196 
MET CG  HG3  sing N N 197 
MET SD  CE   sing N N 198 
MET CE  HE1  sing N N 199 
MET CE  HE2  sing N N 200 
MET CE  HE3  sing N N 201 
MET OXT HXT  sing N N 202 
PHE N   CA   sing N N 203 
PHE N   H    sing N N 204 
PHE N   H2   sing N N 205 
PHE CA  C    sing N N 206 
PHE CA  CB   sing N N 207 
PHE CA  HA   sing N N 208 
PHE C   O    doub N N 209 
PHE C   OXT  sing N N 210 
PHE CB  CG   sing N N 211 
PHE CB  HB2  sing N N 212 
PHE CB  HB3  sing N N 213 
PHE CG  CD1  doub Y N 214 
PHE CG  CD2  sing Y N 215 
PHE CD1 CE1  sing Y N 216 
PHE CD1 HD1  sing N N 217 
PHE CD2 CE2  doub Y N 218 
PHE CD2 HD2  sing N N 219 
PHE CE1 CZ   doub Y N 220 
PHE CE1 HE1  sing N N 221 
PHE CE2 CZ   sing Y N 222 
PHE CE2 HE2  sing N N 223 
PHE CZ  HZ   sing N N 224 
PHE OXT HXT  sing N N 225 
PRO N   CA   sing N N 226 
PRO N   CD   sing N N 227 
PRO N   H    sing N N 228 
PRO CA  C    sing N N 229 
PRO CA  CB   sing N N 230 
PRO CA  HA   sing N N 231 
PRO C   O    doub N N 232 
PRO C   OXT  sing N N 233 
PRO CB  CG   sing N N 234 
PRO CB  HB2  sing N N 235 
PRO CB  HB3  sing N N 236 
PRO CG  CD   sing N N 237 
PRO CG  HG2  sing N N 238 
PRO CG  HG3  sing N N 239 
PRO CD  HD2  sing N N 240 
PRO CD  HD3  sing N N 241 
PRO OXT HXT  sing N N 242 
SER N   CA   sing N N 243 
SER N   H    sing N N 244 
SER N   H2   sing N N 245 
SER CA  C    sing N N 246 
SER CA  CB   sing N N 247 
SER CA  HA   sing N N 248 
SER C   O    doub N N 249 
SER C   OXT  sing N N 250 
SER CB  OG   sing N N 251 
SER CB  HB2  sing N N 252 
SER CB  HB3  sing N N 253 
SER OG  HG   sing N N 254 
SER OXT HXT  sing N N 255 
THR N   CA   sing N N 256 
THR N   H    sing N N 257 
THR N   H2   sing N N 258 
THR CA  C    sing N N 259 
THR CA  CB   sing N N 260 
THR CA  HA   sing N N 261 
THR C   O    doub N N 262 
THR C   OXT  sing N N 263 
THR CB  OG1  sing N N 264 
THR CB  CG2  sing N N 265 
THR CB  HB   sing N N 266 
THR OG1 HG1  sing N N 267 
THR CG2 HG21 sing N N 268 
THR CG2 HG22 sing N N 269 
THR CG2 HG23 sing N N 270 
THR OXT HXT  sing N N 271 
TYR N   CA   sing N N 272 
TYR N   H    sing N N 273 
TYR N   H2   sing N N 274 
TYR CA  C    sing N N 275 
TYR CA  CB   sing N N 276 
TYR CA  HA   sing N N 277 
TYR C   O    doub N N 278 
TYR C   OXT  sing N N 279 
TYR CB  CG   sing N N 280 
TYR CB  HB2  sing N N 281 
TYR CB  HB3  sing N N 282 
TYR CG  CD1  doub Y N 283 
TYR CG  CD2  sing Y N 284 
TYR CD1 CE1  sing Y N 285 
TYR CD1 HD1  sing N N 286 
TYR CD2 CE2  doub Y N 287 
TYR CD2 HD2  sing N N 288 
TYR CE1 CZ   doub Y N 289 
TYR CE1 HE1  sing N N 290 
TYR CE2 CZ   sing Y N 291 
TYR CE2 HE2  sing N N 292 
TYR CZ  OH   sing N N 293 
TYR OH  HH   sing N N 294 
TYR OXT HXT  sing N N 295 
VAL N   CA   sing N N 296 
VAL N   H    sing N N 297 
VAL N   H2   sing N N 298 
VAL CA  C    sing N N 299 
VAL CA  CB   sing N N 300 
VAL CA  HA   sing N N 301 
VAL C   O    doub N N 302 
VAL C   OXT  sing N N 303 
VAL CB  CG1  sing N N 304 
VAL CB  CG2  sing N N 305 
VAL CB  HB   sing N N 306 
VAL CG1 HG11 sing N N 307 
VAL CG1 HG12 sing N N 308 
VAL CG1 HG13 sing N N 309 
VAL CG2 HG21 sing N N 310 
VAL CG2 HG22 sing N N 311 
VAL CG2 HG23 sing N N 312 
VAL OXT HXT  sing N N 313 
# 
_pdbx_audit_support.funding_organization   'Not funded' 
_pdbx_audit_support.country                ? 
_pdbx_audit_support.grant_number           ? 
_pdbx_audit_support.ordinal                1 
# 
_pdbx_initial_refinement_model.id               1 
_pdbx_initial_refinement_model.entity_id_list   ? 
_pdbx_initial_refinement_model.type             'in silico model' 
_pdbx_initial_refinement_model.source_name      AlphaFold 
_pdbx_initial_refinement_model.accession_code   ? 
_pdbx_initial_refinement_model.details          ? 
# 
_space_group.name_H-M_alt     'P 31 2 1' 
_space_group.name_Hall        
;P 31 2"
;
_space_group.IT_number        152 
_space_group.crystal_system   trigonal 
_space_group.id               1 
# 
_atom_sites.entry_id                    9UU2 
_atom_sites.Cartn_transf_matrix[1][1]   ? 
_atom_sites.Cartn_transf_matrix[1][2]   ? 
_atom_sites.Cartn_transf_matrix[1][3]   ? 
_atom_sites.Cartn_transf_matrix[2][1]   ? 
_atom_sites.Cartn_transf_matrix[2][2]   ? 
_atom_sites.Cartn_transf_matrix[2][3]   ? 
_atom_sites.Cartn_transf_matrix[3][1]   ? 
_atom_sites.Cartn_transf_matrix[3][2]   ? 
_atom_sites.Cartn_transf_matrix[3][3]   ? 
_atom_sites.Cartn_transf_vector[1]      ? 
_atom_sites.Cartn_transf_vector[2]      ? 
_atom_sites.Cartn_transf_vector[3]      ? 
_atom_sites.Cartn_transform_axes        ? 
_atom_sites.fract_transf_matrix[1][1]   0.00325905 
_atom_sites.fract_transf_matrix[1][2]   0.00665114 
_atom_sites.fract_transf_matrix[1][3]   0.02494824 
_atom_sites.fract_transf_matrix[2][1]   -0.00358552 
_atom_sites.fract_transf_matrix[2][2]   0.02467241 
_atom_sites.fract_transf_matrix[2][3]   0.00746438 
_atom_sites.fract_transf_matrix[3][1]   -0.00939009 
_atom_sites.fract_transf_matrix[3][2]   -0.00188801 
_atom_sites.fract_transf_matrix[3][3]   0.00172999 
_atom_sites.fract_transf_vector[1]      -0.478811 
_atom_sites.fract_transf_vector[2]      -0.215906 
_atom_sites.fract_transf_vector[3]      -0.099098 
_atom_sites.solution_primary            ? 
_atom_sites.solution_secondary          ? 
_atom_sites.solution_hydrogens          ? 
_atom_sites.special_details             ? 
# 
loop_
_atom_type.symbol 
_atom_type.scat_dispersion_real 
_atom_type.scat_dispersion_imag 
_atom_type.scat_Cromer_Mann_a1 
_atom_type.scat_Cromer_Mann_a2 
_atom_type.scat_Cromer_Mann_a3 
_atom_type.scat_Cromer_Mann_a4 
_atom_type.scat_Cromer_Mann_b1 
_atom_type.scat_Cromer_Mann_b2 
_atom_type.scat_Cromer_Mann_b3 
_atom_type.scat_Cromer_Mann_b4 
_atom_type.scat_Cromer_Mann_c 
_atom_type.scat_source 
_atom_type.scat_dispersion_source 
C ? ? 3.54356 2.42580 ? ? 25.62398 1.50364  ? ? 0.0 
;2-Gaussian fit: Grosse-Kunstleve RW, Sauter NK, Adams PD: Newsletter of the IUCr Commission on Crystallographic Computing 2004, 3, 22-31.
;
? 
N ? ? 4.01032 2.96436 ? ? 19.97189 1.75589  ? ? 0.0 
;2-Gaussian fit: Grosse-Kunstleve RW, Sauter NK, Adams PD: Newsletter of the IUCr Commission on Crystallographic Computing 2004, 3, 22-31.
;
? 
O ? ? 4.49882 3.47563 ? ? 15.80542 1.70748  ? ? 0.0 
;2-Gaussian fit: Grosse-Kunstleve RW, Sauter NK, Adams PD: Newsletter of the IUCr Commission on Crystallographic Computing 2004, 3, 22-31.
;
? 
S ? ? 9.55732 6.39887 ? ? 1.23737  29.19336 ? ? 0.0 
;2-Gaussian fit: Grosse-Kunstleve RW, Sauter NK, Adams PD: Newsletter of the IUCr Commission on Crystallographic Computing 2004, 3, 22-31.
;
? 
# 
loop_
_atom_site.group_PDB 
_atom_site.id 
_atom_site.type_symbol 
_atom_site.label_atom_id 
_atom_site.label_alt_id 
_atom_site.label_comp_id 
_atom_site.label_asym_id 
_atom_site.label_entity_id 
_atom_site.label_seq_id 
_atom_site.pdbx_PDB_ins_code 
_atom_site.Cartn_x 
_atom_site.Cartn_y 
_atom_site.Cartn_z 
_atom_site.occupancy 
_atom_site.B_iso_or_equiv 
_atom_site.pdbx_formal_charge 
_atom_site.auth_seq_id 
_atom_site.auth_comp_id 
_atom_site.auth_asym_id 
_atom_site.auth_atom_id 
_atom_site.pdbx_PDB_model_num 
ATOM   1   N N   . ALA A 1 1   ? 6.54236   3.82981   18.91992  1.000 90.99447 ? 287 ALA A N   1 
ATOM   2   C CA  . ALA A 1 1   ? 7.57261   3.42234   17.96995  1.000 84.28447 ? 287 ALA A CA  1 
ATOM   3   C C   . ALA A 1 1   ? 6.92879   2.93506   16.67688  1.000 76.70585 ? 287 ALA A C   1 
ATOM   4   O O   . ALA A 1 1   ? 7.56514   2.27201   15.85628  1.000 74.66300 ? 287 ALA A O   1 
ATOM   5   C CB  . ALA A 1 1   ? 8.46116   2.34035   18.57131  1.000 84.27611 ? 287 ALA A CB  1 
ATOM   6   N N   . ASN A 1 2   ? 5.65416   3.27072   16.50683  1.000 76.63335 ? 288 ASN A N   1 
ATOM   7   C CA  . ASN A 1 2   ? 4.91556   2.87114   15.31871  1.000 66.43929 ? 288 ASN A CA  1 
ATOM   8   C C   . ASN A 1 2   ? 5.03771   3.93526   14.23231  1.000 58.20335 ? 288 ASN A C   1 
ATOM   9   O O   . ASN A 1 2   ? 5.04373   5.13473   14.51537  1.000 56.00798 ? 288 ASN A O   1 
ATOM   10  C CB  . ASN A 1 2   ? 3.45190   2.62494   15.67283  1.000 62.50887 ? 288 ASN A CB  1 
ATOM   11  C CG  . ASN A 1 2   ? 3.23432   1.27610   16.34626  1.000 66.62984 ? 288 ASN A CG  1 
ATOM   12  O OD1 . ASN A 1 2   ? 2.11082   0.78199   16.40596  1.000 68.58418 ? 288 ASN A OD1 1 
ATOM   13  N ND2 . ASN A 1 2   ? 4.31333   0.66659   16.83523  1.000 69.17276 ? 288 ASN A ND2 1 
ATOM   14  N N   . ILE A 1 3   ? 5.13106   3.48700   12.97962  1.000 52.01005 ? 289 ILE A N   1 
ATOM   15  C CA  . ILE A 1 3   ? 5.45224   4.40389   11.88808  1.000 44.93978 ? 289 ILE A CA  1 
ATOM   16  C C   . ILE A 1 3   ? 4.33061   5.41526   11.68430  1.000 42.63421 ? 289 ILE A C   1 
ATOM   17  O O   . ILE A 1 3   ? 3.16202   5.18522   12.02125  1.000 38.28888 ? 289 ILE A O   1 
ATOM   18  C CB  . ILE A 1 3   ? 5.72607   3.62894   10.59117  1.000 41.51138 ? 289 ILE A CB  1 
ATOM   19  C CG1 . ILE A 1 3   ? 4.43829   2.96518   10.08859  1.000 37.16472 ? 289 ILE A CG1 1 
ATOM   20  C CG2 . ILE A 1 3   ? 6.82297   2.60614   10.80842  1.000 42.78799 ? 289 ILE A CG2 1 
ATOM   21  C CD1 . ILE A 1 3   ? 4.50894   2.49949   8.66000   1.000 37.29298 ? 289 ILE A CD1 1 
ATOM   22  N N   . ALA A 1 4   ? 4.69301   6.55097   11.11565  1.000 38.64161 ? 290 ALA A N   1 
ATOM   23  C CA  . ALA A 1 4   ? 3.67732   7.40728   10.52542  1.000 38.52074 ? 290 ALA A CA  1 
ATOM   24  C C   . ALA A 1 4   ? 3.12754   6.69224   9.29844   1.000 35.29577 ? 290 ALA A C   1 
ATOM   25  O O   . ALA A 1 4   ? 3.91275   6.26001   8.44920   1.000 38.62802 ? 290 ALA A O   1 
ATOM   26  C CB  . ALA A 1 4   ? 4.26083   8.76610   10.14472  1.000 34.56839 ? 290 ALA A CB  1 
ATOM   27  N N   . PRO A 1 5   ? 1.81078   6.49866   9.19413   1.000 36.83140 ? 291 PRO A N   1 
ATOM   28  C CA  . PRO A 1 5   ? 1.25411   5.77468   8.04363   1.000 32.90945 ? 291 PRO A CA  1 
ATOM   29  C C   . PRO A 1 5   ? 1.85882   6.24599   6.72859   1.000 33.11250 ? 291 PRO A C   1 
ATOM   30  O O   . PRO A 1 5   ? 1.98108   7.44508   6.47264   1.000 32.33541 ? 291 PRO A O   1 
ATOM   31  C CB  . PRO A 1 5   ? -0.24576  6.08755   8.13170   1.000 33.47350 ? 291 PRO A CB  1 
ATOM   32  C CG  . PRO A 1 5   ? -0.48398  6.23344   9.59558   1.000 33.97775 ? 291 PRO A CG  1 
ATOM   33  C CD  . PRO A 1 5   ? 0.76604   6.86729   10.16858  1.000 34.79419 ? 291 PRO A CD  1 
ATOM   34  N N   . ARG A 1 6   ? 2.27897   5.28006   5.91116   1.000 36.72730 ? 292 ARG A N   1 
ATOM   35  C CA  . ARG A 1 6   ? 2.99693   5.54355   4.67068   1.000 33.89652 ? 292 ARG A CA  1 
ATOM   36  C C   . ARG A 1 6   ? 2.03201   5.54232   3.49389   1.000 35.92885 ? 292 ARG A C   1 
ATOM   37  O O   . ARG A 1 6   ? 1.24363   4.60248   3.33245   1.000 35.94532 ? 292 ARG A O   1 
ATOM   38  C CB  . ARG A 1 6   ? 4.07698   4.48850   4.44852   1.000 34.02777 ? 292 ARG A CB  1 
ATOM   39  C CG  . ARG A 1 6   ? 5.19499   4.95760   3.54300   1.000 32.20203 ? 292 ARG A CG  1 
ATOM   40  C CD  . ARG A 1 6   ? 6.14049   5.84189   4.32098   1.000 31.46693 ? 292 ARG A CD  1 
ATOM   41  N NE  . ARG A 1 6   ? 7.32640   6.12296   3.53218   1.000 31.54176 ? 292 ARG A NE  1 
ATOM   42  C CZ  . ARG A 1 6   ? 8.39706   6.72233   4.01798   1.000 33.47851 ? 292 ARG A CZ  1 
ATOM   43  N NH1 . ARG A 1 6   ? 8.40478   7.10109   5.28787   1.000 29.50248 ? 292 ARG A NH1 1 
ATOM   44  N NH2 . ARG A 1 6   ? 9.44433   6.94924   3.22683   1.000 30.77400 ? 292 ARG A NH2 1 
ATOM   45  N N   . THR A 1 7   ? 2.09758   6.58709   2.67397   1.000 33.40817 ? 293 THR A N   1 
ATOM   46  C CA  . THR A 1 7   ? 1.21948   6.72746   1.51823   1.000 34.30568 ? 293 THR A CA  1 
ATOM   47  C C   . THR A 1 7   ? 1.97052   6.36308   0.24246   1.000 33.45013 ? 293 THR A C   1 
ATOM   48  O O   . THR A 1 7   ? 3.04668   6.90374   -0.03024  1.000 34.92717 ? 293 THR A O   1 
ATOM   49  C CB  . THR A 1 7   ? 0.66826   8.15374   1.41759   1.000 32.47180 ? 293 THR A CB  1 
ATOM   50  O OG1 . THR A 1 7   ? 1.75325   9.08318   1.41068   1.000 28.77603 ? 293 THR A OG1 1 
ATOM   51  C CG2 . THR A 1 7   ? -0.22325  8.46567   2.60156   1.000 31.48855 ? 293 THR A CG2 1 
ATOM   52  N N   . VAL A 1 8   ? 1.40212   5.44330   -0.52976  1.000 31.49488 ? 294 VAL A N   1 
ATOM   53  C CA  . VAL A 1 8   ? 1.93083   5.02208   -1.82588  1.000 32.75385 ? 294 VAL A CA  1 
ATOM   54  C C   . VAL A 1 8   ? 0.82066   5.22197   -2.84911  1.000 33.46023 ? 294 VAL A C   1 
ATOM   55  O O   . VAL A 1 8   ? -0.22433  4.56236   -2.76498  1.000 32.22970 ? 294 VAL A O   1 
ATOM   56  C CB  . VAL A 1 8   ? 2.37223   3.54883   -1.80020  1.000 35.28388 ? 294 VAL A CB  1 
ATOM   57  C CG1 . VAL A 1 8   ? 2.81149   3.08944   -3.18592  1.000 32.58625 ? 294 VAL A CG1 1 
ATOM   58  C CG2 . VAL A 1 8   ? 3.42725   3.31064   -0.73354  1.000 35.33355 ? 294 VAL A CG2 1 
ATOM   59  N N   . PHE A 1 9   ? 1.03025   6.12886   -3.79779  1.000 32.18474 ? 295 PHE A N   1 
ATOM   60  C CA  . PHE A 1 9   ? 0.01149   6.48452   -4.77436  1.000 32.06098 ? 295 PHE A CA  1 
ATOM   61  C C   . PHE A 1 9   ? 0.22694   5.75629   -6.09838  1.000 34.08920 ? 295 PHE A C   1 
ATOM   62  O O   . PHE A 1 9   ? 1.33867   5.34467   -6.43537  1.000 31.19533 ? 295 PHE A O   1 
ATOM   63  C CB  . PHE A 1 9   ? -0.00940  7.99873   -4.99783  1.000 29.12852 ? 295 PHE A CB  1 
ATOM   64  C CG  . PHE A 1 9   ? -0.45816  8.76906   -3.79168  1.000 32.20198 ? 295 PHE A CG  1 
ATOM   65  C CD1 . PHE A 1 9   ? -1.81017  8.88273   -3.49724  1.000 28.47379 ? 295 PHE A CD1 1 
ATOM   66  C CD2 . PHE A 1 9   ? 0.46083   9.35972   -2.94423  1.000 34.06605 ? 295 PHE A CD2 1 
ATOM   67  C CE1 . PHE A 1 9   ? -2.24858  9.57614   -2.38043  1.000 28.60989 ? 295 PHE A CE1 1 
ATOM   68  C CE2 . PHE A 1 9   ? 0.03766   10.05540  -1.81772  1.000 34.71910 ? 295 PHE A CE2 1 
ATOM   69  C CZ  . PHE A 1 9   ? -1.33679  10.16019  -1.53717  1.000 31.79006 ? 295 PHE A CZ  1 
ATOM   70  N N   . PHE A 1 10  ? -0.86626  5.61400   -6.85286  1.000 28.98719 ? 296 PHE A N   1 
ATOM   71  C CA  . PHE A 1 10  ? -0.89287  4.85232   -8.09391  1.000 32.07486 ? 296 PHE A CA  1 
ATOM   72  C C   . PHE A 1 10  ? -1.61747  5.64812   -9.17469  1.000 33.91459 ? 296 PHE A C   1 
ATOM   73  O O   . PHE A 1 10  ? -2.43162  6.52975   -8.88795  1.000 34.61780 ? 296 PHE A O   1 
ATOM   74  C CB  . PHE A 1 10  ? -1.59179  3.48699   -7.91924  1.000 32.00675 ? 296 PHE A CB  1 
ATOM   75  C CG  . PHE A 1 10  ? -0.91839  2.56386   -6.93334  1.000 31.42877 ? 296 PHE A CG  1 
ATOM   76  C CD1 . PHE A 1 10  ? -1.13258  2.69576   -5.57252  1.000 33.34815 ? 296 PHE A CD1 1 
ATOM   77  C CD2 . PHE A 1 10  ? -0.09289  1.54202   -7.37382  1.000 30.70805 ? 296 PHE A CD2 1 
ATOM   78  C CE1 . PHE A 1 10  ? -0.52110  1.83367   -4.66715  1.000 32.60825 ? 296 PHE A CE1 1 
ATOM   79  C CE2 . PHE A 1 10  ? 0.50928   0.67614   -6.47735  1.000 30.97096 ? 296 PHE A CE2 1 
ATOM   80  C CZ  . PHE A 1 10  ? 0.29722   0.82110   -5.12496  1.000 29.23422 ? 296 PHE A CZ  1 
ATOM   81  N N   . THR A 1 11  ? -1.30773  5.33603   -10.42961 1.000 33.13384 ? 297 THR A N   1 
ATOM   82  C CA  . THR A 1 11  ? -2.01448  5.94338   -11.54610 1.000 33.42060 ? 297 THR A CA  1 
ATOM   83  C C   . THR A 1 11  ? -3.30987  5.18500   -11.82295 1.000 34.92141 ? 297 THR A C   1 
ATOM   84  O O   . THR A 1 11  ? -3.57211  4.12133   -11.25895 1.000 34.90563 ? 297 THR A O   1 
ATOM   85  C CB  . THR A 1 11  ? -1.15195  5.95782   -12.80525 1.000 32.96974 ? 297 THR A CB  1 
ATOM   86  O OG1 . THR A 1 11  ? -0.87189  4.61069   -13.20197 1.000 32.53210 ? 297 THR A OG1 1 
ATOM   87  C CG2 . THR A 1 11  ? 0.16519   6.71063   -12.55547 1.000 34.05160 ? 297 THR A CG2 1 
ATOM   88  N N   . ILE A 1 12  ? -4.10813  5.73245   -12.73603 1.000 35.26944 ? 298 ILE A N   1 
ATOM   89  C CA  . ILE A 1 12  ? -5.48498  5.27862   -12.89702 1.000 35.74424 ? 298 ILE A CA  1 
ATOM   90  C C   . ILE A 1 12  ? -5.50135  3.83664   -13.39105 1.000 38.32592 ? 298 ILE A C   1 
ATOM   91  O O   . ILE A 1 12  ? -4.76834  3.46495   -14.31885 1.000 37.54405 ? 298 ILE A O   1 
ATOM   92  C CB  . ILE A 1 12  ? -6.25289  6.22650   -13.83398 1.000 38.42674 ? 298 ILE A CB  1 
ATOM   93  C CG1 . ILE A 1 12  ? -7.74132  5.87049   -13.86662 1.000 38.16993 ? 298 ILE A CG1 1 
ATOM   94  C CG2 . ILE A 1 12  ? -5.63413  6.24172   -15.23628 1.000 42.00620 ? 298 ILE A CG2 1 
ATOM   95  C CD1 . ILE A 1 12  ? -8.62412  6.96582   -14.48474 1.000 39.31984 ? 298 ILE A CD1 1 
ATOM   96  N N   . GLY A 1 13  ? -6.28842  2.99973   -12.71776 1.000 39.29552 ? 299 GLY A N   1 
ATOM   97  C CA  . GLY A 1 13  ? -6.42273  1.59822   -13.05601 1.000 39.20646 ? 299 GLY A CA  1 
ATOM   98  C C   . GLY A 1 13  ? -5.18113  0.74001   -12.91857 1.000 41.84839 ? 299 GLY A C   1 
ATOM   99  O O   . GLY A 1 13  ? -5.20192  -0.41628  -13.34766 1.000 43.36990 ? 299 GLY A O   1 
ATOM   100 N N   . SER A 1 14  ? -4.10834  1.25792   -12.31084 1.000 37.45427 ? 300 SER A N   1 
ATOM   101 C CA  . SER A 1 14  ? -2.81004  0.59062   -12.31424 1.000 37.88180 ? 300 SER A CA  1 
ATOM   102 C C   . SER A 1 14  ? -2.38677  0.22734   -10.89718 1.000 35.43933 ? 300 SER A C   1 
ATOM   103 O O   . SER A 1 14  ? -2.67396  0.96262   -9.94864  1.000 32.82556 ? 300 SER A O   1 
ATOM   104 C CB  . SER A 1 14  ? -1.73440  1.47980   -12.96050 1.000 37.89256 ? 300 SER A CB  1 
ATOM   105 O OG  . SER A 1 14  ? -0.41961  1.03750   -12.64166 1.000 35.67722 ? 300 SER A OG  1 
ATOM   106 N N   . SER A 1 15  ? -1.71117  -0.92037  -10.76046 1.000 33.12335 ? 301 SER A N   1 
ATOM   107 C CA  . SER A 1 15  ? -1.09828  -1.33282  -9.50186  1.000 32.32937 ? 301 SER A CA  1 
ATOM   108 C C   . SER A 1 15  ? 0.42269   -1.35728  -9.59898  1.000 35.22468 ? 301 SER A C   1 
ATOM   109 O O   . SER A 1 15  ? 1.08658   -2.02836  -8.80400  1.000 35.66891 ? 301 SER A O   1 
ATOM   110 C CB  . SER A 1 15  ? -1.62474  -2.69918  -9.05677  1.000 36.01430 ? 301 SER A CB  1 
ATOM   111 O OG  . SER A 1 15  ? -1.40672  -3.69431  -10.04870 1.000 37.91796 ? 301 SER A OG  1 
ATOM   112 N N   . GLU A 1 16  ? 0.98427   -0.64300  -10.56460 1.000 34.59118 ? 302 GLU A N   1 
ATOM   113 C CA  . GLU A 1 16  ? 2.42673   -0.59035  -10.74348 1.000 38.98120 ? 302 GLU A CA  1 
ATOM   114 C C   . GLU A 1 16  ? 3.03513   0.46360   -9.82587  1.000 37.68183 ? 302 GLU A C   1 
ATOM   115 O O   . GLU A 1 16  ? 2.44147   1.52415   -9.59984  1.000 31.56838 ? 302 GLU A O   1 
ATOM   116 C CB  . GLU A 1 16  ? 2.76657   -0.28487  -12.20171 1.000 38.58575 ? 302 GLU A CB  1 
ATOM   117 C CG  . GLU A 1 16  ? 2.91549   -1.51804  -13.08362 1.000 43.61567 ? 302 GLU A CG  1 
ATOM   118 C CD  . GLU A 1 16  ? 4.19007   -1.45964  -13.91697 1.000 60.12352 ? 302 GLU A CD  1 
ATOM   119 O OE1 . GLU A 1 16  ? 4.59184   -0.33586  -14.29573 1.000 61.36952 ? 302 GLU A OE1 1 
ATOM   120 O OE2 . GLU A 1 16  ? 4.79947   -2.52514  -14.17641 1.000 63.86673 ? 302 GLU A OE2 1 
ATOM   121 N N   . LEU A 1 17  ? 4.22259   0.16188   -9.29448  1.000 32.81983 ? 303 LEU A N   1 
ATOM   122 C CA  . LEU A 1 17  ? 4.95935   1.09534   -8.44354  1.000 38.15424 ? 303 LEU A CA  1 
ATOM   123 C C   . LEU A 1 17  ? 5.87055   1.95868   -9.30632  1.000 34.91837 ? 303 LEU A C   1 
ATOM   124 O O   . LEU A 1 17  ? 6.65829   1.43330   -10.09354 1.000 32.42426 ? 303 LEU A O   1 
ATOM   125 C CB  . LEU A 1 17  ? 5.79542   0.35002   -7.39768  1.000 37.31559 ? 303 LEU A CB  1 
ATOM   126 C CG  . LEU A 1 17  ? 5.03641   -0.41586  -6.31747  1.000 38.47192 ? 303 LEU A CG  1 
ATOM   127 C CD1 . LEU A 1 17  ? 6.00755   -1.18917  -5.45309  1.000 39.33768 ? 303 LEU A CD1 1 
ATOM   128 C CD2 . LEU A 1 17  ? 4.22987   0.53388   -5.47820  1.000 35.91775 ? 303 LEU A CD2 1 
ATOM   129 N N   . SER A 1 18  ? 5.76023   3.27311   -9.16118  1.000 33.35208 ? 304 SER A N   1 
ATOM   130 C CA  . SER A 1 18  ? 6.56657   4.20015   -9.94791  1.000 31.51298 ? 304 SER A CA  1 
ATOM   131 C C   . SER A 1 18  ? 7.96692   4.29858   -9.36563  1.000 30.70158 ? 304 SER A C   1 
ATOM   132 O O   . SER A 1 18  ? 8.22315   3.86333   -8.23761  1.000 30.73088 ? 304 SER A O   1 
ATOM   133 C CB  . SER A 1 18  ? 5.91385   5.57788   -9.95837  1.000 31.83233 ? 304 SER A CB  1 
ATOM   134 O OG  . SER A 1 18  ? 5.90295   6.08772   -8.63635  1.000 34.87224 ? 304 SER A OG  1 
ATOM   135 N N   . PRO A 1 19  ? 8.91239   4.87649   -10.11258 1.000 32.66461 ? 305 PRO A N   1 
ATOM   136 C CA  . PRO A 1 19  ? 10.22472  5.15920   -9.50719  1.000 30.47377 ? 305 PRO A CA  1 
ATOM   137 C C   . PRO A 1 19  ? 10.13403  5.96954   -8.22027  1.000 30.64277 ? 305 PRO A C   1 
ATOM   138 O O   . PRO A 1 19  ? 10.85827  5.66080   -7.26499  1.000 33.34039 ? 305 PRO A O   1 
ATOM   139 C CB  . PRO A 1 19  ? 10.96338  5.91471   -10.62262 1.000 33.11937 ? 305 PRO A CB  1 
ATOM   140 C CG  . PRO A 1 19  ? 10.38019  5.35238   -11.88823 1.000 32.74063 ? 305 PRO A CG  1 
ATOM   141 C CD  . PRO A 1 19  ? 8.91025   5.10227   -11.57171 1.000 33.17890 ? 305 PRO A CD  1 
ATOM   142 N N   . ARG A 1 20  ? 9.25089   6.97740   -8.15041  1.000 31.74362 ? 306 ARG A N   1 
ATOM   143 C CA  . ARG A 1 20  ? 9.09621   7.72796   -6.90471  1.000 30.34422 ? 306 ARG A CA  1 
ATOM   144 C C   . ARG A 1 20  ? 8.64780   6.82249   -5.76690  1.000 32.45089 ? 306 ARG A C   1 
ATOM   145 O O   . ARG A 1 20  ? 9.09945   6.97515   -4.62613  1.000 30.83987 ? 306 ARG A O   1 
ATOM   146 C CB  . ARG A 1 20  ? 8.08970   8.86962   -7.07584  1.000 34.23562 ? 306 ARG A CB  1 
ATOM   147 C CG  . ARG A 1 20  ? 8.60263   10.05136  -7.88290  1.000 36.91254 ? 306 ARG A CG  1 
ATOM   148 C CD  . ARG A 1 20  ? 7.53206   11.12784  -7.98471  1.000 35.64049 ? 306 ARG A CD  1 
ATOM   149 N NE  . ARG A 1 20  ? 7.95643   12.24773  -8.82905  1.000 36.59166 ? 306 ARG A NE  1 
ATOM   150 C CZ  . ARG A 1 20  ? 7.74937   12.32115  -10.14082 1.000 37.95513 ? 306 ARG A CZ  1 
ATOM   151 N NH1 . ARG A 1 20  ? 7.12693   11.33273  -10.78223 1.000 37.77290 ? 306 ARG A NH1 1 
ATOM   152 N NH2 . ARG A 1 20  ? 8.16071   13.38675  -10.81461 1.000 39.00360 ? 306 ARG A NH2 1 
ATOM   153 N N   . GLU A 1 21  ? 7.72367   5.89585   -6.03912  1.000 32.91313 ? 307 GLU A N   1 
ATOM   154 C CA  . GLU A 1 21  ? 7.22950   5.08014   -4.94127  1.000 32.31112 ? 307 GLU A CA  1 
ATOM   155 C C   . GLU A 1 21  ? 8.25672   4.03733   -4.50987  1.000 31.44039 ? 307 GLU A C   1 
ATOM   156 O O   . GLU A 1 21  ? 8.35997   3.73543   -3.31413  1.000 31.57260 ? 307 GLU A O   1 
ATOM   157 C CB  . GLU A 1 21  ? 5.89399   4.42761   -5.30957  1.000 32.72027 ? 307 GLU A CB  1 
ATOM   158 C CG  . GLU A 1 21  ? 4.71695   5.42239   -5.35612  1.000 32.16264 ? 307 GLU A CG  1 
ATOM   159 C CD  . GLU A 1 21  ? 4.51735   6.22161   -4.05746  1.000 33.21836 ? 307 GLU A CD  1 
ATOM   160 O OE1 . GLU A 1 21  ? 3.87802   7.29543   -4.10752  1.000 34.29800 ? 307 GLU A OE1 1 
ATOM   161 O OE2 . GLU A 1 21  ? 5.00103   5.79213   -2.98308  1.000 37.67436 ? 307 GLU A OE2 1 
ATOM   162 N N   . GLU A 1 22  ? 9.02857   3.48137   -5.44785  1.000 33.60844 ? 308 GLU A N   1 
ATOM   163 C CA  . GLU A 1 22  ? 10.13717  2.61643   -5.04127  1.000 35.05408 ? 308 GLU A CA  1 
ATOM   164 C C   . GLU A 1 22  ? 11.09274  3.35858   -4.11394  1.000 34.59306 ? 308 GLU A C   1 
ATOM   165 O O   . GLU A 1 22  ? 11.54440  2.80991   -3.09921  1.000 32.57786 ? 308 GLU A O   1 
ATOM   166 C CB  . GLU A 1 22  ? 10.88505  2.08233   -6.26874  1.000 35.93159 ? 308 GLU A CB  1 
ATOM   167 C CG  . GLU A 1 22  ? 10.05138  1.20114   -7.21381  1.000 37.72483 ? 308 GLU A CG  1 
ATOM   168 C CD  . GLU A 1 22  ? 9.83664   -0.22685  -6.68746  1.000 49.09216 ? 308 GLU A CD  1 
ATOM   169 O OE1 . GLU A 1 22  ? 10.27446  -0.52642  -5.54788  1.000 49.10128 ? 308 GLU A OE1 1 
ATOM   170 O OE2 . GLU A 1 22  ? 9.22511   -1.05381  -7.41468  1.000 44.49642 ? 308 GLU A OE2 1 
ATOM   171 N N   . MET A 1 23  ? 11.40515  4.61439   -4.43703  1.000 30.47582 ? 309 MET A N   1 
ATOM   172 C CA  . MET A 1 23  ? 12.27088  5.39711   -3.55965  1.000 31.06426 ? 309 MET A CA  1 
ATOM   173 C C   . MET A 1 23  ? 11.61304  5.58740   -2.19809  1.000 34.97387 ? 309 MET A C   1 
ATOM   174 O O   . MET A 1 23  ? 12.22875  5.33096   -1.15440  1.000 32.09216 ? 309 MET A O   1 
ATOM   175 C CB  . MET A 1 23  ? 12.59127  6.74284   -4.21507  1.000 31.37150 ? 309 MET A CB  1 
ATOM   176 C CG  . MET A 1 23  ? 13.38959  7.70477   -3.36246  1.000 30.15778 ? 309 MET A CG  1 
ATOM   177 S SD  . MET A 1 23  ? 13.86825  9.16951   -4.31355  1.000 30.23943 ? 309 MET A SD  1 
ATOM   178 C CE  . MET A 1 23  ? 14.15667  10.31427  -2.97035  1.000 26.86702 ? 309 MET A CE  1 
ATOM   179 N N   . ASN A 1 24  ? 10.34360  6.02458   -2.20211  1.000 27.79094 ? 310 ASN A N   1 
ATOM   180 C CA  . ASN A 1 24  ? 9.55321   6.16233   -0.98116  1.000 30.54072 ? 310 ASN A CA  1 
ATOM   181 C C   . ASN A 1 24  ? 9.64553   4.89764   -0.14023  1.000 29.50532 ? 310 ASN A C   1 
ATOM   182 O O   . ASN A 1 24  ? 9.93595   4.94716   1.06077   1.000 29.48675 ? 310 ASN A O   1 
ATOM   183 C CB  . ASN A 1 24  ? 8.08971   6.46731   -1.37930  1.000 30.11915 ? 310 ASN A CB  1 
ATOM   184 C CG  . ASN A 1 24  ? 7.14090   6.62913   -0.19475  1.000 31.54578 ? 310 ASN A CG  1 
ATOM   185 O OD1 . ASN A 1 24  ? 7.53800   6.92064   0.93204   1.000 33.27625 ? 310 ASN A OD1 1 
ATOM   186 N ND2 . ASN A 1 24  ? 5.85155   6.46897   -0.47029  1.000 38.25447 ? 310 ASN A ND2 1 
ATOM   187 N N   . LEU A 1 25  ? 9.44589   3.74447   -0.77889  1.000 29.65543 ? 311 LEU A N   1 
ATOM   188 C CA  . LEU A 1 25  ? 9.34393   2.48762   -0.04507  1.000 33.67038 ? 311 LEU A CA  1 
ATOM   189 C C   . LEU A 1 25  ? 10.68367  2.03102   0.51931   1.000 32.63502 ? 311 LEU A C   1 
ATOM   190 O O   . LEU A 1 25  ? 10.70917  1.33742   1.54681   1.000 32.12621 ? 311 LEU A O   1 
ATOM   191 C CB  . LEU A 1 25  ? 8.74998   1.41425   -0.95407  1.000 32.57835 ? 311 LEU A CB  1 
ATOM   192 C CG  . LEU A 1 25  ? 7.22337   1.54651   -1.08670  1.000 32.40122 ? 311 LEU A CG  1 
ATOM   193 C CD1 . LEU A 1 25  ? 6.67784   0.58121   -2.12339  1.000 31.48262 ? 311 LEU A CD1 1 
ATOM   194 C CD2 . LEU A 1 25  ? 6.55317   1.31945   0.25472   1.000 36.94413 ? 311 LEU A CD2 1 
ATOM   195 N N   . SER A 1 26  ? 11.80447  2.39690   -0.12250  1.000 35.13824 ? 312 SER A N   1 
ATOM   196 C CA  . SER A 1 26  ? 13.09468  1.90044   0.34755   1.000 32.99815 ? 312 SER A CA  1 
ATOM   197 C C   . SER A 1 26  ? 13.40894  2.42011   1.74497   1.000 32.39366 ? 312 SER A C   1 
ATOM   198 O O   . SER A 1 26  ? 13.99702  1.70544   2.56327   1.000 32.46489 ? 312 SER A O   1 
ATOM   199 C CB  . SER A 1 26  ? 14.21053  2.27430   -0.63715  1.000 34.32769 ? 312 SER A CB  1 
ATOM   200 O OG  . SER A 1 26  ? 14.25516  3.67394   -0.86970  1.000 34.19555 ? 312 SER A OG  1 
ATOM   201 N N   . TYR A 1 27  ? 13.00652  3.65646   2.04277   1.000 29.89724 ? 313 TYR A N   1 
ATOM   202 C CA  . TYR A 1 27  ? 13.24297  4.20949   3.37232   1.000 31.01668 ? 313 TYR A CA  1 
ATOM   203 C C   . TYR A 1 27  ? 12.40503  3.50020   4.42748   1.000 33.49164 ? 313 TYR A C   1 
ATOM   204 O O   . TYR A 1 27  ? 12.87515  3.26161   5.54630   1.000 34.75929 ? 313 TYR A O   1 
ATOM   205 C CB  . TYR A 1 27  ? 12.93874  5.70231   3.37250   1.000 32.19848 ? 313 TYR A CB  1 
ATOM   206 C CG  . TYR A 1 27  ? 13.90171  6.53909   2.56229   1.000 31.29858 ? 313 TYR A CG  1 
ATOM   207 C CD1 . TYR A 1 27  ? 15.17016  6.85253   3.04572   1.000 34.96401 ? 313 TYR A CD1 1 
ATOM   208 C CD2 . TYR A 1 27  ? 13.53945  7.02789   1.31686   1.000 33.73204 ? 313 TYR A CD2 1 
ATOM   209 C CE1 . TYR A 1 27  ? 16.04814  7.63145   2.29630   1.000 34.88931 ? 313 TYR A CE1 1 
ATOM   210 C CE2 . TYR A 1 27  ? 14.40598  7.79997   0.56596   1.000 32.50639 ? 313 TYR A CE2 1 
ATOM   211 C CZ  . TYR A 1 27  ? 15.65456  8.09811   1.05646   1.000 34.61926 ? 313 TYR A CZ  1 
ATOM   212 O OH  . TYR A 1 27  ? 16.49863  8.87278   0.28836   1.000 34.80510 ? 313 TYR A OH  1 
ATOM   213 N N   . LEU A 1 28  ? 11.15144  3.18212   4.09901   1.000 32.25214 ? 314 LEU A N   1 
ATOM   214 C CA  . LEU A 1 28  ? 10.30759  2.43895   5.02841   1.000 33.22013 ? 314 LEU A CA  1 
ATOM   215 C C   . LEU A 1 28  ? 10.88192  1.05493   5.30230   1.000 34.49543 ? 314 LEU A C   1 
ATOM   216 O O   . LEU A 1 28  ? 10.92470  0.60796   6.45133   1.000 37.28292 ? 314 LEU A O   1 
ATOM   217 C CB  . LEU A 1 28  ? 8.88887   2.33233   4.46463   1.000 33.10451 ? 314 LEU A CB  1 
ATOM   218 C CG  . LEU A 1 28  ? 7.86501   1.54939   5.29190   1.000 33.70183 ? 314 LEU A CG  1 
ATOM   219 C CD1 . LEU A 1 28  ? 7.77820   2.11158   6.70070   1.000 35.16482 ? 314 LEU A CD1 1 
ATOM   220 C CD2 . LEU A 1 28  ? 6.48173   1.53886   4.61560   1.000 37.33928 ? 314 LEU A CD2 1 
ATOM   221 N N   . ALA A 1 29  ? 11.34778  0.36796   4.25966   1.000 32.54398 ? 315 ALA A N   1 
ATOM   222 C CA  . ALA A 1 29  ? 11.89647  -0.96915  4.45160   1.000 36.82359 ? 315 ALA A CA  1 
ATOM   223 C C   . ALA A 1 29  ? 13.11576  -0.95551  5.37275   1.000 37.97016 ? 315 ALA A C   1 
ATOM   224 O O   . ALA A 1 29  ? 13.29103  -1.86623  6.19163   1.000 39.39315 ? 315 ALA A O   1 
ATOM   225 C CB  . ALA A 1 29  ? 12.24770  -1.57670  3.10119   1.000 39.28890 ? 315 ALA A CB  1 
ATOM   226 N N   . ALA A 1 30  ? 13.96363  0.07393   5.26313   1.000 39.80233 ? 316 ALA A N   1 
ATOM   227 C CA  . ALA A 1 30  ? 15.11925  0.18023   6.15255   1.000 39.92543 ? 316 ALA A CA  1 
ATOM   228 C C   . ALA A 1 30  ? 14.68237  0.29581   7.60540   1.000 41.21076 ? 316 ALA A C   1 
ATOM   229 O O   . ALA A 1 30  ? 15.26079  -0.34158  8.49114   1.000 41.90314 ? 316 ALA A O   1 
ATOM   230 C CB  . ALA A 1 30  ? 15.97979  1.38060   5.75827   1.000 39.37983 ? 316 ALA A CB  1 
ATOM   231 N N   . LYS A 1 31  ? 13.65275  1.10162   7.86796   1.000 44.72736 ? 317 LYS A N   1 
ATOM   232 C CA  . LYS A 1 31  ? 13.07675  1.15666   9.20895   1.000 44.78750 ? 317 LYS A CA  1 
ATOM   233 C C   . LYS A 1 31  ? 12.53082  -0.20451  9.63527   1.000 45.42298 ? 317 LYS A C   1 
ATOM   234 O O   . LYS A 1 31  ? 12.71253  -0.62418  10.78446  1.000 47.25945 ? 317 LYS A O   1 
ATOM   235 C CB  . LYS A 1 31  ? 11.97931  2.22025   9.24615   1.000 41.76857 ? 317 LYS A CB  1 
ATOM   236 C CG  . LYS A 1 31  ? 11.22758  2.32432   10.56130  1.000 44.23553 ? 317 LYS A CG  1 
ATOM   237 C CD  . LYS A 1 31  ? 12.15750  2.62608   11.71298  1.000 56.35495 ? 317 LYS A CD  1 
ATOM   238 C CE  . LYS A 1 31  ? 11.49267  3.56157   12.70922  1.000 58.93690 ? 317 LYS A CE  1 
ATOM   239 N NZ  . LYS A 1 31  ? 9.99951   3.55203   12.62085  1.000 55.94216 ? 317 LYS A NZ  1 
ATOM   240 N N   . MET A 1 32  ? 11.85332  -0.90781  8.72447   1.000 42.51110 ? 318 MET A N   1 
ATOM   241 C CA  . MET A 1 32  ? 11.31069  -2.22381  9.05928   1.000 44.24199 ? 318 MET A CA  1 
ATOM   242 C C   . MET A 1 32  ? 12.41976  -3.20211  9.41168   1.000 47.51606 ? 318 MET A C   1 
ATOM   243 O O   . MET A 1 32  ? 12.25675  -4.04296  10.30465  1.000 49.57224 ? 318 MET A O   1 
ATOM   244 C CB  . MET A 1 32  ? 10.48930  -2.76814  7.89459   1.000 40.34079 ? 318 MET A CB  1 
ATOM   245 C CG  . MET A 1 32  ? 9.20998   -2.00438  7.65477   1.000 40.43145 ? 318 MET A CG  1 
ATOM   246 S SD  . MET A 1 32  ? 8.31007   -2.64939  6.24543   1.000 42.44161 ? 318 MET A SD  1 
ATOM   247 C CE  . MET A 1 32  ? 6.76150   -1.77781  6.43261   1.000 42.71217 ? 318 MET A CE  1 
ATOM   248 N N   . LYS A 1 33  ? 13.54976  -3.11446  8.70588   1.000 44.32195 ? 319 LYS A N   1 
ATOM   249 C CA  . LYS A 1 33  ? 14.68398  -3.99146  8.97573   1.000 48.58364 ? 319 LYS A CA  1 
ATOM   250 C C   . LYS A 1 33  ? 15.38099  -3.63064  10.27555  1.000 49.97151 ? 319 LYS A C   1 
ATOM   251 O O   . LYS A 1 33  ? 15.95881  -4.50589  10.92760  1.000 55.50003 ? 319 LYS A O   1 
ATOM   252 C CB  . LYS A 1 33  ? 15.68353  -3.93274  7.82437   1.000 44.10250 ? 319 LYS A CB  1 
ATOM   253 C CG  . LYS A 1 33  ? 15.38429  -4.90696  6.70919   1.000 49.88229 ? 319 LYS A CG  1 
ATOM   254 C CD  . LYS A 1 33  ? 15.26255  -4.18918  5.38446   1.000 49.44177 ? 319 LYS A CD  1 
ATOM   255 C CE  . LYS A 1 33  ? 16.63753  -3.89497  4.78585   1.000 53.19604 ? 319 LYS A CE  1 
ATOM   256 N NZ  . LYS A 1 33  ? 16.61170  -2.75793  3.80767   1.000 49.14827 ? 319 LYS A NZ  1 
ATOM   257 N N   . GLU A 1 34  ? 15.35391  -2.35443  10.65805  1.000 47.76190 ? 320 GLU A N   1 
ATOM   258 C CA  . GLU A 1 34  ? 15.98128  -1.94235  11.90800  1.000 52.46931 ? 320 GLU A CA  1 
ATOM   259 C C   . GLU A 1 34  ? 15.22973  -2.48156  13.12103  1.000 52.54920 ? 320 GLU A C   1 
ATOM   260 O O   . GLU A 1 34  ? 15.84573  -2.76463  14.15328  1.000 52.50445 ? 320 GLU A O   1 
ATOM   261 C CB  . GLU A 1 34  ? 16.07179  -0.41654  11.96272  1.000 52.86005 ? 320 GLU A CB  1 
ATOM   262 C CG  . GLU A 1 34  ? 16.75307  0.13823   13.19748  1.000 57.96104 ? 320 GLU A CG  1 
ATOM   263 C CD  . GLU A 1 34  ? 16.67320  1.65832   13.27437  1.000 63.32626 ? 320 GLU A CD  1 
ATOM   264 O OE1 . GLU A 1 34  ? 16.29635  2.29490   12.26065  1.000 59.43675 ? 320 GLU A OE1 1 
ATOM   265 O OE2 . GLU A 1 34  ? 16.97213  2.21575   14.35544  1.000 62.13136 ? 320 GLU A OE2 1 
ATOM   266 N N   . PHE A 1 35  ? 13.90703  -2.63545  13.02248  1.000 51.40449 ? 321 PHE A N   1 
ATOM   267 C CA  . PHE A 1 35  ? 13.08099  -3.14392  14.11632  1.000 52.37932 ? 321 PHE A CA  1 
ATOM   268 C C   . PHE A 1 35  ? 12.33760  -4.36827  13.60065  1.000 49.55242 ? 321 PHE A C   1 
ATOM   269 O O   . PHE A 1 35  ? 11.16581  -4.27827  13.20940  1.000 49.96659 ? 321 PHE A O   1 
ATOM   270 C CB  . PHE A 1 35  ? 12.13194  -2.07097  14.64458  1.000 55.77736 ? 321 PHE A CB  1 
ATOM   271 C CG  . PHE A 1 35  ? 12.84437  -0.87664  15.21420  1.000 58.74202 ? 321 PHE A CG  1 
ATOM   272 C CD1 . PHE A 1 35  ? 13.30782  -0.88350  16.52018  1.000 58.09609 ? 321 PHE A CD1 1 
ATOM   273 C CD2 . PHE A 1 35  ? 13.07612  0.24453   14.43263  1.000 60.32418 ? 321 PHE A CD2 1 
ATOM   274 C CE1 . PHE A 1 35  ? 13.98411  0.21391   17.03566  1.000 64.53225 ? 321 PHE A CE1 1 
ATOM   275 C CE2 . PHE A 1 35  ? 13.74362  1.34362   14.94256  1.000 59.47441 ? 321 PHE A CE2 1 
ATOM   276 C CZ  . PHE A 1 35  ? 14.19956  1.32927   16.24428  1.000 61.32287 ? 321 PHE A CZ  1 
ATOM   277 N N   . PRO A 1 36  ? 12.99298  -5.53253  13.59366  1.000 51.31321 ? 322 PRO A N   1 
ATOM   278 C CA  . PRO A 1 36  ? 12.45092  -6.69819  12.87484  1.000 51.22802 ? 322 PRO A CA  1 
ATOM   279 C C   . PRO A 1 36  ? 11.23124  -7.33741  13.51574  1.000 51.62188 ? 322 PRO A C   1 
ATOM   280 O O   . PRO A 1 36  ? 10.63698  -8.22874  12.89571  1.000 53.15497 ? 322 PRO A O   1 
ATOM   281 C CB  . PRO A 1 36  ? 13.63578  -7.67693  12.85045  1.000 54.43108 ? 322 PRO A CB  1 
ATOM   282 C CG  . PRO A 1 36  ? 14.52846  -7.23940  13.96995  1.000 51.34454 ? 322 PRO A CG  1 
ATOM   283 C CD  . PRO A 1 36  ? 14.37504  -5.75033  14.05515  1.000 49.69202 ? 322 PRO A CD  1 
ATOM   284 N N   . ASP A 1 37  ? 10.81924  -6.91793  14.70826  1.000 51.93980 ? 323 ASP A N   1 
ATOM   285 C CA  . ASP A 1 37  ? 9.66273   -7.52867  15.34742  1.000 51.85340 ? 323 ASP A CA  1 
ATOM   286 C C   . ASP A 1 37  ? 8.34861   -6.82979  15.01132  1.000 51.36645 ? 323 ASP A C   1 
ATOM   287 O O   . ASP A 1 37  ? 7.28132   -7.40339  15.26224  1.000 52.38039 ? 323 ASP A O   1 
ATOM   288 C CB  . ASP A 1 37  ? 9.86487   -7.56647  16.86801  1.000 53.32282 ? 323 ASP A CB  1 
ATOM   289 C CG  . ASP A 1 37  ? 11.04210  -8.45212  17.28002  1.000 56.57746 ? 323 ASP A CG  1 
ATOM   290 O OD1 . ASP A 1 37  ? 11.37008  -9.40655  16.53552  1.000 54.10773 ? 323 ASP A OD1 1 
ATOM   291 O OD2 . ASP A 1 37  ? 11.64751  -8.18575  18.34229  1.000 56.07328 ? 323 ASP A OD2 1 
ATOM   292 N N   . THR A 1 38  ? 8.39483   -5.63251  14.42784  1.000 48.40384 ? 324 THR A N   1 
ATOM   293 C CA  . THR A 1 38  ? 7.17772   -4.86756  14.17638  1.000 47.27090 ? 324 THR A CA  1 
ATOM   294 C C   . THR A 1 38  ? 6.34202   -5.49053  13.05758  1.000 48.41191 ? 324 THR A C   1 
ATOM   295 O O   . THR A 1 38  ? 6.87848   -6.01249  12.07405  1.000 47.77364 ? 324 THR A O   1 
ATOM   296 C CB  . THR A 1 38  ? 7.52675   -3.42173  13.82070  1.000 49.32103 ? 324 THR A CB  1 
ATOM   297 O OG1 . THR A 1 38  ? 8.65316   -3.40260  12.92838  1.000 48.51451 ? 324 THR A OG1 1 
ATOM   298 C CG2 . THR A 1 38  ? 7.85462   -2.62319  15.08061  1.000 49.76735 ? 324 THR A CG2 1 
ATOM   299 N N   . GLN A 1 39  ? 5.01644   -5.42189  13.21796  1.000 46.04377 ? 325 GLN A N   1 
ATOM   300 C CA  . GLN A 1 39  ? 4.04086   -5.91478  12.25625  1.000 47.36812 ? 325 GLN A CA  1 
ATOM   301 C C   . GLN A 1 39  ? 3.32730   -4.75102  11.57987  1.000 44.98180 ? 325 GLN A C   1 
ATOM   302 O O   . GLN A 1 39  ? 3.18128   -3.66948  12.15797  1.000 43.41513 ? 325 GLN A O   1 
ATOM   303 C CB  . GLN A 1 39  ? 2.99513   -6.80774  12.93522  1.000 48.18671 ? 325 GLN A CB  1 
ATOM   304 C CG  . GLN A 1 39  ? 3.58230   -7.89746  13.79683  1.000 53.71621 ? 325 GLN A CG  1 
ATOM   305 C CD  . GLN A 1 39  ? 4.29690   -8.93610  12.97583  1.000 52.21894 ? 325 GLN A CD  1 
ATOM   306 O OE1 . GLN A 1 39  ? 3.69062   -9.60000  12.13717  1.000 56.45861 ? 325 GLN A OE1 1 
ATOM   307 N NE2 . GLN A 1 39  ? 5.59276   -9.08396  13.20681  1.000 53.47132 ? 325 GLN A NE2 1 
ATOM   308 N N   . TYR A 1 40  ? 2.84076   -4.99324  10.36257  1.000 44.30152 ? 326 TYR A N   1 
ATOM   309 C CA  . TYR A 1 40  ? 2.22448   -3.93887  9.57110   1.000 41.53099 ? 326 TYR A CA  1 
ATOM   310 C C   . TYR A 1 40  ? 1.00622   -4.46528  8.83049   1.000 40.38393 ? 326 TYR A C   1 
ATOM   311 O O   . TYR A 1 40  ? 0.94231   -5.63784  8.45476   1.000 42.39071 ? 326 TYR A O   1 
ATOM   312 C CB  . TYR A 1 40  ? 3.22068   -3.34675  8.56558   1.000 42.86301 ? 326 TYR A CB  1 
ATOM   313 C CG  . TYR A 1 40  ? 4.47704   -2.83802  9.22799   1.000 40.94823 ? 326 TYR A CG  1 
ATOM   314 C CD1 . TYR A 1 40  ? 5.56809   -3.67382  9.42848   1.000 41.11019 ? 326 TYR A CD1 1 
ATOM   315 C CD2 . TYR A 1 40  ? 4.55381   -1.53199  9.69196   1.000 39.79323 ? 326 TYR A CD2 1 
ATOM   316 C CE1 . TYR A 1 40  ? 6.70822   -3.21090  10.04986  1.000 42.78534 ? 326 TYR A CE1 1 
ATOM   317 C CE2 . TYR A 1 40  ? 5.67865   -1.06706  10.31905  1.000 41.19779 ? 326 TYR A CE2 1 
ATOM   318 C CZ  . TYR A 1 40  ? 6.75566   -1.90618  10.49356  1.000 41.61807 ? 326 TYR A CZ  1 
ATOM   319 O OH  . TYR A 1 40  ? 7.88179   -1.43064  11.11899  1.000 42.85688 ? 326 TYR A OH  1 
ATOM   320 N N   . THR A 1 41  ? 0.04325   -3.57669  8.61672   1.000 37.81463 ? 327 THR A N   1 
ATOM   321 C CA  . THR A 1 41  ? -1.07144  -3.81710  7.70995   1.000 39.36043 ? 327 THR A CA  1 
ATOM   322 C C   . THR A 1 41  ? -0.87292  -2.95637  6.47246   1.000 38.73389 ? 327 THR A C   1 
ATOM   323 O O   . THR A 1 41  ? -0.59272  -1.75820  6.58897   1.000 37.26566 ? 327 THR A O   1 
ATOM   324 C CB  . THR A 1 41  ? -2.40914  -3.48502  8.36994   1.000 40.48859 ? 327 THR A CB  1 
ATOM   325 O OG1 . THR A 1 41  ? -2.48127  -4.12495  9.64900   1.000 41.16583 ? 327 THR A OG1 1 
ATOM   326 C CG2 . THR A 1 41  ? -3.57165  -3.95299  7.48765   1.000 39.99922 ? 327 THR A CG2 1 
ATOM   327 N N   . VAL A 1 42  ? -1.00349  -3.56801  5.29908   1.000 36.72417 ? 328 VAL A N   1 
ATOM   328 C CA  . VAL A 1 42  ? -0.85766  -2.88440  4.02092   1.000 38.08572 ? 328 VAL A CA  1 
ATOM   329 C C   . VAL A 1 42  ? -2.26100  -2.73027  3.43850   1.000 36.92205 ? 328 VAL A C   1 
ATOM   330 O O   . VAL A 1 42  ? -2.78656  -3.64808  2.79797   1.000 39.90365 ? 328 VAL A O   1 
ATOM   331 C CB  . VAL A 1 42  ? 0.08131   -3.64642  3.07430   1.000 35.70474 ? 328 VAL A CB  1 
ATOM   332 C CG1 . VAL A 1 42  ? 0.26497   -2.89963  1.76424   1.000 32.25103 ? 328 VAL A CG1 1 
ATOM   333 C CG2 . VAL A 1 42  ? 1.43823   -3.88679  3.75784   1.000 32.96505 ? 328 VAL A CG2 1 
ATOM   334 N N   . TYR A 1 43  ? -2.88129  -1.57166  3.66635   1.000 37.15035 ? 329 TYR A N   1 
ATOM   335 C CA  . TYR A 1 43  ? -4.22674  -1.30406  3.16783   1.000 36.69527 ? 329 TYR A CA  1 
ATOM   336 C C   . TYR A 1 43  ? -4.14337  -0.84730  1.71890   1.000 37.78844 ? 329 TYR A C   1 
ATOM   337 O O   . TYR A 1 43  ? -3.44671  0.12267   1.42028   1.000 36.93382 ? 329 TYR A O   1 
ATOM   338 C CB  . TYR A 1 43  ? -4.90978  -0.22096  4.00135   1.000 35.41769 ? 329 TYR A CB  1 
ATOM   339 C CG  . TYR A 1 43  ? -5.09853  -0.53602  5.46853   1.000 39.08599 ? 329 TYR A CG  1 
ATOM   340 C CD1 . TYR A 1 43  ? -4.13668  -0.18428  6.40826   1.000 40.83056 ? 329 TYR A CD1 1 
ATOM   341 C CD2 . TYR A 1 43  ? -6.25325  -1.15586  5.91914   1.000 41.52684 ? 329 TYR A CD2 1 
ATOM   342 C CE1 . TYR A 1 43  ? -4.31418  -0.45917  7.75415   1.000 39.79607 ? 329 TYR A CE1 1 
ATOM   343 C CE2 . TYR A 1 43  ? -6.43887  -1.43192  7.25942   1.000 42.75710 ? 329 TYR A CE2 1 
ATOM   344 C CZ  . TYR A 1 43  ? -5.47334  -1.07949  8.16885   1.000 43.15230 ? 329 TYR A CZ  1 
ATOM   345 O OH  . TYR A 1 43  ? -5.67496  -1.36260  9.49937   1.000 48.84686 ? 329 TYR A OH  1 
ATOM   346 N N   . GLY A 1 44  ? -4.84996  -1.52743  0.82186   1.000 36.07433 ? 330 GLY A N   1 
ATOM   347 C CA  . GLY A 1 44  ? -4.95762  -1.09666  -0.55836  1.000 31.95663 ? 330 GLY A CA  1 
ATOM   348 C C   . GLY A 1 44  ? -6.31553  -0.46538  -0.80769  1.000 34.82969 ? 330 GLY A C   1 
ATOM   349 O O   . GLY A 1 44  ? -7.31377  -0.86698  -0.21574  1.000 34.19518 ? 330 GLY A O   1 
ATOM   350 N N   . TYR A 1 45  ? -6.34718  0.53038   -1.69691  1.000 31.32905 ? 331 TYR A N   1 
ATOM   351 C CA  . TYR A 1 45  ? -7.57203  1.25712   -1.99242  1.000 33.70591 ? 331 TYR A CA  1 
ATOM   352 C C   . TYR A 1 45  ? -7.64137  1.60476   -3.47069  1.000 34.28229 ? 331 TYR A C   1 
ATOM   353 O O   . TYR A 1 45  ? -6.64005  1.57422   -4.19628  1.000 29.89163 ? 331 TYR A O   1 
ATOM   354 C CB  . TYR A 1 45  ? -7.68438  2.55584   -1.18174  1.000 35.40834 ? 331 TYR A CB  1 
ATOM   355 C CG  . TYR A 1 45  ? -7.76891  2.37911   0.31315   1.000 33.26346 ? 331 TYR A CG  1 
ATOM   356 C CD1 . TYR A 1 45  ? -8.97720  2.05552   0.92551   1.000 35.57260 ? 331 TYR A CD1 1 
ATOM   357 C CD2 . TYR A 1 45  ? -6.64467  2.53734   1.11894   1.000 32.19011 ? 331 TYR A CD2 1 
ATOM   358 C CE1 . TYR A 1 45  ? -9.06336  1.90594   2.29151   1.000 34.73744 ? 331 TYR A CE1 1 
ATOM   359 C CE2 . TYR A 1 45  ? -6.72192  2.38272   2.49196   1.000 35.21271 ? 331 TYR A CE2 1 
ATOM   360 C CZ  . TYR A 1 45  ? -7.94364  2.07383   3.07257   1.000 38.19102 ? 331 TYR A CZ  1 
ATOM   361 O OH  . TYR A 1 45  ? -8.05416  1.91880   4.43502   1.000 43.09902 ? 331 TYR A OH  1 
ATOM   362 N N   . ALA A 1 46  ? -8.85371  1.95182   -3.89777  1.000 28.44532 ? 332 ALA A N   1 
ATOM   363 C CA  . ALA A 1 46  ? -9.11396  2.53942   -5.20143  1.000 29.98423 ? 332 ALA A CA  1 
ATOM   364 C C   . ALA A 1 46  ? -10.25348 3.53479   -5.04163  1.000 33.20131 ? 332 ALA A C   1 
ATOM   365 O O   . ALA A 1 46  ? -10.95560 3.53055   -4.03032  1.000 35.81262 ? 332 ALA A O   1 
ATOM   366 C CB  . ALA A 1 46  ? -9.45967  1.47510   -6.24369  1.000 33.18568 ? 332 ALA A CB  1 
ATOM   367 N N   . ASP A 1 47  ? -10.42908 4.41317   -6.02529  1.000 34.60722 ? 333 ASP A N   1 
ATOM   368 C CA  . ASP A 1 47  ? -11.51394 5.38312   -5.93459  1.000 32.87458 ? 333 ASP A CA  1 
ATOM   369 C C   . ASP A 1 47  ? -12.80923 4.75368   -6.43426  1.000 35.30518 ? 333 ASP A C   1 
ATOM   370 O O   . ASP A 1 47  ? -12.85421 4.18211   -7.52803  1.000 37.46362 ? 333 ASP A O   1 
ATOM   371 C CB  . ASP A 1 47  ? -11.20446 6.65113   -6.72839  1.000 31.11292 ? 333 ASP A CB  1 
ATOM   372 C CG  . ASP A 1 47  ? -11.10003 6.40377   -8.21987  1.000 36.70738 ? 333 ASP A CG  1 
ATOM   373 O OD1 . ASP A 1 47  ? -10.20650 5.64295   -8.63839  1.000 37.81337 ? 333 ASP A OD1 1 
ATOM   374 O OD2 . ASP A 1 47  ? -11.90054 6.99093   -8.98091  1.000 40.71903 ? 333 ASP A OD2 1 
ATOM   375 N N   . SER A 1 48  ? -13.86208 4.85354   -5.62534  1.000 36.11324 ? 334 SER A N   1 
ATOM   376 C CA  . SER A 1 48  ? -15.15877 4.30375   -6.00990  1.000 35.03851 ? 334 SER A CA  1 
ATOM   377 C C   . SER A 1 48  ? -15.87699 5.15046   -7.05065  1.000 37.71885 ? 334 SER A C   1 
ATOM   378 O O   . SER A 1 48  ? -16.95179 4.75047   -7.52345  1.000 40.51955 ? 334 SER A O   1 
ATOM   379 C CB  . SER A 1 48  ? -16.03248 4.15540   -4.77001  1.000 36.16642 ? 334 SER A CB  1 
ATOM   380 O OG  . SER A 1 48  ? -16.15024 5.39170   -4.08793  1.000 38.09702 ? 334 SER A OG  1 
ATOM   381 N N   . ALA A 1 49  ? -15.31435 6.29513   -7.41827  1.000 36.54056 ? 335 ALA A N   1 
ATOM   382 C CA  . ALA A 1 49  ? -15.90070 7.20638   -8.38818  1.000 38.81519 ? 335 ALA A CA  1 
ATOM   383 C C   . ALA A 1 49  ? -15.76544 6.72849   -9.82795  1.000 37.72417 ? 335 ALA A C   1 
ATOM   384 O O   . ALA A 1 49  ? -16.46137 7.26301   -10.69894 1.000 38.63135 ? 335 ALA A O   1 
ATOM   385 C CB  . ALA A 1 49  ? -15.26283 8.59194   -8.24485  1.000 38.69199 ? 335 ALA A CB  1 
ATOM   386 N N   . THR A 1 50  ? -14.90643 5.74276   -10.09542 1.000 38.12917 ? 336 THR A N   1 
ATOM   387 C CA  . THR A 1 50  ? -14.72855 5.16831   -11.42373 1.000 39.17741 ? 336 THR A CA  1 
ATOM   388 C C   . THR A 1 50  ? -14.53164 3.66377   -11.29043 1.000 38.45938 ? 336 THR A C   1 
ATOM   389 O O   . THR A 1 50  ? -13.97330 3.18184   -10.29979 1.000 37.64072 ? 336 THR A O   1 
ATOM   390 C CB  . THR A 1 50  ? -13.52171 5.77737   -12.17274 1.000 43.59246 ? 336 THR A CB  1 
ATOM   391 O OG1 . THR A 1 50  ? -12.36528 5.78099   -11.31957 1.000 43.48219 ? 336 THR A OG1 1 
ATOM   392 C CG2 . THR A 1 50  ? -13.82463 7.20566   -12.62311 1.000 43.66380 ? 336 THR A CG2 1 
ATOM   393 N N   . GLY A 1 51  ? -15.00820 2.92451   -12.29057 1.000 35.53261 ? 337 GLY A N   1 
ATOM   394 C CA  . GLY A 1 51  ? -14.90953 1.48009   -12.29058 1.000 36.75362 ? 337 GLY A CA  1 
ATOM   395 C C   . GLY A 1 51  ? -15.96299 0.83129   -11.40904 1.000 36.60623 ? 337 GLY A C   1 
ATOM   396 O O   . GLY A 1 51  ? -16.62930 1.47564   -10.59593 1.000 39.41402 ? 337 GLY A O   1 
ATOM   397 N N   . THR A 1 52  ? -16.10784 -0.48547  -11.56636 1.000 32.66574 ? 338 THR A N   1 
ATOM   398 C CA  . THR A 1 52  ? -17.10487 -1.21453  -10.78963 1.000 35.06972 ? 338 THR A CA  1 
ATOM   399 C C   . THR A 1 52  ? -16.56386 -1.57221  -9.40714  1.000 36.02257 ? 338 THR A C   1 
ATOM   400 O O   . THR A 1 52  ? -15.35111 -1.55118  -9.17857  1.000 33.52923 ? 338 THR A O   1 
ATOM   401 C CB  . THR A 1 52  ? -17.52801 -2.49745  -11.51006 1.000 32.48181 ? 338 THR A CB  1 
ATOM   402 O OG1 . THR A 1 52  ? -16.39320 -3.36455  -11.65829 1.000 33.59446 ? 338 THR A OG1 1 
ATOM   403 C CG2 . THR A 1 52  ? -18.13641 -2.19149  -12.86613 1.000 32.57834 ? 338 THR A CG2 1 
ATOM   404 N N   . PRO A 1 53  ? -17.44941 -1.92111  -8.46637  1.000 35.14554 ? 339 PRO A N   1 
ATOM   405 C CA  . PRO A 1 53  ? -16.97193 -2.35513  -7.13863  1.000 34.57892 ? 339 PRO A CA  1 
ATOM   406 C C   . PRO A 1 53  ? -16.01268 -3.53439  -7.17909  1.000 36.54532 ? 339 PRO A C   1 
ATOM   407 O O   . PRO A 1 53  ? -15.01397 -3.53619  -6.44526  1.000 34.52046 ? 339 PRO A O   1 
ATOM   408 C CB  . PRO A 1 53  ? -18.27708 -2.71454  -6.41603  1.000 36.75601 ? 339 PRO A CB  1 
ATOM   409 C CG  . PRO A 1 53  ? -19.29051 -1.85286  -7.06033  1.000 33.17857 ? 339 PRO A CG  1 
ATOM   410 C CD  . PRO A 1 53  ? -18.92001 -1.78966  -8.49734  1.000 32.20560 ? 339 PRO A CD  1 
ATOM   411 N N   . ALA A 1 54  ? -16.28811 -4.54761  -8.00966  1.000 36.43749 ? 340 ALA A N   1 
ATOM   412 C CA  . ALA A 1 54  ? -15.43104 -5.73149  -8.02799  1.000 32.40107 ? 340 ALA A CA  1 
ATOM   413 C C   . ALA A 1 54  ? -14.08958 -5.42864  -8.67135  1.000 34.40443 ? 340 ALA A C   1 
ATOM   414 O O   . ALA A 1 54  ? -13.06487 -6.00136  -8.28065  1.000 32.00809 ? 340 ALA A O   1 
ATOM   415 C CB  . ALA A 1 54  ? -16.10653 -6.88343  -8.77253  1.000 33.78225 ? 340 ALA A CB  1 
ATOM   416 N N   . PHE A 1 55  ? -14.07719 -4.57727  -9.69523  1.000 33.13208 ? 341 PHE A N   1 
ATOM   417 C CA  . PHE A 1 55  ? -12.79558 -4.18859  -10.26800 1.000 33.06734 ? 341 PHE A CA  1 
ATOM   418 C C   . PHE A 1 55  ? -11.97698 -3.42593  -9.24211  1.000 35.35101 ? 341 PHE A C   1 
ATOM   419 O O   . PHE A 1 55  ? -10.77657 -3.67551  -9.07183  1.000 33.96629 ? 341 PHE A O   1 
ATOM   420 C CB  . PHE A 1 55  ? -12.98917 -3.34287  -11.52435 1.000 35.69318 ? 341 PHE A CB  1 
ATOM   421 C CG  . PHE A 1 55  ? -11.69385 -2.84093  -12.10393 1.000 34.90964 ? 341 PHE A CG  1 
ATOM   422 C CD1 . PHE A 1 55  ? -10.86322 -3.69424  -12.81281 1.000 34.17078 ? 341 PHE A CD1 1 
ATOM   423 C CD2 . PHE A 1 55  ? -11.30190 -1.52414  -11.92507 1.000 38.19144 ? 341 PHE A CD2 1 
ATOM   424 C CE1 . PHE A 1 55  ? -9.66802  -3.23988  -13.34719 1.000 36.96297 ? 341 PHE A CE1 1 
ATOM   425 C CE2 . PHE A 1 55  ? -10.09718 -1.05986  -12.45265 1.000 35.42427 ? 341 PHE A CE2 1 
ATOM   426 C CZ  . PHE A 1 55  ? -9.28794  -1.92152  -13.16520 1.000 38.15380 ? 341 PHE A CZ  1 
ATOM   427 N N   . ASN A 1 56  ? -12.62462 -2.49844  -8.52878  1.000 31.05896 ? 342 ASN A N   1 
ATOM   428 C CA  . ASN A 1 56  ? -11.90648 -1.71222  -7.53585  1.000 35.62806 ? 342 ASN A CA  1 
ATOM   429 C C   . ASN A 1 56  ? -11.43661 -2.56895  -6.36891  1.000 36.45523 ? 342 ASN A C   1 
ATOM   430 O O   . ASN A 1 56  ? -10.36230 -2.31594  -5.81263  1.000 31.90117 ? 342 ASN A O   1 
ATOM   431 C CB  . ASN A 1 56  ? -12.78168 -0.55991  -7.06810  1.000 32.58854 ? 342 ASN A CB  1 
ATOM   432 C CG  . ASN A 1 56  ? -12.83668 0.55432   -8.08802  1.000 34.84801 ? 342 ASN A CG  1 
ATOM   433 O OD1 . ASN A 1 56  ? -11.86880 0.77776   -8.81260  1.000 39.59880 ? 342 ASN A OD1 1 
ATOM   434 N ND2 . ASN A 1 56  ? -13.95532 1.25698   -8.15225  1.000 37.40901 ? 342 ASN A ND2 1 
ATOM   435 N N   . LYS A 1 57  ? -12.21011 -3.59605  -5.99828  1.000 32.13152 ? 343 LYS A N   1 
ATOM   436 C CA  . LYS A 1 57  ? -11.75717 -4.54522  -4.98479  1.000 32.97409 ? 343 LYS A CA  1 
ATOM   437 C C   . LYS A 1 57  ? -10.47138 -5.25493  -5.41982  1.000 35.57411 ? 343 LYS A C   1 
ATOM   438 O O   . LYS A 1 57  ? -9.48853  -5.31426  -4.66509  1.000 35.81355 ? 343 LYS A O   1 
ATOM   439 C CB  . LYS A 1 57  ? -12.87147 -5.55640  -4.70558  1.000 33.64459 ? 343 LYS A CB  1 
ATOM   440 C CG  . LYS A 1 57  ? -12.58985 -6.49408  -3.55630  1.000 35.10169 ? 343 LYS A CG  1 
ATOM   441 C CD  . LYS A 1 57  ? -12.51109 -5.74989  -2.23723  1.000 40.21914 ? 343 LYS A CD  1 
ATOM   442 C CE  . LYS A 1 57  ? -12.25217 -6.70820  -1.07844  1.000 41.30846 ? 343 LYS A CE  1 
ATOM   443 N NZ  . LYS A 1 57  ? -13.51304 -7.15798  -0.44754  1.000 52.84411 ? 343 LYS A NZ  1 
ATOM   444 N N   . GLU A 1 58  ? -10.46416 -5.81418  -6.63674  1.000 33.61436 ? 344 GLU A N   1 
ATOM   445 C CA  . GLU A 1 58  ? -9.26614  -6.49071  -7.13167  1.000 36.23762 ? 344 GLU A CA  1 
ATOM   446 C C   . GLU A 1 58  ? -8.09589  -5.53266  -7.24752  1.000 37.96295 ? 344 GLU A C   1 
ATOM   447 O O   . GLU A 1 58  ? -6.95419  -5.89026  -6.93085  1.000 34.36768 ? 344 GLU A O   1 
ATOM   448 C CB  . GLU A 1 58  ? -9.51774  -7.10711  -8.50488  1.000 42.07335 ? 344 GLU A CB  1 
ATOM   449 C CG  . GLU A 1 58  ? -9.49560  -8.60731  -8.55692  1.000 51.19089 ? 344 GLU A CG  1 
ATOM   450 C CD  . GLU A 1 58  ? -8.17323  -9.22613  -8.16716  1.000 48.47001 ? 344 GLU A CD  1 
ATOM   451 O OE1 . GLU A 1 58  ? -8.02820  -9.54762  -6.97616  1.000 47.56218 ? 344 GLU A OE1 1 
ATOM   452 O OE2 . GLU A 1 58  ? -7.30161  -9.44337  -9.03672  1.000 52.06195 ? 344 GLU A OE2 1 
ATOM   453 N N   . LEU A 1 59  ? -8.35207  -4.33121  -7.76301  1.000 35.44769 ? 345 LEU A N   1 
ATOM   454 C CA  . LEU A 1 59  ? -7.28105  -3.35944  -7.92764  1.000 34.06961 ? 345 LEU A CA  1 
ATOM   455 C C   . LEU A 1 59  ? -6.66310  -2.99305  -6.58103  1.000 33.89327 ? 345 LEU A C   1 
ATOM   456 O O   . LEU A 1 59  ? -5.43100  -2.89498  -6.45755  1.000 34.28787 ? 345 LEU A O   1 
ATOM   457 C CB  . LEU A 1 59  ? -7.82386  -2.12657  -8.64930  1.000 32.13526 ? 345 LEU A CB  1 
ATOM   458 C CG  . LEU A 1 59  ? -6.82534  -1.01614  -8.94555  1.000 33.08760 ? 345 LEU A CG  1 
ATOM   459 C CD1 . LEU A 1 59  ? -5.59475  -1.59022  -9.64672  1.000 35.43804 ? 345 LEU A CD1 1 
ATOM   460 C CD2 . LEU A 1 59  ? -7.47986  0.07951   -9.78566  1.000 35.85202 ? 345 LEU A CD2 1 
ATOM   461 N N   . SER A 1 60  ? -7.50071  -2.80105  -5.55850  1.000 32.23492 ? 346 SER A N   1 
ATOM   462 C CA  . SER A 1 60  ? -6.99517  -2.50152  -4.22172  1.000 30.44010 ? 346 SER A CA  1 
ATOM   463 C C   . SER A 1 60  ? -6.16080  -3.65514  -3.68829  1.000 35.67984 ? 346 SER A C   1 
ATOM   464 O O   . SER A 1 60  ? -5.11776  -3.44248  -3.05254  1.000 34.37693 ? 346 SER A O   1 
ATOM   465 C CB  . SER A 1 60  ? -8.15346  -2.17764  -3.27009  1.000 33.52579 ? 346 SER A CB  1 
ATOM   466 O OG  . SER A 1 60  ? -8.87357  -3.33773  -2.85526  1.000 34.75937 ? 346 SER A OG  1 
ATOM   467 N N   . GLN A 1 61  ? -6.59603  -4.88496  -3.96080  1.000 36.86986 ? 347 GLN A N   1 
ATOM   468 C CA  . GLN A 1 61  ? -5.82975  -6.06508  -3.57895  1.000 36.38981 ? 347 GLN A CA  1 
ATOM   469 C C   . GLN A 1 61  ? -4.46825  -6.07349  -4.25881  1.000 36.10794 ? 347 GLN A C   1 
ATOM   470 O O   . GLN A 1 61  ? -3.44118  -6.29258  -3.60972  1.000 36.04093 ? 347 GLN A O   1 
ATOM   471 C CB  . GLN A 1 61  ? -6.61712  -7.32405  -3.94040  1.000 35.77934 ? 347 GLN A CB  1 
ATOM   472 C CG  . GLN A 1 61  ? -5.83412  -8.61914  -3.83059  1.000 41.08799 ? 347 GLN A CG  1 
ATOM   473 C CD  . GLN A 1 61  ? -5.80945  -9.15505  -2.41009  1.000 45.54252 ? 347 GLN A CD  1 
ATOM   474 O OE1 . GLN A 1 61  ? -6.64717  -8.78927  -1.58488  1.000 52.03099 ? 347 GLN A OE1 1 
ATOM   475 N NE2 . GLN A 1 61  ? -4.85030  -10.02683 -2.11769  1.000 48.30432 ? 347 GLN A NE2 1 
ATOM   476 N N   . LYS A 1 62  ? -4.44433  -5.83377  -5.57218  1.000 32.78801 ? 348 LYS A N   1 
ATOM   477 C CA  . LYS A 1 62  ? -3.18919  -5.87895  -6.31252  1.000 37.60576 ? 348 LYS A CA  1 
ATOM   478 C C   . LYS A 1 62  ? -2.25650  -4.74608  -5.90340  1.000 35.24523 ? 348 LYS A C   1 
ATOM   479 O O   . LYS A 1 62  ? -1.03041  -4.91907  -5.89721  1.000 36.52828 ? 348 LYS A O   1 
ATOM   480 C CB  . LYS A 1 62  ? -3.47599  -5.82760  -7.81443  1.000 39.76498 ? 348 LYS A CB  1 
ATOM   481 C CG  . LYS A 1 62  ? -4.21447  -7.06383  -8.32499  1.000 41.98167 ? 348 LYS A CG  1 
ATOM   482 C CD  . LYS A 1 62  ? -4.15293  -7.17649  -9.84003  1.000 47.64555 ? 348 LYS A CD  1 
ATOM   483 C CE  . LYS A 1 62  ? -5.24661  -6.34869  -10.49731 1.000 53.75416 ? 348 LYS A CE  1 
ATOM   484 N NZ  . LYS A 1 62  ? -5.48320  -6.75423  -11.92392 1.000 59.46889 ? 348 LYS A NZ  1 
ATOM   485 N N   . ARG A 1 63  ? -2.81617  -3.58608  -5.56176  1.000 32.79935 ? 349 ARG A N   1 
ATOM   486 C CA  . ARG A 1 63  ? -2.00080  -2.47522  -5.09074  1.000 33.46690 ? 349 ARG A CA  1 
ATOM   487 C C   . ARG A 1 63  ? -1.30427  -2.83141  -3.78388  1.000 34.45474 ? 349 ARG A C   1 
ATOM   488 O O   . ARG A 1 63  ? -0.08131  -2.70822  -3.66660  1.000 32.63231 ? 349 ARG A O   1 
ATOM   489 C CB  . ARG A 1 63  ? -2.86564  -1.22242  -4.94108  1.000 30.60526 ? 349 ARG A CB  1 
ATOM   490 C CG  . ARG A 1 63  ? -3.19480  -0.58565  -6.28062  1.000 28.35984 ? 349 ARG A CG  1 
ATOM   491 C CD  . ARG A 1 63  ? -4.09919  0.62508   -6.17319  1.000 30.06450 ? 349 ARG A CD  1 
ATOM   492 N NE  . ARG A 1 63  ? -4.20405  1.31344   -7.46292  1.000 29.61551 ? 349 ARG A NE  1 
ATOM   493 C CZ  . ARG A 1 63  ? -5.26761  1.99678   -7.89270  1.000 32.91238 ? 349 ARG A CZ  1 
ATOM   494 N NH1 . ARG A 1 63  ? -6.36653  2.10153   -7.15730  1.000 30.01945 ? 349 ARG A NH1 1 
ATOM   495 N NH2 . ARG A 1 63  ? -5.23627  2.57463   -9.08415  1.000 32.65143 ? 349 ARG A NH2 1 
ATOM   496 N N   . ALA A 1 64  ? -2.07021  -3.29082  -2.79156  1.000 34.60633 ? 350 ALA A N   1 
ATOM   497 C CA  . ALA A 1 64  ? -1.47573  -3.74810  -1.53934  1.000 33.39747 ? 350 ALA A CA  1 
ATOM   498 C C   . ALA A 1 64  ? -0.44540  -4.84115  -1.78081  1.000 35.67002 ? 350 ALA A C   1 
ATOM   499 O O   . ALA A 1 64  ? 0.63929   -4.82976  -1.18445  1.000 35.45571 ? 350 ALA A O   1 
ATOM   500 C CB  . ALA A 1 64  ? -2.57125  -4.24997  -0.59485  1.000 35.70698 ? 350 ALA A CB  1 
ATOM   501 N N   . GLN A 1 65  ? -0.75846  -5.78966  -2.66675  1.000 36.53269 ? 351 GLN A N   1 
ATOM   502 C CA  . GLN A 1 65  ? 0.15973   -6.90016  -2.91011  1.000 35.97622 ? 351 GLN A CA  1 
ATOM   503 C C   . GLN A 1 65  ? 1.45168   -6.43832  -3.57188  1.000 36.07322 ? 351 GLN A C   1 
ATOM   504 O O   . GLN A 1 65  ? 2.51468   -6.99519  -3.28634  1.000 37.82479 ? 351 GLN A O   1 
ATOM   505 C CB  . GLN A 1 65  ? -0.51563  -7.97407  -3.76451  1.000 37.19046 ? 351 GLN A CB  1 
ATOM   506 C CG  . GLN A 1 65  ? 0.27272   -9.29159  -3.85818  1.000 37.99449 ? 351 GLN A CG  1 
ATOM   507 C CD  . GLN A 1 65  ? 0.52597   -9.91507  -2.49588  1.000 42.83130 ? 351 GLN A CD  1 
ATOM   508 O OE1 . GLN A 1 65  ? -0.41305  -10.27118 -1.78209  1.000 44.65633 ? 351 GLN A OE1 1 
ATOM   509 N NE2 . GLN A 1 65  ? 1.79602   -10.02493 -2.11578  1.000 41.62859 ? 351 GLN A NE2 1 
ATOM   510 N N   . ALA A 1 66  ? 1.39054   -5.44385  -4.46314  1.000 36.95671 ? 352 ALA A N   1 
ATOM   511 C CA  . ALA A 1 66  ? 2.62345   -4.95325  -5.07721  1.000 37.06052 ? 352 ALA A CA  1 
ATOM   512 C C   . ALA A 1 66  ? 3.51144   -4.25773  -4.05787  1.000 38.11214 ? 352 ALA A C   1 
ATOM   513 O O   . ALA A 1 66  ? 4.74679   -4.32289  -4.15732  1.000 34.36930 ? 352 ALA A O   1 
ATOM   514 C CB  . ALA A 1 66  ? 2.30600   -4.00257  -6.23310  1.000 36.31731 ? 352 ALA A CB  1 
ATOM   515 N N   . VAL A 1 67  ? 2.91002   -3.56339  -3.09176  1.000 35.84691 ? 353 VAL A N   1 
ATOM   516 C CA  . VAL A 1 67  ? 3.70618   -2.93154  -2.04400  1.000 35.57686 ? 353 VAL A CA  1 
ATOM   517 C C   . VAL A 1 67  ? 4.36559   -3.99495  -1.17664  1.000 37.01995 ? 353 VAL A C   1 
ATOM   518 O O   . VAL A 1 67  ? 5.56425   -3.91534  -0.87395  1.000 35.27849 ? 353 VAL A O   1 
ATOM   519 C CB  . VAL A 1 67  ? 2.84197   -1.96714  -1.21335  1.000 34.25282 ? 353 VAL A CB  1 
ATOM   520 C CG1 . VAL A 1 67  ? 3.51182   -1.64767  0.12704   1.000 34.21588 ? 353 VAL A CG1 1 
ATOM   521 C CG2 . VAL A 1 67  ? 2.56616   -0.68968  -2.00769  1.000 31.15608 ? 353 VAL A CG2 1 
ATOM   522 N N   . VAL A 1 68  ? 3.59824   -5.01857  -0.78789  1.000 33.67258 ? 354 VAL A N   1 
ATOM   523 C CA  . VAL A 1 68  ? 4.15901   -6.15465  -0.04989  1.000 34.77046 ? 354 VAL A CA  1 
ATOM   524 C C   . VAL A 1 68  ? 5.30811   -6.78573  -0.83420  1.000 39.13940 ? 354 VAL A C   1 
ATOM   525 O O   . VAL A 1 68  ? 6.38931   -7.05491  -0.28966  1.000 39.21784 ? 354 VAL A O   1 
ATOM   526 C CB  . VAL A 1 68  ? 3.05729   -7.18821  0.25762   1.000 39.49163 ? 354 VAL A CB  1 
ATOM   527 C CG1 . VAL A 1 68  ? 3.66803   -8.52462  0.66586   1.000 39.86415 ? 354 VAL A CG1 1 
ATOM   528 C CG2 . VAL A 1 68  ? 2.11035   -6.66755  1.34026   1.000 33.70789 ? 354 VAL A CG2 1 
ATOM   529 N N   . ASN A 1 69  ? 5.09251   -7.01538  -2.13634  1.000 36.77526 ? 355 ASN A N   1 
ATOM   530 C CA  . ASN A 1 69  ? 6.07635   -7.73118  -2.94380  1.000 39.39361 ? 355 ASN A CA  1 
ATOM   531 C C   . ASN A 1 69  ? 7.39955   -6.97470  -3.06020  1.000 40.73879 ? 355 ASN A C   1 
ATOM   532 O O   . ASN A 1 69  ? 8.46389   -7.59769  -3.12312  1.000 40.47302 ? 355 ASN A O   1 
ATOM   533 C CB  . ASN A 1 69  ? 5.50386   -8.00853  -4.33282  1.000 40.56289 ? 355 ASN A CB  1 
ATOM   534 C CG  . ASN A 1 69  ? 4.54387   -9.17709  -4.34206  1.000 39.15500 ? 355 ASN A CG  1 
ATOM   535 O OD1 . ASN A 1 69  ? 4.41740   -9.89654  -3.35600  1.000 42.03401 ? 355 ASN A OD1 1 
ATOM   536 N ND2 . ASN A 1 69  ? 3.85777   -9.37109  -5.46008  1.000 40.96166 ? 355 ASN A ND2 1 
ATOM   537 N N   . ALA A 1 70  ? 7.36118   -5.64335  -3.11702  1.000 38.02866 ? 356 ALA A N   1 
ATOM   538 C CA  . ALA A 1 70  ? 8.60872   -4.88992  -3.15889  1.000 37.58774 ? 356 ALA A CA  1 
ATOM   539 C C   . ALA A 1 70  ? 9.33695   -4.97113  -1.82749  1.000 41.93202 ? 356 ALA A C   1 
ATOM   540 O O   . ALA A 1 70  ? 10.56062  -5.16111  -1.79122  1.000 42.97601 ? 356 ALA A O   1 
ATOM   541 C CB  . ALA A 1 70  ? 8.33958   -3.43028  -3.52822  1.000 38.55058 ? 356 ALA A CB  1 
ATOM   542 N N   . LEU A 1 71  ? 8.60626   -4.81416  -0.72034  1.000 37.96626 ? 357 LEU A N   1 
ATOM   543 C CA  . LEU A 1 71  ? 9.24614   -4.89998  0.58808   1.000 40.71229 ? 357 LEU A CA  1 
ATOM   544 C C   . LEU A 1 71  ? 9.88186   -6.26577  0.79128   1.000 43.53757 ? 357 LEU A C   1 
ATOM   545 O O   . LEU A 1 71  ? 11.01709  -6.36734  1.26971   1.000 46.14997 ? 357 LEU A O   1 
ATOM   546 C CB  . LEU A 1 71  ? 8.23153   -4.61665  1.69481   1.000 39.72802 ? 357 LEU A CB  1 
ATOM   547 C CG  . LEU A 1 71  ? 7.63703   -3.21139  1.71045   1.000 35.52131 ? 357 LEU A CG  1 
ATOM   548 C CD1 . LEU A 1 71  ? 6.42241   -3.18491  2.62622   1.000 34.25047 ? 357 LEU A CD1 1 
ATOM   549 C CD2 . LEU A 1 71  ? 8.70109   -2.18981  2.14264   1.000 34.57918 ? 357 LEU A CD2 1 
ATOM   550 N N   . VAL A 1 72  ? 9.17322   -7.32495  0.40945   1.000 42.85090 ? 358 VAL A N   1 
ATOM   551 C CA  . VAL A 1 72  ? 9.66730   -8.67743  0.62673   1.000 44.70305 ? 358 VAL A CA  1 
ATOM   552 C C   . VAL A 1 72  ? 10.77499  -9.01456  -0.35839  1.000 47.47723 ? 358 VAL A C   1 
ATOM   553 O O   . VAL A 1 72  ? 11.85806  -9.45632  0.03934   1.000 50.28201 ? 358 VAL A O   1 
ATOM   554 C CB  . VAL A 1 72  ? 8.51307   -9.68566  0.53233   1.000 46.65861 ? 358 VAL A CB  1 
ATOM   555 C CG1 . VAL A 1 72  ? 9.05914   -11.11308 0.53770   1.000 50.30256 ? 358 VAL A CG1 1 
ATOM   556 C CG2 . VAL A 1 72  ? 7.52915   -9.45988  1.67180   1.000 47.37000 ? 358 VAL A CG2 1 
ATOM   557 N N   . LYS A 1 73  ? 10.53188  -8.79812  -1.65464  1.000 42.39710 ? 359 LYS A N   1 
ATOM   558 C CA  . LYS A 1 73  ? 11.47033  -9.28542  -2.66274  1.000 45.10207 ? 359 LYS A CA  1 
ATOM   559 C C   . LYS A 1 73  ? 12.63840  -8.32934  -2.87720  1.000 49.58380 ? 359 LYS A C   1 
ATOM   560 O O   . LYS A 1 73  ? 13.78260  -8.77416  -3.02217  1.000 49.97692 ? 359 LYS A O   1 
ATOM   561 C CB  . LYS A 1 73  ? 10.74382  -9.54056  -3.98351  1.000 44.78598 ? 359 LYS A CB  1 
ATOM   562 C CG  . LYS A 1 73  ? 9.58024   -10.51164 -3.85059  1.000 48.88139 ? 359 LYS A CG  1 
ATOM   563 C CD  . LYS A 1 73  ? 8.77385   -10.62355 -5.14356  1.000 52.67891 ? 359 LYS A CD  1 
ATOM   564 C CE  . LYS A 1 73  ? 7.68423   -11.68036 -5.01993  1.000 51.26512 ? 359 LYS A CE  1 
ATOM   565 N NZ  . LYS A 1 73  ? 8.23955   -12.98085 -4.54056  1.000 58.97398 ? 359 LYS A NZ  1 
ATOM   566 N N   . LYS A 1 74  ? 12.38241  -7.02352  -2.93179  1.000 44.40962 ? 360 LYS A N   1 
ATOM   567 C CA  . LYS A 1 74  ? 13.46338  -6.09136  -3.22128  1.000 42.26753 ? 360 LYS A CA  1 
ATOM   568 C C   . LYS A 1 74  ? 14.19876  -5.63390  -1.97571  1.000 50.42667 ? 360 LYS A C   1 
ATOM   569 O O   . LYS A 1 74  ? 15.41437  -5.41611  -2.02693  1.000 52.32922 ? 360 LYS A O   1 
ATOM   570 C CB  . LYS A 1 74  ? 12.93844  -4.85777  -3.95388  1.000 43.41710 ? 360 LYS A CB  1 
ATOM   571 C CG  . LYS A 1 74  ? 12.33158  -5.12923  -5.31077  1.000 48.16012 ? 360 LYS A CG  1 
ATOM   572 C CD  . LYS A 1 74  ? 12.35007  -3.86319  -6.17175  1.000 53.02184 ? 360 LYS A CD  1 
ATOM   573 C CE  . LYS A 1 74  ? 11.28479  -3.91995  -7.25478  1.000 52.48601 ? 360 LYS A CE  1 
ATOM   574 N NZ  . LYS A 1 74  ? 11.37062  -2.75098  -8.16595  1.000 54.58017 ? 360 LYS A NZ  1 
ATOM   575 N N   . TYR A 1 75  ? 13.50302  -5.47733  -0.85620  1.000 46.68841 ? 361 TYR A N   1 
ATOM   576 C CA  . TYR A 1 75  ? 14.11302  -4.90886  0.33530   1.000 47.80600 ? 361 TYR A CA  1 
ATOM   577 C C   . TYR A 1 75  ? 14.19651  -5.90289  1.48331   1.000 48.65877 ? 361 TYR A C   1 
ATOM   578 O O   . TYR A 1 75  ? 14.44630  -5.49601  2.62181   1.000 56.48371 ? 361 TYR A O   1 
ATOM   579 C CB  . TYR A 1 75  ? 13.35323  -3.65254  0.75281   1.000 42.50509 ? 361 TYR A CB  1 
ATOM   580 C CG  . TYR A 1 75  ? 13.19670  -2.64822  -0.37078  1.000 43.45331 ? 361 TYR A CG  1 
ATOM   581 C CD1 . TYR A 1 75  ? 14.30892  -2.09914  -0.99874  1.000 47.10377 ? 361 TYR A CD1 1 
ATOM   582 C CD2 . TYR A 1 75  ? 11.94998  -2.25898  -0.80942  1.000 42.48016 ? 361 TYR A CD2 1 
ATOM   583 C CE1 . TYR A 1 75  ? 14.17090  -1.19563  -2.03568  1.000 44.30414 ? 361 TYR A CE1 1 
ATOM   584 C CE2 . TYR A 1 75  ? 11.79675  -1.34614  -1.84428  1.000 43.58459 ? 361 TYR A CE2 1 
ATOM   585 C CZ  . TYR A 1 75  ? 12.91419  -0.82169  -2.45238  1.000 47.65863 ? 361 TYR A CZ  1 
ATOM   586 O OH  . TYR A 1 75  ? 12.76133  0.07605   -3.48322  1.000 49.76387 ? 361 TYR A OH  1 
ATOM   587 N N   . GLY A 1 76  ? 14.00568  -7.19151  1.20794   1.000 48.29919 ? 362 GLY A N   1 
ATOM   588 C CA  . GLY A 1 76  ? 14.19816  -8.25201  2.18171   1.000 48.93126 ? 362 GLY A CA  1 
ATOM   589 C C   . GLY A 1 76  ? 13.47940  -8.07192  3.50074   1.000 54.62091 ? 362 GLY A C   1 
ATOM   590 O O   . GLY A 1 76  ? 14.12301  -7.87153  4.53403   1.000 56.74115 ? 362 GLY A O   1 
ATOM   591 N N   . VAL A 1 77  ? 12.14798  -8.12616  3.47873   1.000 52.91979 ? 363 VAL A N   1 
ATOM   592 C CA  . VAL A 1 77  ? 11.32264  -8.04005  4.67575   1.000 47.80017 ? 363 VAL A CA  1 
ATOM   593 C C   . VAL A 1 77  ? 10.54614  -9.34060  4.78405   1.000 54.10405 ? 363 VAL A C   1 
ATOM   594 O O   . VAL A 1 77  ? 9.96490   -9.79858  3.79321   1.000 54.48268 ? 363 VAL A O   1 
ATOM   595 C CB  . VAL A 1 77  ? 10.36121  -6.83524  4.62674   1.000 49.18424 ? 363 VAL A CB  1 
ATOM   596 C CG1 . VAL A 1 77  ? 9.29773   -6.95444  5.71552   1.000 45.94200 ? 363 VAL A CG1 1 
ATOM   597 C CG2 . VAL A 1 77  ? 11.12517  -5.52803  4.76544   1.000 45.60217 ? 363 VAL A CG2 1 
ATOM   598 N N   . ASP A 1 78  ? 10.53890  -9.93428  5.97886   1.000 50.97033 ? 364 ASP A N   1 
ATOM   599 C CA  . ASP A 1 78  ? 9.82616   -11.18698 6.18833   1.000 53.18047 ? 364 ASP A CA  1 
ATOM   600 C C   . ASP A 1 78  ? 8.36298   -11.02680 5.80052   1.000 54.95877 ? 364 ASP A C   1 
ATOM   601 O O   . ASP A 1 78  ? 7.65807   -10.16932 6.34064   1.000 51.63697 ? 364 ASP A O   1 
ATOM   602 C CB  . ASP A 1 78  ? 9.95099   -11.62360 7.64796   1.000 52.87760 ? 364 ASP A CB  1 
ATOM   603 C CG  . ASP A 1 78  ? 9.34891   -12.99711 7.91140   1.000 59.97680 ? 364 ASP A CG  1 
ATOM   604 O OD1 . ASP A 1 78  ? 8.93410   -13.68083 6.94914   1.000 65.34759 ? 364 ASP A OD1 1 
ATOM   605 O OD2 . ASP A 1 78  ? 9.28960   -13.39934 9.09713   1.000 64.01958 ? 364 ASP A OD2 1 
ATOM   606 N N   . SER A 1 79  ? 7.91652   -11.85760 4.85521   1.000 54.28320 ? 365 SER A N   1 
ATOM   607 C CA  . SER A 1 79  ? 6.54171   -11.78819 4.37295   1.000 52.75646 ? 365 SER A CA  1 
ATOM   608 C C   . SER A 1 79  ? 5.53563   -11.93271 5.50733   1.000 54.38443 ? 365 SER A C   1 
ATOM   609 O O   . SER A 1 79  ? 4.45875   -11.32705 5.46186   1.000 54.98319 ? 365 SER A O   1 
ATOM   610 C CB  . SER A 1 79  ? 6.30505   -12.86946 3.31453   1.000 52.41509 ? 365 SER A CB  1 
ATOM   611 O OG  . SER A 1 79  ? 5.74523   -14.03638 3.90127   1.000 63.42742 ? 365 SER A OG  1 
ATOM   612 N N   . SER A 1 80  ? 5.86853   -12.70738 6.54315   1.000 56.82948 ? 366 SER A N   1 
ATOM   613 C CA  . SER A 1 80  ? 4.91923   -12.92053 7.62989   1.000 52.69721 ? 366 SER A CA  1 
ATOM   614 C C   . SER A 1 80  ? 4.63038   -11.65628 8.43155   1.000 51.28270 ? 366 SER A C   1 
ATOM   615 O O   . SER A 1 80  ? 3.67238   -11.64956 9.21071   1.000 49.79468 ? 366 SER A O   1 
ATOM   616 C CB  . SER A 1 80  ? 5.43269   -14.01724 8.56193   1.000 56.27521 ? 366 SER A CB  1 
ATOM   617 O OG  . SER A 1 80  ? 6.71259   -13.68788 9.07986   1.000 58.80110 ? 366 SER A OG  1 
ATOM   618 N N   . ARG A 1 81  ? 5.42255   -10.59417 8.26599   1.000 51.92928 ? 367 ARG A N   1 
ATOM   619 C CA  . ARG A 1 81  ? 5.21690   -9.36068  9.01462   1.000 49.35632 ? 367 ARG A CA  1 
ATOM   620 C C   . ARG A 1 81  ? 4.21540   -8.41864  8.36289   1.000 47.03906 ? 367 ARG A C   1 
ATOM   621 O O   . ARG A 1 81  ? 3.86279   -7.40017  8.96929   1.000 46.01751 ? 367 ARG A O   1 
ATOM   622 C CB  . ARG A 1 81  ? 6.53592   -8.60720  9.18151   1.000 45.32388 ? 367 ARG A CB  1 
ATOM   623 C CG  . ARG A 1 81  ? 7.68613   -9.41856  9.72741   1.000 48.95120 ? 367 ARG A CG  1 
ATOM   624 C CD  . ARG A 1 81  ? 8.97142   -8.61550  9.62903   1.000 47.77234 ? 367 ARG A CD  1 
ATOM   625 N NE  . ARG A 1 81  ? 8.86015   -7.31010  10.28319  1.000 47.60827 ? 367 ARG A NE  1 
ATOM   626 C CZ  . ARG A 1 81  ? 9.80775   -6.37224  10.26437  1.000 49.19623 ? 367 ARG A CZ  1 
ATOM   627 N NH1 . ARG A 1 81  ? 10.95389  -6.58518  9.61973   1.000 46.93471 ? 367 ARG A NH1 1 
ATOM   628 N NH2 . ARG A 1 81  ? 9.61321   -5.22049  10.89713  1.000 44.86666 ? 367 ARG A NH2 1 
ATOM   629 N N   . LEU A 1 82  ? 3.77233   -8.71384  7.14462   1.000 46.16033 ? 368 LEU A N   1 
ATOM   630 C CA  . LEU A 1 82  ? 2.92404   -7.81896  6.37114   1.000 45.15540 ? 368 LEU A CA  1 
ATOM   631 C C   . LEU A 1 82  ? 1.60916   -8.51681  6.05561   1.000 43.62117 ? 368 LEU A C   1 
ATOM   632 O O   . LEU A 1 82  ? 1.60720   -9.64372  5.55126   1.000 49.12127 ? 368 LEU A O   1 
ATOM   633 C CB  . LEU A 1 82  ? 3.62271   -7.39516  5.08098   1.000 41.52492 ? 368 LEU A CB  1 
ATOM   634 C CG  . LEU A 1 82  ? 5.09249   -7.00480  5.24225   1.000 42.46447 ? 368 LEU A CG  1 
ATOM   635 C CD1 . LEU A 1 82  ? 5.78842   -6.90761  3.89350   1.000 41.36982 ? 368 LEU A CD1 1 
ATOM   636 C CD2 . LEU A 1 82  ? 5.22476   -5.70543  6.02532   1.000 41.60437 ? 368 LEU A CD2 1 
ATOM   637 N N   . LYS A 1 83  ? 0.50082   -7.84580  6.34622   1.000 44.09469 ? 369 LYS A N   1 
ATOM   638 C CA  . LYS A 1 83  ? -0.83976  -8.37581  6.11624   1.000 45.21581 ? 369 LYS A CA  1 
ATOM   639 C C   . LYS A 1 83  ? -1.58250  -7.44584  5.16403   1.000 43.85959 ? 369 LYS A C   1 
ATOM   640 O O   . LYS A 1 83  ? -1.71413  -6.24736  5.43859   1.000 42.55455 ? 369 LYS A O   1 
ATOM   641 C CB  . LYS A 1 83  ? -1.60005  -8.52401  7.43712   1.000 46.30979 ? 369 LYS A CB  1 
ATOM   642 C CG  . LYS A 1 83  ? -2.98651  -9.15385  7.30010   1.000 56.50065 ? 369 LYS A CG  1 
ATOM   643 C CD  . LYS A 1 83  ? -2.98802  -10.60779 7.76457   1.000 59.46496 ? 369 LYS A CD  1 
ATOM   644 C CE  . LYS A 1 83  ? -3.99903  -11.45042 6.98662   1.000 63.07136 ? 369 LYS A CE  1 
ATOM   645 N NZ  . LYS A 1 83  ? -3.48161  -12.83193 6.72199   1.000 67.16546 ? 369 LYS A NZ  1 
ATOM   646 N N   . VAL A 1 84  ? -2.07149  -7.99857  4.05174   1.000 43.89841 ? 370 VAL A N   1 
ATOM   647 C CA  . VAL A 1 84  ? -2.82835  -7.23247  3.06514   1.000 43.06793 ? 370 VAL A CA  1 
ATOM   648 C C   . VAL A 1 84  ? -4.25943  -7.02459  3.55308   1.000 46.49772 ? 370 VAL A C   1 
ATOM   649 O O   . VAL A 1 84  ? -4.89328  -7.94326  4.09106   1.000 42.11299 ? 370 VAL A O   1 
ATOM   650 C CB  . VAL A 1 84  ? -2.80563  -7.95545  1.70569   1.000 44.26023 ? 370 VAL A CB  1 
ATOM   651 C CG1 . VAL A 1 84  ? -3.85858  -7.38421  0.76133   1.000 44.12062 ? 370 VAL A CG1 1 
ATOM   652 C CG2 . VAL A 1 84  ? -1.43170  -7.88014  1.07788   1.000 43.93967 ? 370 VAL A CG2 1 
ATOM   653 N N   . ASP A 1 85  ? -4.77703  -5.80740  3.36664   1.000 43.60396 ? 371 ASP A N   1 
ATOM   654 C CA  . ASP A 1 85  ? -6.19518  -5.50493  3.55645   1.000 40.21321 ? 371 ASP A CA  1 
ATOM   655 C C   . ASP A 1 85  ? -6.69021  -4.79511  2.30342   1.000 43.21035 ? 371 ASP A C   1 
ATOM   656 O O   . ASP A 1 85  ? -6.33321  -3.63794  2.06577   1.000 40.37423 ? 371 ASP A O   1 
ATOM   657 C CB  . ASP A 1 85  ? -6.43113  -4.64010  4.79682   1.000 39.42474 ? 371 ASP A CB  1 
ATOM   658 C CG  . ASP A 1 85  ? -7.92163  -4.48511  5.13506   1.000 45.29514 ? 371 ASP A CG  1 
ATOM   659 O OD1 . ASP A 1 85  ? -8.73288  -4.28915  4.20242   1.000 43.51856 ? 371 ASP A OD1 1 
ATOM   660 O OD2 . ASP A 1 85  ? -8.27821  -4.54807  6.33510   1.000 48.55648 ? 371 ASP A OD2 1 
ATOM   661 N N   . ALA A 1 86  ? -7.52000  -5.47195  1.50974   1.000 37.90904 ? 372 ALA A N   1 
ATOM   662 C CA  . ALA A 1 86  ? -8.05643  -4.87268  0.29185   1.000 37.59420 ? 372 ALA A CA  1 
ATOM   663 C C   . ALA A 1 86  ? -9.27264  -4.02848  0.64976   1.000 41.51194 ? 372 ALA A C   1 
ATOM   664 O O   . ALA A 1 86  ? -10.34347 -4.56322  0.95877   1.000 38.16173 ? 372 ALA A O   1 
ATOM   665 C CB  . ALA A 1 86  ? -8.40767  -5.94996  -0.73137  1.000 40.06799 ? 372 ALA A CB  1 
ATOM   666 N N   . GLY A 1 87  ? -9.11993  -2.70587  0.59756   1.000 37.70390 ? 373 GLY A N   1 
ATOM   667 C CA  . GLY A 1 87  ? -10.20737 -1.82603  0.96856   1.000 37.76607 ? 373 GLY A CA  1 
ATOM   668 C C   . GLY A 1 87  ? -11.22067 -1.54252  -0.11387  1.000 39.39822 ? 373 GLY A C   1 
ATOM   669 O O   . GLY A 1 87  ? -12.25606 -0.92293  0.16395   1.000 35.93022 ? 373 GLY A O   1 
ATOM   670 N N   . GLY A 1 88  ? -10.95854 -1.96954  -1.34315  1.000 33.18457 ? 374 GLY A N   1 
ATOM   671 C CA  . GLY A 1 88  ? -11.90424 -1.72929  -2.41326  1.000 34.97595 ? 374 GLY A CA  1 
ATOM   672 C C   . GLY A 1 88  ? -12.01335 -0.25259  -2.76241  1.000 35.32357 ? 374 GLY A C   1 
ATOM   673 O O   . GLY A 1 88  ? -11.21344 0.58825   -2.34009  1.000 34.72288 ? 374 GLY A O   1 
ATOM   674 N N   . GLY A 1 89  ? -13.02425 0.04784   -3.57098  1.000 32.73664 ? 375 GLY A N   1 
ATOM   675 C CA  . GLY A 1 89  ? -13.25470 1.41998   -3.99495  1.000 34.96447 ? 375 GLY A CA  1 
ATOM   676 C C   . GLY A 1 89  ? -13.83155 2.25307   -2.86377  1.000 37.83811 ? 375 GLY A C   1 
ATOM   677 O O   . GLY A 1 89  ? -14.81088 1.86031   -2.22133  1.000 35.53714 ? 375 GLY A O   1 
ATOM   678 N N   . VAL A 1 90  ? -13.23177 3.41812   -2.61560  1.000 33.37701 ? 376 VAL A N   1 
ATOM   679 C CA  . VAL A 1 90  ? -13.66349 4.28490   -1.52309  1.000 32.10760 ? 376 VAL A CA  1 
ATOM   680 C C   . VAL A 1 90  ? -13.64349 5.73925   -1.97745  1.000 33.46560 ? 376 VAL A C   1 
ATOM   681 O O   . VAL A 1 90  ? -13.16865 6.07894   -3.06437  1.000 34.31188 ? 376 VAL A O   1 
ATOM   682 C CB  . VAL A 1 90  ? -12.79222 4.12476   -0.26032  1.000 32.33234 ? 376 VAL A CB  1 
ATOM   683 C CG1 . VAL A 1 90  ? -12.76559 2.67513   0.20957   1.000 32.60898 ? 376 VAL A CG1 1 
ATOM   684 C CG2 . VAL A 1 90  ? -11.37166 4.65113   -0.52611  1.000 32.03064 ? 376 VAL A CG2 1 
ATOM   685 N N   . ASP A 1 91  ? -14.17922 6.60329   -1.11124  1.000 33.74236 ? 377 ASP A N   1 
ATOM   686 C CA  . ASP A 1 91  ? -14.01570 8.04867   -1.21010  1.000 33.67288 ? 377 ASP A CA  1 
ATOM   687 C C   . ASP A 1 91  ? -13.47657 8.60912   0.10061   1.000 31.59479 ? 377 ASP A C   1 
ATOM   688 O O   . ASP A 1 91  ? -13.57429 9.81474   0.34771   1.000 32.47710 ? 377 ASP A O   1 
ATOM   689 C CB  . ASP A 1 91  ? -15.34054 8.72048   -1.58166  1.000 38.44645 ? 377 ASP A CB  1 
ATOM   690 C CG  . ASP A 1 91  ? -16.41222 8.54909   -0.50649  1.000 39.64583 ? 377 ASP A CG  1 
ATOM   691 O OD1 . ASP A 1 91  ? -16.17332 7.84960   0.50972   1.000 37.52024 ? 377 ASP A OD1 1 
ATOM   692 O OD2 . ASP A 1 91  ? -17.50355 9.12416   -0.68587  1.000 43.38278 ? 377 ASP A OD2 1 
ATOM   693 N N   . LYS A 1 92  ? -12.96317 7.72770   0.96274   1.000 30.81129 ? 378 LYS A N   1 
ATOM   694 C CA  . LYS A 1 92  ? -12.40126 8.06978   2.26309   1.000 33.56364 ? 378 LYS A CA  1 
ATOM   695 C C   . LYS A 1 92  ? -11.23636 9.05039   2.16134   1.000 33.37802 ? 378 LYS A C   1 
ATOM   696 O O   . LYS A 1 92  ? -10.81170 9.60430   3.18230   1.000 33.61493 ? 378 LYS A O   1 
ATOM   697 C CB  . LYS A 1 92  ? -11.96388 6.76113   2.95538   1.000 38.56623 ? 378 LYS A CB  1 
ATOM   698 C CG  . LYS A 1 92  ? -11.26621 6.90003   4.30849   1.000 44.45384 ? 378 LYS A CG  1 
ATOM   699 C CD  . LYS A 1 92  ? -10.32121 5.71919   4.58245   1.000 43.43897 ? 378 LYS A CD  1 
ATOM   700 C CE  . LYS A 1 92  ? -11.07957 4.39942   4.56174   1.000 50.45341 ? 378 LYS A CE  1 
ATOM   701 N NZ  . LYS A 1 92  ? -10.42809 3.37444   5.43360   1.000 53.31938 ? 378 LYS A NZ  1 
ATOM   702 N N   . PHE A 1 93  ? -10.71184 9.29726   0.96558   1.000 30.27571 ? 379 PHE A N   1 
ATOM   703 C CA  . PHE A 1 93  ? -9.58053  10.20169  0.84341   1.000 35.34538 ? 379 PHE A CA  1 
ATOM   704 C C   . PHE A 1 93  ? -9.94157  11.47927  0.09818   1.000 34.49250 ? 379 PHE A C   1 
ATOM   705 O O   . PHE A 1 93  ? -9.05824  12.27751  -0.20821  1.000 34.52528 ? 379 PHE A O   1 
ATOM   706 C CB  . PHE A 1 93  ? -8.41582  9.45279   0.20832   1.000 30.63662 ? 379 PHE A CB  1 
ATOM   707 C CG  . PHE A 1 93  ? -8.00122  8.24796   1.00567   1.000 31.75403 ? 379 PHE A CG  1 
ATOM   708 C CD1 . PHE A 1 93  ? -7.37054  8.40194   2.23494   1.000 33.87779 ? 379 PHE A CD1 1 
ATOM   709 C CD2 . PHE A 1 93  ? -8.25395  6.96876   0.54474   1.000 32.37701 ? 379 PHE A CD2 1 
ATOM   710 C CE1 . PHE A 1 93  ? -6.98208  7.29877   2.97860   1.000 34.55575 ? 379 PHE A CE1 1 
ATOM   711 C CE2 . PHE A 1 93  ? -7.87340  5.85831   1.28215   1.000 32.57153 ? 379 PHE A CE2 1 
ATOM   712 C CZ  . PHE A 1 93  ? -7.23242  6.02106   2.50026   1.000 36.31882 ? 379 PHE A CZ  1 
ATOM   713 N N   . GLY A 1 94  ? -11.22707 11.70801  -0.16534  1.000 33.33534 ? 380 GLY A N   1 
ATOM   714 C CA  . GLY A 1 94  ? -11.65923 13.01386  -0.63080  1.000 31.87911 ? 380 GLY A CA  1 
ATOM   715 C C   . GLY A 1 94  ? -11.39486 13.21211  -2.11287  1.000 37.00471 ? 380 GLY A C   1 
ATOM   716 O O   . GLY A 1 94  ? -11.34134 12.25635  -2.89428  1.000 34.88895 ? 380 GLY A O   1 
ATOM   717 N N   . LYS A 1 95  ? -11.24543 14.48385  -2.50278  1.000 35.75661 ? 381 LYS A N   1 
ATOM   718 C CA  . LYS A 1 95  ? -10.89549 14.84985  -3.86320  1.000 34.68444 ? 381 LYS A CA  1 
ATOM   719 C C   . LYS A 1 95  ? -9.59143  15.63779  -3.87468  1.000 37.73796 ? 381 LYS A C   1 
ATOM   720 O O   . LYS A 1 95  ? -9.18781  16.19558  -2.84548  1.000 36.56170 ? 381 LYS A O   1 
ATOM   721 C CB  . LYS A 1 95  ? -11.98553 15.66495  -4.57752  1.000 38.62570 ? 381 LYS A CB  1 
ATOM   722 C CG  . LYS A 1 95  ? -13.37417 15.01452  -4.52324  1.000 38.33517 ? 381 LYS A CG  1 
ATOM   723 C CD  . LYS A 1 95  ? -14.52579 15.95630  -4.80588  1.000 45.44894 ? 381 LYS A CD  1 
ATOM   724 C CE  . LYS A 1 95  ? -15.67506 15.21992  -5.52612  1.000 50.51522 ? 381 LYS A CE  1 
ATOM   725 N NZ  . LYS A 1 95  ? -16.71397 16.12427  -6.11084  1.000 48.72968 ? 381 LYS A NZ  1 
ATOM   726 N N   . PRO A 1 96  ? -8.88883  15.68594  -5.02627  1.000 37.52176 ? 382 PRO A N   1 
ATOM   727 C CA  . PRO A 1 96  ? -9.20853  14.98155  -6.28326  1.000 35.13686 ? 382 PRO A CA  1 
ATOM   728 C C   . PRO A 1 96  ? -9.28866  13.44942  -6.11560  1.000 37.36170 ? 382 PRO A C   1 
ATOM   729 O O   . PRO A 1 96  ? -8.66135  12.89262  -5.20429  1.000 33.24275 ? 382 PRO A O   1 
ATOM   730 C CB  . PRO A 1 96  ? -8.06540  15.40062  -7.22988  1.000 39.63173 ? 382 PRO A CB  1 
ATOM   731 C CG  . PRO A 1 96  ? -7.04400  16.07305  -6.35257  1.000 40.89268 ? 382 PRO A CG  1 
ATOM   732 C CD  . PRO A 1 96  ? -7.76544  16.62429  -5.19019  1.000 36.48578 ? 382 PRO A CD  1 
ATOM   733 N N   . ILE A 1 97  ? -10.08024 12.78551  -6.96937  1.000 35.59071 ? 383 ILE A N   1 
ATOM   734 C CA  . ILE A 1 97  ? -10.42430 11.38167  -6.72886  1.000 33.88798 ? 383 ILE A CA  1 
ATOM   735 C C   . ILE A 1 97  ? -9.19295  10.48142  -6.76899  1.000 32.02358 ? 383 ILE A C   1 
ATOM   736 O O   . ILE A 1 97  ? -9.19354  9.40382   -6.16684  1.000 31.26333 ? 383 ILE A O   1 
ATOM   737 C CB  . ILE A 1 97  ? -11.52148 10.89303  -7.71150  1.000 38.26369 ? 383 ILE A CB  1 
ATOM   738 C CG1 . ILE A 1 97  ? -11.04789 10.98636  -9.16431  1.000 38.96988 ? 383 ILE A CG1 1 
ATOM   739 C CG2 . ILE A 1 97  ? -12.83976 11.60867  -7.47477  1.000 36.17531 ? 383 ILE A CG2 1 
ATOM   740 C CD1 . ILE A 1 97  ? -11.86771 10.12207  -10.13915 1.000 42.33425 ? 383 ILE A CD1 1 
ATOM   741 N N   . TYR A 1 98  ? -8.10759  10.92059  -7.40990  1.000 32.75426 ? 384 TYR A N   1 
ATOM   742 C CA  . TYR A 1 98  ? -6.91506  10.07235  -7.44534  1.000 34.44519 ? 384 TYR A CA  1 
ATOM   743 C C   . TYR A 1 98  ? -6.27341  9.88086   -6.07423  1.000 32.04406 ? 384 TYR A C   1 
ATOM   744 O O   . TYR A 1 98  ? -5.42316  8.99601   -5.93271  1.000 30.73936 ? 384 TYR A O   1 
ATOM   745 C CB  . TYR A 1 98  ? -5.86565  10.61820  -8.44111  1.000 34.34428 ? 384 TYR A CB  1 
ATOM   746 C CG  . TYR A 1 98  ? -5.34651  12.03556  -8.21383  1.000 35.39469 ? 384 TYR A CG  1 
ATOM   747 C CD1 . TYR A 1 98  ? -4.62308  12.36622  -7.07146  1.000 35.04031 ? 384 TYR A CD1 1 
ATOM   748 C CD2 . TYR A 1 98  ? -5.54343  13.02931  -9.17418  1.000 34.11547 ? 384 TYR A CD2 1 
ATOM   749 C CE1 . TYR A 1 98  ? -4.12749  13.65112  -6.88062  1.000 37.22000 ? 384 TYR A CE1 1 
ATOM   750 C CE2 . TYR A 1 98  ? -5.05129  14.31775  -8.98802  1.000 36.56979 ? 384 TYR A CE2 1 
ATOM   751 C CZ  . TYR A 1 98  ? -4.34206  14.61576  -7.84097  1.000 34.12705 ? 384 TYR A CZ  1 
ATOM   752 O OH  . TYR A 1 98  ? -3.85756  15.88148  -7.63914  1.000 38.36877 ? 384 TYR A OH  1 
ATOM   753 N N   . LEU A 1 99  ? -6.65204  10.67820  -5.07085  1.000 28.78568 ? 385 LEU A N   1 
ATOM   754 C CA  . LEU A 1 99  ? -6.13738  10.47931  -3.72154  1.000 30.85665 ? 385 LEU A CA  1 
ATOM   755 C C   . LEU A 1 99  ? -6.60119  9.16476   -3.11727  1.000 29.68115 ? 385 LEU A C   1 
ATOM   756 O O   . LEU A 1 99  ? -5.98055  8.68103   -2.16341  1.000 28.95066 ? 385 LEU A O   1 
ATOM   757 C CB  . LEU A 1 99  ? -6.55409  11.63969  -2.81768  1.000 33.96113 ? 385 LEU A CB  1 
ATOM   758 C CG  . LEU A 1 99  ? -5.90989  12.99331  -3.12045  1.000 34.36414 ? 385 LEU A CG  1 
ATOM   759 C CD1 . LEU A 1 99  ? -6.32547  14.02446  -2.07459  1.000 34.94508 ? 385 LEU A CD1 1 
ATOM   760 C CD2 . LEU A 1 99  ? -4.38748  12.87174  -3.17799  1.000 36.19032 ? 385 LEU A CD2 1 
ATOM   761 N N   . ASN A 1 100 ? -7.68034  8.58369   -3.64338  1.000 30.35515 ? 386 ASN A N   1 
ATOM   762 C CA  . ASN A 1 100 ? -8.14690  7.27312   -3.22676  1.000 29.45460 ? 386 ASN A CA  1 
ATOM   763 C C   . ASN A 1 100 ? -7.41277  6.13853   -3.92749  1.000 32.32958 ? 386 ASN A C   1 
ATOM   764 O O   . ASN A 1 100 ? -7.66151  4.97929   -3.59784  1.000 30.91414 ? 386 ASN A O   1 
ATOM   765 C CB  . ASN A 1 100 ? -9.66339  7.15376   -3.47135  1.000 29.93344 ? 386 ASN A CB  1 
ATOM   766 C CG  . ASN A 1 100 ? -10.44054 8.24843   -2.78483  1.000 27.85171 ? 386 ASN A CG  1 
ATOM   767 O OD1 . ASN A 1 100 ? -10.68695 8.18281   -1.58543  1.000 31.92732 ? 386 ASN A OD1 1 
ATOM   768 N ND2 . ASN A 1 100 ? -10.80870 9.27734   -3.53478  1.000 30.67754 ? 386 ASN A ND2 1 
ATOM   769 N N   . ARG A 1 101 ? -6.49175  6.43703   -4.85293  1.000 32.74764 ? 387 ARG A N   1 
ATOM   770 C CA  . ARG A 1 101 ? -5.72414  5.40100   -5.54915  1.000 31.03397 ? 387 ARG A CA  1 
ATOM   771 C C   . ARG A 1 101 ? -4.39314  5.26197   -4.82359  1.000 33.97452 ? 387 ARG A C   1 
ATOM   772 O O   . ARG A 1 101 ? -3.36754  5.80823   -5.22835  1.000 32.62400 ? 387 ARG A O   1 
ATOM   773 C CB  . ARG A 1 101 ? -5.54570  5.75685   -7.02281  1.000 31.39943 ? 387 ARG A CB  1 
ATOM   774 C CG  . ARG A 1 101 ? -6.88360  5.97479   -7.75362  1.000 34.68491 ? 387 ARG A CG  1 
ATOM   775 C CD  . ARG A 1 101 ? -6.67695  6.62633   -9.11398  1.000 35.61006 ? 387 ARG A CD  1 
ATOM   776 N NE  . ARG A 1 101 ? -7.95401  6.96885   -9.73277  1.000 39.74255 ? 387 ARG A NE  1 
ATOM   777 C CZ  . ARG A 1 101 ? -8.07788  7.83072   -10.73542 1.000 37.78612 ? 387 ARG A CZ  1 
ATOM   778 N NH1 . ARG A 1 101 ? -6.99880  8.42561   -11.22453 1.000 33.23906 ? 387 ARG A NH1 1 
ATOM   779 N NH2 . ARG A 1 101 ? -9.27350  8.10850   -11.23808 1.000 37.58132 ? 387 ARG A NH2 1 
ATOM   780 N N   . VAL A 1 102 ? -4.41630  4.52216   -3.71681  1.000 33.99654 ? 388 VAL A N   1 
ATOM   781 C CA  . VAL A 1 102 ? -3.35876  4.64699   -2.72396  1.000 33.36923 ? 388 VAL A CA  1 
ATOM   782 C C   . VAL A 1 102 ? -3.25773  3.36770   -1.90498  1.000 33.59106 ? 388 VAL A C   1 
ATOM   783 O O   . VAL A 1 102 ? -4.20942  2.59767   -1.79269  1.000 32.51580 ? 388 VAL A O   1 
ATOM   784 C CB  . VAL A 1 102 ? -3.62448  5.88424   -1.82552  1.000 30.98903 ? 388 VAL A CB  1 
ATOM   785 C CG1 . VAL A 1 102 ? -4.89675  5.69082   -1.00251  1.000 30.76919 ? 388 VAL A CG1 1 
ATOM   786 C CG2 . VAL A 1 102 ? -2.41238  6.22724   -0.94125  1.000 29.94225 ? 388 VAL A CG2 1 
ATOM   787 N N   . VAL A 1 103 ? -2.07223  3.13364   -1.35661  1.000 31.09324 ? 389 VAL A N   1 
ATOM   788 C CA  . VAL A 1 103 ? -1.84915  2.13894   -0.31948  1.000 33.21925 ? 389 VAL A CA  1 
ATOM   789 C C   . VAL A 1 103 ? -1.42888  2.87443   0.94015   1.000 34.04515 ? 389 VAL A C   1 
ATOM   790 O O   . VAL A 1 103 ? -0.63772  3.82254   0.88079   1.000 33.21785 ? 389 VAL A O   1 
ATOM   791 C CB  . VAL A 1 103 ? -0.79047  1.10017   -0.73519  1.000 31.22460 ? 389 VAL A CB  1 
ATOM   792 C CG1 . VAL A 1 103 ? -0.27669  0.33866   0.48019   1.000 30.26050 ? 389 VAL A CG1 1 
ATOM   793 C CG2 . VAL A 1 103 ? -1.38568  0.13057   -1.73801  1.000 32.09469 ? 389 VAL A CG2 1 
ATOM   794 N N   . LEU A 1 104 ? -1.98378  2.46556   2.07319   1.000 32.80273 ? 390 LEU A N   1 
ATOM   795 C CA  . LEU A 1 104 ? -1.54851  2.94636   3.37707   1.000 33.39230 ? 390 LEU A CA  1 
ATOM   796 C C   . LEU A 1 104 ? -0.85758  1.80292   4.10675   1.000 34.25378 ? 390 LEU A C   1 
ATOM   797 O O   . LEU A 1 104 ? -1.46943  0.76144   4.34010   1.000 33.82301 ? 390 LEU A O   1 
ATOM   798 C CB  . LEU A 1 104 ? -2.72856  3.45933   4.20059   1.000 36.17088 ? 390 LEU A CB  1 
ATOM   799 C CG  . LEU A 1 104 ? -3.00846  4.96217   4.21829   1.000 38.15442 ? 390 LEU A CG  1 
ATOM   800 C CD1 . LEU A 1 104 ? -2.96932  5.56010   2.82638   1.000 38.53634 ? 390 LEU A CD1 1 
ATOM   801 C CD2 . LEU A 1 104 ? -4.35547  5.21677   4.86140   1.000 38.13337 ? 390 LEU A CD2 1 
ATOM   802 N N   . VAL A 1 105 ? 0.41311   1.98994   4.45895   1.000 31.85549 ? 391 VAL A N   1 
ATOM   803 C CA  . VAL A 1 105 ? 1.12513   1.04221   5.30395   1.000 32.08140 ? 391 VAL A CA  1 
ATOM   804 C C   . VAL A 1 105 ? 1.06476   1.58257   6.72396   1.000 36.15975 ? 391 VAL A C   1 
ATOM   805 O O   . VAL A 1 105 ? 1.44640   2.73337   6.97731   1.000 34.55122 ? 391 VAL A O   1 
ATOM   806 C CB  . VAL A 1 105 ? 2.57616   0.83227   4.83456   1.000 36.16424 ? 391 VAL A CB  1 
ATOM   807 C CG1 . VAL A 1 105 ? 3.23429   -0.29810  5.62013   1.000 33.79928 ? 391 VAL A CG1 1 
ATOM   808 C CG2 . VAL A 1 105 ? 2.61596   0.53769   3.33924   1.000 31.28542 ? 391 VAL A CG2 1 
ATOM   809 N N   . GLU A 1 106 ? 0.56098   0.75905   7.64501   1.000 36.09883 ? 392 GLU A N   1 
ATOM   810 C CA  . GLU A 1 106 ? 0.32773   1.14665   9.03113   1.000 36.94042 ? 392 GLU A CA  1 
ATOM   811 C C   . GLU A 1 106 ? 0.91948   0.10128   9.96136   1.000 38.05141 ? 392 GLU A C   1 
ATOM   812 O O   . GLU A 1 106 ? 0.87841   -1.09401  9.66346   1.000 39.68021 ? 392 GLU A O   1 
ATOM   813 C CB  . GLU A 1 106 ? -1.17888  1.29828   9.32817   1.000 38.98456 ? 392 GLU A CB  1 
ATOM   814 C CG  . GLU A 1 106 ? -1.77986  2.57697   8.79528   1.000 45.76083 ? 392 GLU A CG  1 
ATOM   815 C CD  . GLU A 1 106 ? -3.21955  2.77732   9.22643   1.000 48.55904 ? 392 GLU A CD  1 
ATOM   816 O OE1 . GLU A 1 106 ? -3.92700  3.57837   8.57682   1.000 56.37480 ? 392 GLU A OE1 1 
ATOM   817 O OE2 . GLU A 1 106 ? -3.64312  2.12805   10.20751  1.000 49.83204 ? 392 GLU A OE2 1 
ATOM   818 N N   . SER A 1 107 ? 1.46611   0.54944   11.08830  1.000 38.26198 ? 393 SER A N   1 
ATOM   819 C CA  . SER A 1 107 ? 1.91487   -0.38702  12.10877  1.000 41.55080 ? 393 SER A CA  1 
ATOM   820 C C   . SER A 1 107 ? 0.73006   -1.07932  12.77914  1.000 45.59240 ? 393 SER A C   1 
ATOM   821 O O   . SER A 1 107 ? -0.32032  -0.47044  13.00699  1.000 40.79788 ? 393 SER A O   1 
ATOM   822 C CB  . SER A 1 107 ? 2.73674   0.33042   13.17139  1.000 45.83358 ? 393 SER A CB  1 
ATOM   823 O OG  . SER A 1 107 ? 3.82510   1.03237   12.61078  1.000 49.07000 ? 393 SER A OG  1 
ATOM   824 N N   . VAL A 1 108 ? 0.91855   -2.35468  13.11064  1.000 47.65321 ? 394 VAL A N   1 
ATOM   825 C CA  . VAL A 1 108 ? -0.01027  -3.09882  13.95289  1.000 50.73882 ? 394 VAL A CA  1 
ATOM   826 C C   . VAL A 1 108 ? 0.40163   -2.89605  15.40441  1.000 59.81631 ? 394 VAL A C   1 
ATOM   827 O O   . VAL A 1 108 ? 1.52710   -3.23230  15.79057  1.000 58.58415 ? 394 VAL A O   1 
ATOM   828 C CB  . VAL A 1 108 ? -0.02401  -4.59157  13.59169  1.000 48.23260 ? 394 VAL A CB  1 
ATOM   829 C CG1 . VAL A 1 108 ? -1.00962  -5.34153  14.48185  1.000 57.93761 ? 394 VAL A CG1 1 
ATOM   830 C CG2 . VAL A 1 108 ? -0.38693  -4.77897  12.13939  1.000 44.14335 ? 394 VAL A CG2 1 
ATOM   831 N N   . LYS A 1 109 ? -0.50517  -2.35141  16.20985  1.000 68.60662 ? 395 LYS A N   1 
ATOM   832 C CA  . LYS A 1 109 ? -0.23644  -2.14067  17.62980  1.000 74.51220 ? 395 LYS A CA  1 
ATOM   833 C C   . LYS A 1 109 ? -0.32393  -3.45734  18.41136  1.000 78.84340 ? 395 LYS A C   1 
ATOM   834 O O   . LYS A 1 109 ? -0.88594  -4.44244  17.93011  1.000 79.43354 ? 395 LYS A O   1 
ATOM   835 C CB  . LYS A 1 109 ? -1.20773  -1.10995  18.20985  1.000 80.74175 ? 395 LYS A CB  1 
ATOM   836 C CG  . LYS A 1 109 ? -0.56606  0.23213   18.55858  1.000 82.40196 ? 395 LYS A CG  1 
ATOM   837 C CD  . LYS A 1 109 ? -1.49429  1.07099   19.43096  1.000 90.81650 ? 395 LYS A CD  1 
ATOM   838 C CE  . LYS A 1 109 ? -0.82556  2.35704   19.89351  1.000 95.01877 ? 395 LYS A CE  1 
ATOM   839 N NZ  . LYS A 1 109 ? -1.66465  3.09455   20.87982  1.000 88.58949 ? 395 LYS A NZ  1 
ATOM   840 O OXT . LYS A 1 109 ? 0.16470   -3.57849  19.53748  1.000 80.85636 ? 395 LYS A OXT 1 
HETATM 841 O O   . HOH B 2 .   ? -2.76028  -10.45951 -3.36116  1.000 47.82206 ? 401 HOH A O   1 
HETATM 842 O O   . HOH B 2 .   ? -14.90122 -2.21422  -4.31504  1.000 38.14880 ? 402 HOH A O   1 
HETATM 843 O O   . HOH B 2 .   ? 17.73280  -0.83855  8.26834   1.000 46.12946 ? 403 HOH A O   1 
HETATM 844 O O   . HOH B 2 .   ? -6.90257  12.47618  1.16023   1.000 32.19966 ? 404 HOH A O   1 
HETATM 845 O O   . HOH B 2 .   ? 4.56235   8.38828   -8.59060  1.000 47.79988 ? 405 HOH A O   1 
HETATM 846 O O   . HOH B 2 .   ? -17.52660 4.83585   -1.84169  1.000 41.96555 ? 406 HOH A O   1 
HETATM 847 O O   . HOH B 2 .   ? 6.45669   5.86761   7.65756   1.000 35.98606 ? 407 HOH A O   1 
HETATM 848 O O   . HOH B 2 .   ? 5.33618   -2.29342  -9.52703  1.000 42.88272 ? 408 HOH A O   1 
HETATM 849 O O   . HOH B 2 .   ? -2.93038  8.58613   -7.16550  1.000 29.23199 ? 409 HOH A O   1 
HETATM 850 O O   . HOH B 2 .   ? 2.98852   3.82698   -8.21754  1.000 35.79642 ? 410 HOH A O   1 
HETATM 851 O O   . HOH B 2 .   ? 6.00638   -4.65612  -6.57209  1.000 37.65211 ? 411 HOH A O   1 
HETATM 852 O O   . HOH B 2 .   ? 0.64707   3.20883   -10.85579 1.000 34.32285 ? 412 HOH A O   1 
HETATM 853 O O   . HOH B 2 .   ? 7.11207   9.33542   2.23857   1.000 30.63253 ? 413 HOH A O   1 
HETATM 854 O O   . HOH B 2 .   ? 0.38639   -6.86430  -7.28718  1.000 37.39062 ? 414 HOH A O   1 
HETATM 855 O O   . HOH B 2 .   ? 11.99647  -9.35708  8.27498   1.000 49.05271 ? 415 HOH A O   1 
HETATM 856 O O   . HOH B 2 .   ? -2.49857  -1.97295  11.44371  1.000 49.00604 ? 416 HOH A O   1 
HETATM 857 O O   . HOH B 2 .   ? 3.78056   9.22595   -1.45707  1.000 36.70110 ? 417 HOH A O   1 
HETATM 858 O O   . HOH B 2 .   ? 3.09761   -7.44060  -7.43245  1.000 42.16573 ? 418 HOH A O   1 
HETATM 859 O O   . HOH B 2 .   ? -1.14124  -2.07389  -13.31869 1.000 37.89768 ? 419 HOH A O   1 
HETATM 860 O O   . HOH B 2 .   ? 3.34182   8.74065   -6.52430  1.000 42.48695 ? 420 HOH A O   1 
HETATM 861 O O   . HOH B 2 .   ? 13.47834  4.51069   -7.55295  1.000 30.45585 ? 421 HOH A O   1 
HETATM 862 O O   . HOH B 2 .   ? -1.27839  15.40061  -6.42953  1.000 34.64244 ? 422 HOH A O   1 
HETATM 863 O O   . HOH B 2 .   ? -17.66157 4.28465   -10.29056 1.000 42.26729 ? 423 HOH A O   1 
HETATM 864 O O   . HOH B 2 .   ? 0.73309   -7.98565  10.13734  1.000 48.56226 ? 424 HOH A O   1 
HETATM 865 O O   . HOH B 2 .   ? -13.93144 8.07519   -5.05238  1.000 32.35030 ? 425 HOH A O   1 
HETATM 866 O O   . HOH B 2 .   ? -18.74873 -5.13928  -9.50355  1.000 33.17235 ? 426 HOH A O   1 
HETATM 867 O O   . HOH B 2 .   ? 16.83396  4.20803   0.51488   1.000 37.16403 ? 427 HOH A O   1 
HETATM 868 O O   . HOH B 2 .   ? 3.18054   -3.86609  -9.89962  1.000 42.17208 ? 428 HOH A O   1 
HETATM 869 O O   . HOH B 2 .   ? -12.67260 0.08011   2.96247   1.000 39.29324 ? 429 HOH A O   1 
HETATM 870 O O   . HOH B 2 .   ? 17.73374  -3.65826  -1.26565  1.000 46.78274 ? 430 HOH A O   1 
HETATM 871 O O   . HOH B 2 .   ? -16.17646 0.87643   -5.95054  1.000 34.32521 ? 431 HOH A O   1 
HETATM 872 O O   . HOH B 2 .   ? 11.74897  -4.77943  16.90868  1.000 52.39035 ? 432 HOH A O   1 
HETATM 873 O O   . HOH B 2 .   ? -11.08018 -9.25265  -5.62388  1.000 38.10684 ? 433 HOH A O   1 
HETATM 874 O O   . HOH B 2 .   ? -4.89188  -10.78361 -6.90331  1.000 48.94164 ? 434 HOH A O   1 
HETATM 875 O O   . HOH B 2 .   ? 13.46370  -0.25795  -6.96359  1.000 43.11695 ? 435 HOH A O   1 
HETATM 876 O O   . HOH B 2 .   ? -9.87021  -8.85390  -3.03739  1.000 45.93857 ? 436 HOH A O   1 
HETATM 877 O O   . HOH B 2 .   ? -4.08391  6.63332   10.76420  1.000 45.18567 ? 437 HOH A O   1 
HETATM 878 O O   . HOH B 2 .   ? -2.98040  -9.44826  -5.94860  1.000 45.14062 ? 438 HOH A O   1 
HETATM 879 O O   . HOH B 2 .   ? -19.45324 -6.45367  -5.69972  1.000 39.97222 ? 439 HOH A O   1 
HETATM 880 O O   . HOH B 2 .   ? 4.51095   -5.65782  -8.41307  1.000 42.69900 ? 440 HOH A O   1 
HETATM 881 O O   . HOH B 2 .   ? -0.71625  -9.41819  -7.27599  1.000 41.50703 ? 441 HOH A O   1 
# 
